data_8HU6
#
_entry.id   8HU6
#
_cell.length_a   123.665
_cell.length_b   163.563
_cell.length_c   289.385
_cell.angle_alpha   90.000
_cell.angle_beta   90.000
_cell.angle_gamma   90.000
#
_symmetry.space_group_name_H-M   'C 2 2 21'
#
loop_
_entity.id
_entity.type
_entity.pdbx_description
1 polymer 'AMP deaminase 2'
2 non-polymer 'ZINC ION'
3 non-polymer 'SULFATE ION'
4 non-polymer 'ADENOSINE MONOPHOSPHATE'
5 water water
#
_entity_poly.entity_id   1
_entity_poly.type   'polypeptide(L)'
_entity_poly.pdbx_seq_one_letter_code
;MDYKDDDDKERDVLEREFQRVTISGEEKCGVPFTDLLDAAKSVVRALFIREKYMALSLQSFCPTTRRYLQQLAEKPLETR
TYEQGPDTPVSADAPVHPPALEQHPYEHCEPSTMPGDLGLGLRMVRGVVHVYTRREPDEHCSEVELPYPDLQEFVADVNV
LMALIINGPIKSFCYRRLQYLSSKFQMHVLLNEMKELAAQKKVPHRDFYNIRKVDTHIHASSCMNQKHLLRFIKRAMKRH
LEEIVHVEQGREQTLREVFESMNLTAYDLSVDTLDVHADRNTFHRFDKFNAKYNPIGESVLREIFIKTDNRVSGKYFAHI
IKEVMSDLEESKYQNAELRLSIYGRSRDEWDKLARWAVMHRVHSPNVRWLVQVPRLFDVYRTKGQLANFQEMLENIFLPL
FEATVHPASHPELHLFLEHVDGFDSVDDESKPENHVFNLESPLPEAWVEEDNPPYAYYLYYTFANMAMLNHLRRQRGFHT
FVLRPHCGEAGPIHHLVSAFMLAENISHGLLLRKAPVLQYLYYLAQIGIAMSPLSNNSLFLSYHRNPLPEYLSRGLMVSL
STDDPLQFHFTKEPLMEEYSIATQVWKLSSCDMCELARNSVLMSGFSHKVKSHWLGPNYTKEGPEGNDIRRTNVPDIRVG
YRYETLCQELALITQAVQSEMLETIPEEAGITMSPGPQ
;
_entity_poly.pdbx_strand_id   A,B,C,D
#
# COMPACT_ATOMS: atom_id res chain seq x y z
N GLU A 17 -15.05 -34.34 3.26
CA GLU A 17 -15.55 -33.49 4.37
C GLU A 17 -14.55 -32.40 4.69
N PHE A 18 -15.03 -31.30 5.25
CA PHE A 18 -14.17 -30.18 5.65
C PHE A 18 -14.86 -29.40 6.76
N GLN A 19 -14.07 -28.66 7.54
CA GLN A 19 -14.66 -27.78 8.56
C GLN A 19 -15.47 -26.73 7.82
N ARG A 20 -16.76 -26.61 8.15
CA ARG A 20 -17.65 -25.68 7.47
C ARG A 20 -18.03 -24.59 8.48
N VAL A 21 -18.22 -23.36 8.00
CA VAL A 21 -18.66 -22.25 8.86
C VAL A 21 -20.15 -22.02 8.64
N THR A 22 -20.92 -22.04 9.72
CA THR A 22 -22.37 -21.84 9.69
C THR A 22 -22.72 -20.58 10.47
N ILE A 23 -23.82 -19.95 10.08
CA ILE A 23 -24.29 -18.72 10.70
C ILE A 23 -25.61 -19.00 11.40
N SER A 24 -25.67 -18.66 12.69
CA SER A 24 -26.88 -18.81 13.48
C SER A 24 -27.36 -17.45 13.93
N GLY A 25 -28.63 -17.16 13.69
CA GLY A 25 -29.19 -15.89 14.10
C GLY A 25 -30.50 -15.63 13.37
N GLU A 26 -31.12 -14.51 13.77
CA GLU A 26 -32.41 -14.12 13.17
C GLU A 26 -32.23 -13.53 11.78
N GLU A 27 -31.16 -12.76 11.56
CA GLU A 27 -30.88 -12.12 10.27
C GLU A 27 -29.53 -12.62 9.79
N LYS A 28 -29.51 -13.85 9.27
CA LYS A 28 -28.25 -14.49 8.90
C LYS A 28 -27.54 -13.77 7.77
N CYS A 29 -28.25 -12.99 6.96
CA CYS A 29 -27.62 -12.26 5.88
C CYS A 29 -27.03 -10.93 6.32
N GLY A 30 -27.33 -10.47 7.52
CA GLY A 30 -26.75 -9.25 8.05
C GLY A 30 -27.58 -8.00 7.86
N VAL A 31 -28.76 -8.08 7.25
CA VAL A 31 -29.62 -6.92 7.06
C VAL A 31 -31.05 -7.31 7.38
N PRO A 32 -31.89 -6.32 7.70
CA PRO A 32 -33.31 -6.63 7.95
C PRO A 32 -33.99 -7.16 6.70
N PHE A 33 -35.03 -7.99 6.91
CA PHE A 33 -35.68 -8.65 5.79
C PHE A 33 -36.17 -7.65 4.75
N THR A 34 -36.60 -6.46 5.16
CA THR A 34 -37.08 -5.48 4.21
C THR A 34 -35.99 -5.10 3.20
N ASP A 35 -34.77 -4.88 3.71
CA ASP A 35 -33.64 -4.62 2.80
C ASP A 35 -33.33 -5.85 1.96
N LEU A 36 -33.37 -7.04 2.57
CA LEU A 36 -33.10 -8.27 1.82
C LEU A 36 -34.14 -8.49 0.73
N LEU A 37 -35.42 -8.28 1.05
CA LEU A 37 -36.47 -8.53 0.08
C LEU A 37 -36.35 -7.61 -1.13
N ASP A 38 -36.07 -6.32 -0.89
CA ASP A 38 -35.98 -5.38 -1.99
C ASP A 38 -34.82 -5.74 -2.92
N ALA A 39 -33.66 -6.07 -2.35
CA ALA A 39 -32.53 -6.46 -3.18
C ALA A 39 -32.78 -7.76 -3.92
N ALA A 40 -33.38 -8.75 -3.24
CA ALA A 40 -33.59 -10.05 -3.85
C ALA A 40 -34.50 -9.94 -5.07
N LYS A 41 -35.56 -9.16 -4.97
CA LYS A 41 -36.50 -9.04 -6.09
C LYS A 41 -35.80 -8.47 -7.33
N SER A 42 -34.97 -7.44 -7.14
CA SER A 42 -34.21 -6.90 -8.27
C SER A 42 -33.18 -7.90 -8.77
N VAL A 43 -32.50 -8.61 -7.85
CA VAL A 43 -31.51 -9.59 -8.26
C VAL A 43 -32.16 -10.71 -9.06
N VAL A 44 -33.30 -11.20 -8.59
CA VAL A 44 -34.02 -12.25 -9.30
C VAL A 44 -34.45 -11.74 -10.67
N ARG A 45 -34.97 -10.52 -10.73
CA ARG A 45 -35.42 -9.97 -12.01
C ARG A 45 -34.25 -9.85 -12.99
N ALA A 46 -33.08 -9.42 -12.49
CA ALA A 46 -31.91 -9.30 -13.36
C ALA A 46 -31.49 -10.67 -13.90
N LEU A 47 -31.50 -11.69 -13.04
CA LEU A 47 -31.11 -13.03 -13.49
C LEU A 47 -32.05 -13.56 -14.55
N PHE A 48 -33.35 -13.31 -14.38
CA PHE A 48 -34.32 -13.75 -15.40
C PHE A 48 -34.05 -13.06 -16.73
N ILE A 49 -33.63 -11.80 -16.71
CA ILE A 49 -33.35 -11.09 -17.95
C ILE A 49 -32.22 -11.79 -18.70
N ARG A 50 -31.15 -12.14 -17.97
CA ARG A 50 -30.04 -12.84 -18.62
C ARG A 50 -30.48 -14.20 -19.15
N GLU A 51 -31.25 -14.95 -18.35
CA GLU A 51 -31.69 -16.27 -18.77
C GLU A 51 -32.51 -16.19 -20.06
N LYS A 52 -33.34 -15.15 -20.18
CA LYS A 52 -34.18 -15.00 -21.37
C LYS A 52 -33.32 -14.86 -22.62
N TYR A 53 -32.31 -13.99 -22.58
CA TYR A 53 -31.49 -13.75 -23.76
C TYR A 53 -30.50 -14.88 -24.03
N MET A 54 -30.01 -15.55 -22.98
CA MET A 54 -29.17 -16.72 -23.19
C MET A 54 -29.94 -17.82 -23.90
N ALA A 55 -31.19 -18.05 -23.49
CA ALA A 55 -32.03 -19.04 -24.18
C ALA A 55 -32.32 -18.62 -25.62
N LEU A 56 -32.56 -17.32 -25.83
CA LEU A 56 -32.87 -16.83 -27.17
C LEU A 56 -31.72 -17.09 -28.14
N SER A 57 -30.48 -16.87 -27.69
CA SER A 57 -29.32 -17.01 -28.54
C SER A 57 -28.70 -18.40 -28.46
N LEU A 58 -29.33 -19.33 -27.74
CA LEU A 58 -28.80 -20.68 -27.57
C LEU A 58 -27.43 -20.68 -26.88
N GLN A 59 -27.24 -19.74 -25.96
CA GLN A 59 -26.01 -19.68 -25.15
C GLN A 59 -26.28 -20.29 -23.77
N SER A 60 -25.19 -20.72 -23.13
CA SER A 60 -25.29 -21.45 -21.88
C SER A 60 -25.73 -20.52 -20.75
N PHE A 61 -26.45 -21.10 -19.79
CA PHE A 61 -26.83 -20.43 -18.56
C PHE A 61 -26.53 -21.37 -17.40
N CYS A 62 -26.04 -20.81 -16.30
CA CYS A 62 -25.57 -21.61 -15.19
C CYS A 62 -26.66 -22.57 -14.70
N PRO A 63 -26.46 -23.88 -14.76
CA PRO A 63 -27.53 -24.79 -14.31
C PRO A 63 -27.92 -24.59 -12.86
N THR A 64 -26.96 -24.30 -11.97
CA THR A 64 -27.28 -24.11 -10.56
C THR A 64 -28.19 -22.91 -10.37
N THR A 65 -27.90 -21.81 -11.06
CA THR A 65 -28.76 -20.63 -10.97
C THR A 65 -30.15 -20.94 -11.52
N ARG A 66 -30.22 -21.70 -12.61
CA ARG A 66 -31.52 -22.00 -13.22
C ARG A 66 -32.41 -22.78 -12.26
N ARG A 67 -31.85 -23.77 -11.55
CA ARG A 67 -32.68 -24.60 -10.68
C ARG A 67 -33.34 -23.76 -9.60
N TYR A 68 -32.59 -22.84 -8.98
CA TYR A 68 -33.16 -21.99 -7.96
C TYR A 68 -34.13 -20.96 -8.54
N LEU A 69 -34.00 -20.64 -9.82
CA LEU A 69 -34.94 -19.72 -10.45
C LEU A 69 -36.21 -20.41 -10.92
N GLN A 70 -36.14 -21.70 -11.21
CA GLN A 70 -37.31 -22.40 -11.73
C GLN A 70 -38.46 -22.37 -10.72
N GLN A 71 -38.16 -22.42 -9.43
CA GLN A 71 -39.21 -22.35 -8.42
C GLN A 71 -39.98 -21.05 -8.47
N LEU A 72 -39.39 -20.00 -9.03
CA LEU A 72 -40.02 -18.69 -9.10
C LEU A 72 -40.77 -18.45 -10.40
N ALA A 73 -40.78 -19.41 -11.32
CA ALA A 73 -41.48 -19.27 -12.59
C ALA A 73 -41.96 -20.64 -13.04
N GLU A 74 -43.27 -20.82 -13.10
CA GLU A 74 -43.83 -22.13 -13.46
C GLU A 74 -43.45 -22.50 -14.89
N LYS A 75 -43.43 -21.53 -15.79
CA LYS A 75 -43.07 -21.80 -17.17
C LYS A 75 -41.65 -22.35 -17.24
N PRO A 76 -41.38 -23.36 -18.07
CA PRO A 76 -40.03 -23.94 -18.12
C PRO A 76 -38.99 -22.91 -18.53
N LEU A 77 -37.80 -23.05 -17.97
CA LEU A 77 -36.68 -22.17 -18.28
C LEU A 77 -35.81 -22.76 -19.37
N HIS A 104 -6.72 -34.97 -41.20
CA HIS A 104 -6.74 -33.52 -41.01
C HIS A 104 -8.04 -32.95 -41.57
N PRO A 105 -8.70 -32.06 -40.81
CA PRO A 105 -10.00 -31.55 -41.25
C PRO A 105 -9.96 -30.81 -42.58
N TYR A 106 -8.82 -30.20 -42.92
CA TYR A 106 -8.70 -29.39 -44.12
C TYR A 106 -8.00 -30.09 -45.27
N GLU A 107 -7.76 -31.40 -45.15
CA GLU A 107 -7.04 -32.11 -46.21
C GLU A 107 -7.80 -32.06 -47.53
N HIS A 108 -9.10 -32.28 -47.50
CA HIS A 108 -9.93 -32.29 -48.69
C HIS A 108 -11.12 -31.37 -48.48
N CYS A 109 -11.51 -30.66 -49.55
CA CYS A 109 -12.63 -29.72 -49.54
C CYS A 109 -13.49 -30.03 -50.77
N GLU A 110 -14.50 -30.87 -50.57
CA GLU A 110 -15.36 -31.31 -51.66
C GLU A 110 -16.76 -30.71 -51.50
N PRO A 111 -17.12 -29.67 -52.26
CA PRO A 111 -18.47 -29.09 -52.09
C PRO A 111 -19.59 -30.09 -52.35
N SER A 112 -19.39 -31.05 -53.25
CA SER A 112 -20.45 -32.02 -53.54
C SER A 112 -20.81 -32.83 -52.31
N THR A 113 -19.81 -33.24 -51.54
CA THR A 113 -20.06 -34.05 -50.34
C THR A 113 -20.78 -33.25 -49.26
N MET A 114 -20.72 -31.92 -49.31
CA MET A 114 -21.32 -31.10 -48.26
C MET A 114 -22.84 -31.11 -48.36
N PRO A 115 -23.53 -30.71 -47.29
CA PRO A 115 -24.99 -30.70 -47.32
C PRO A 115 -25.52 -29.80 -48.44
N GLY A 116 -26.66 -30.21 -49.00
CA GLY A 116 -27.21 -29.52 -50.13
C GLY A 116 -27.81 -28.18 -49.79
N ASP A 117 -28.15 -27.44 -50.85
CA ASP A 117 -28.71 -26.11 -50.70
C ASP A 117 -30.18 -26.18 -50.33
N LEU A 118 -30.59 -25.40 -49.33
CA LEU A 118 -31.97 -25.34 -48.91
C LEU A 118 -32.79 -24.29 -49.67
N GLY A 119 -32.15 -23.47 -50.49
CA GLY A 119 -32.88 -22.46 -51.24
C GLY A 119 -33.61 -21.46 -50.37
N LEU A 120 -32.94 -21.00 -49.31
CA LEU A 120 -33.54 -20.07 -48.35
C LEU A 120 -33.02 -18.67 -48.62
N GLY A 121 -33.95 -17.70 -48.65
CA GLY A 121 -33.56 -16.33 -48.86
C GLY A 121 -33.07 -15.65 -47.59
N LEU A 122 -32.25 -14.62 -47.78
CA LEU A 122 -31.68 -13.84 -46.67
C LEU A 122 -31.84 -12.36 -46.96
N ARG A 123 -32.25 -11.61 -45.95
CA ARG A 123 -32.49 -10.18 -46.12
C ARG A 123 -32.38 -9.50 -44.76
N MET A 124 -31.59 -8.43 -44.70
CA MET A 124 -31.48 -7.65 -43.47
C MET A 124 -32.75 -6.87 -43.23
N VAL A 125 -33.29 -6.96 -42.01
CA VAL A 125 -34.49 -6.24 -41.61
C VAL A 125 -34.18 -5.51 -40.31
N ARG A 126 -34.03 -4.20 -40.39
CA ARG A 126 -33.72 -3.38 -39.22
C ARG A 126 -32.44 -3.86 -38.54
N GLY A 127 -31.46 -4.24 -39.34
CA GLY A 127 -30.15 -4.61 -38.84
C GLY A 127 -29.99 -6.08 -38.50
N VAL A 128 -31.02 -6.90 -38.65
CA VAL A 128 -30.96 -8.31 -38.29
C VAL A 128 -31.36 -9.13 -39.51
N VAL A 129 -30.57 -10.15 -39.81
CA VAL A 129 -30.84 -11.01 -40.96
C VAL A 129 -32.13 -11.77 -40.73
N HIS A 130 -33.00 -11.80 -41.75
CA HIS A 130 -34.23 -12.58 -41.73
C HIS A 130 -34.16 -13.62 -42.82
N VAL A 131 -34.60 -14.84 -42.49
CA VAL A 131 -34.56 -15.97 -43.41
C VAL A 131 -35.94 -16.13 -44.04
N TYR A 132 -35.96 -16.43 -45.34
CA TYR A 132 -37.20 -16.56 -46.10
C TYR A 132 -37.22 -17.90 -46.82
N THR A 133 -38.44 -18.38 -47.08
CA THR A 133 -38.59 -19.71 -47.69
C THR A 133 -37.96 -19.78 -49.07
N ARG A 134 -37.85 -18.65 -49.77
CA ARG A 134 -37.26 -18.61 -51.09
C ARG A 134 -36.38 -17.37 -51.22
N ARG A 135 -35.43 -17.44 -52.13
CA ARG A 135 -34.52 -16.33 -52.40
C ARG A 135 -35.14 -15.37 -53.42
N SER A 142 -42.34 -16.53 -47.88
CA SER A 142 -42.80 -16.09 -46.56
C SER A 142 -41.64 -16.05 -45.57
N GLU A 143 -41.83 -15.31 -44.49
CA GLU A 143 -40.77 -15.13 -43.49
C GLU A 143 -40.66 -16.38 -42.64
N VAL A 144 -39.43 -16.87 -42.46
CA VAL A 144 -39.20 -18.04 -41.62
C VAL A 144 -39.39 -17.66 -40.16
N GLU A 145 -40.18 -18.46 -39.44
CA GLU A 145 -40.56 -18.17 -38.07
C GLU A 145 -39.37 -18.41 -37.14
N LEU A 146 -38.52 -17.40 -37.03
CA LEU A 146 -37.43 -17.40 -36.07
C LEU A 146 -37.69 -16.34 -34.99
N PRO A 147 -37.20 -16.55 -33.77
CA PRO A 147 -37.48 -15.58 -32.69
C PRO A 147 -36.70 -14.29 -32.87
N TYR A 148 -37.10 -13.48 -33.85
CA TYR A 148 -36.37 -12.25 -34.14
C TYR A 148 -36.42 -11.32 -32.94
N PRO A 149 -35.29 -10.83 -32.45
CA PRO A 149 -35.30 -10.00 -31.24
C PRO A 149 -36.09 -8.72 -31.44
N ASP A 150 -36.71 -8.26 -30.35
CA ASP A 150 -37.44 -7.00 -30.33
C ASP A 150 -36.59 -5.96 -29.60
N LEU A 151 -36.27 -4.87 -30.30
CA LEU A 151 -35.43 -3.84 -29.71
C LEU A 151 -36.11 -3.17 -28.52
N GLN A 152 -37.42 -2.94 -28.62
CA GLN A 152 -38.13 -2.28 -27.53
C GLN A 152 -38.05 -3.10 -26.24
N GLU A 153 -38.19 -4.42 -26.36
CA GLU A 153 -38.05 -5.28 -25.19
C GLU A 153 -36.63 -5.20 -24.63
N PHE A 154 -35.63 -5.16 -25.51
CA PHE A 154 -34.26 -5.05 -25.05
C PHE A 154 -34.02 -3.72 -24.33
N VAL A 155 -34.53 -2.62 -24.89
CA VAL A 155 -34.34 -1.32 -24.25
C VAL A 155 -35.00 -1.30 -22.87
N ALA A 156 -36.22 -1.84 -22.78
CA ALA A 156 -36.91 -1.87 -21.50
C ALA A 156 -36.11 -2.66 -20.46
N ASP A 157 -35.54 -3.80 -20.86
CA ASP A 157 -34.71 -4.57 -19.94
C ASP A 157 -33.48 -3.78 -19.52
N VAL A 158 -32.85 -3.06 -20.46
CA VAL A 158 -31.66 -2.29 -20.14
C VAL A 158 -31.97 -1.23 -19.09
N ASN A 159 -33.08 -0.52 -19.26
CA ASN A 159 -33.41 0.56 -18.32
C ASN A 159 -33.55 0.04 -16.90
N VAL A 160 -34.15 -1.14 -16.73
CA VAL A 160 -34.29 -1.71 -15.40
C VAL A 160 -32.92 -1.98 -14.79
N LEU A 161 -32.03 -2.60 -15.56
CA LEU A 161 -30.70 -2.92 -15.04
C LEU A 161 -29.87 -1.66 -14.81
N MET A 162 -30.03 -0.64 -15.66
CA MET A 162 -29.31 0.61 -15.47
C MET A 162 -29.76 1.30 -14.18
N ALA A 163 -31.05 1.20 -13.85
CA ALA A 163 -31.53 1.74 -12.58
C ALA A 163 -30.97 0.95 -11.40
N LEU A 164 -30.85 -0.38 -11.56
CA LEU A 164 -30.39 -1.22 -10.46
C LEU A 164 -28.93 -0.90 -10.09
N ILE A 165 -28.09 -0.64 -11.09
CA ILE A 165 -26.67 -0.42 -10.84
C ILE A 165 -26.38 0.91 -10.18
N ILE A 166 -27.35 1.81 -10.11
CA ILE A 166 -27.20 3.07 -9.39
C ILE A 166 -28.15 3.14 -8.19
N ASN A 167 -28.71 2.00 -7.78
CA ASN A 167 -29.59 1.94 -6.62
C ASN A 167 -28.72 1.80 -5.37
N GLY A 168 -28.70 2.84 -4.53
CA GLY A 168 -27.85 2.88 -3.38
C GLY A 168 -28.14 1.76 -2.39
N PRO A 169 -29.39 1.62 -1.97
CA PRO A 169 -29.69 0.58 -0.98
C PRO A 169 -29.31 -0.82 -1.42
N ILE A 170 -29.54 -1.15 -2.70
CA ILE A 170 -29.18 -2.47 -3.20
C ILE A 170 -27.67 -2.58 -3.35
N LYS A 171 -26.99 -1.48 -3.67
CA LYS A 171 -25.54 -1.52 -3.81
C LYS A 171 -24.88 -1.90 -2.49
N SER A 172 -25.33 -1.30 -1.38
CA SER A 172 -24.75 -1.62 -0.08
C SER A 172 -24.99 -3.08 0.26
N PHE A 173 -26.21 -3.58 0.03
CA PHE A 173 -26.49 -4.98 0.30
C PHE A 173 -25.54 -5.89 -0.46
N CYS A 174 -25.39 -5.67 -1.77
CA CYS A 174 -24.53 -6.54 -2.57
C CYS A 174 -23.08 -6.44 -2.09
N TYR A 175 -22.61 -5.23 -1.79
CA TYR A 175 -21.25 -5.06 -1.31
C TYR A 175 -21.04 -5.82 -0.01
N ARG A 176 -22.02 -5.79 0.89
CA ARG A 176 -21.92 -6.55 2.12
C ARG A 176 -21.81 -8.05 1.85
N ARG A 177 -22.62 -8.56 0.92
CA ARG A 177 -22.55 -9.96 0.56
C ARG A 177 -21.20 -10.31 -0.04
N LEU A 178 -20.66 -9.43 -0.89
CA LEU A 178 -19.33 -9.68 -1.46
C LEU A 178 -18.28 -9.77 -0.38
N GLN A 179 -18.33 -8.88 0.61
CA GLN A 179 -17.39 -8.96 1.73
C GLN A 179 -17.61 -10.24 2.52
N TYR A 180 -18.86 -10.67 2.67
CA TYR A 180 -19.13 -11.93 3.36
C TYR A 180 -18.48 -13.10 2.64
N LEU A 181 -18.58 -13.14 1.30
CA LEU A 181 -17.97 -14.23 0.55
C LEU A 181 -16.46 -14.25 0.72
N SER A 182 -15.83 -13.08 0.68
CA SER A 182 -14.38 -13.01 0.92
C SER A 182 -14.05 -13.47 2.34
N SER A 183 -14.82 -13.01 3.32
CA SER A 183 -14.56 -13.41 4.70
C SER A 183 -14.76 -14.91 4.88
N LYS A 184 -15.82 -15.46 4.29
CA LYS A 184 -16.08 -16.89 4.41
C LYS A 184 -14.96 -17.70 3.79
N PHE A 185 -14.47 -17.29 2.61
CA PHE A 185 -13.36 -18.00 1.99
C PHE A 185 -12.09 -17.89 2.85
N GLN A 186 -11.85 -16.71 3.41
CA GLN A 186 -10.70 -16.54 4.30
C GLN A 186 -10.76 -17.54 5.45
N MET A 187 -11.92 -17.67 6.09
CA MET A 187 -12.07 -18.64 7.17
C MET A 187 -11.94 -20.06 6.65
N HIS A 188 -12.49 -20.33 5.47
CA HIS A 188 -12.41 -21.67 4.87
C HIS A 188 -10.93 -22.07 4.69
N VAL A 189 -10.14 -21.19 4.10
CA VAL A 189 -8.74 -21.51 3.83
C VAL A 189 -7.99 -21.72 5.13
N LEU A 190 -8.24 -20.87 6.13
CA LEU A 190 -7.54 -20.97 7.40
C LEU A 190 -7.76 -22.35 8.05
N LEU A 191 -8.93 -22.94 7.85
CA LEU A 191 -9.26 -24.19 8.54
C LEU A 191 -9.15 -25.43 7.65
N ASN A 192 -9.11 -25.25 6.34
CA ASN A 192 -9.16 -26.40 5.42
C ASN A 192 -8.01 -26.47 4.42
N GLU A 193 -7.12 -25.48 4.36
CA GLU A 193 -6.06 -25.52 3.34
C GLU A 193 -5.16 -26.73 3.53
N MET A 194 -4.92 -27.14 4.77
CA MET A 194 -4.09 -28.30 5.04
C MET A 194 -4.75 -29.56 4.48
N LYS A 195 -6.06 -29.68 4.64
CA LYS A 195 -6.82 -30.84 4.14
C LYS A 195 -6.84 -30.85 2.62
N GLU A 196 -6.94 -29.68 2.00
CA GLU A 196 -6.95 -29.59 0.53
C GLU A 196 -5.61 -30.01 -0.05
N LEU A 197 -4.51 -29.58 0.56
CA LEU A 197 -3.18 -29.98 0.09
C LEU A 197 -2.99 -31.48 0.26
N ALA A 198 -3.47 -32.05 1.38
CA ALA A 198 -3.30 -33.47 1.62
C ALA A 198 -3.97 -34.29 0.53
N ALA A 199 -5.17 -33.88 0.11
CA ALA A 199 -5.84 -34.58 -0.99
C ALA A 199 -5.02 -34.48 -2.28
N GLN A 200 -4.46 -33.31 -2.56
CA GLN A 200 -3.66 -33.14 -3.77
C GLN A 200 -2.43 -34.03 -3.76
N LYS A 201 -1.78 -34.16 -2.61
CA LYS A 201 -0.60 -35.02 -2.52
C LYS A 201 -0.97 -36.49 -2.60
N LYS A 202 -2.13 -36.87 -2.07
CA LYS A 202 -2.52 -38.27 -2.04
C LYS A 202 -2.99 -38.78 -3.39
N VAL A 203 -3.61 -37.93 -4.21
CA VAL A 203 -4.12 -38.41 -5.49
C VAL A 203 -2.94 -38.85 -6.37
N PRO A 204 -2.99 -40.03 -6.97
CA PRO A 204 -1.83 -40.50 -7.73
C PRO A 204 -1.61 -39.70 -9.01
N HIS A 205 -0.34 -39.50 -9.36
CA HIS A 205 0.09 -39.03 -10.67
C HIS A 205 -0.23 -37.56 -10.92
N ARG A 206 -1.48 -37.14 -10.68
CA ARG A 206 -1.92 -35.84 -11.12
C ARG A 206 -1.25 -34.73 -10.34
N ASP A 207 -0.79 -33.71 -11.06
CA ASP A 207 -0.27 -32.48 -10.45
C ASP A 207 -0.59 -31.32 -11.39
N PHE A 208 -0.06 -30.13 -11.07
CA PHE A 208 -0.36 -28.97 -11.90
C PHE A 208 0.21 -29.11 -13.31
N TYR A 209 1.29 -29.88 -13.47
CA TYR A 209 1.97 -29.96 -14.75
C TYR A 209 1.31 -30.91 -15.74
N ASN A 210 0.40 -31.77 -15.30
CA ASN A 210 -0.31 -32.69 -16.19
C ASN A 210 -1.82 -32.49 -16.15
N ILE A 211 -2.28 -31.31 -15.77
CA ILE A 211 -3.69 -30.94 -15.88
C ILE A 211 -3.82 -29.96 -17.05
N ARG A 212 -5.01 -29.92 -17.64
CA ARG A 212 -5.25 -29.09 -18.81
C ARG A 212 -5.42 -27.63 -18.42
N LYS A 213 -4.70 -26.75 -19.11
CA LYS A 213 -4.86 -25.31 -19.00
C LYS A 213 -5.19 -24.75 -20.36
N VAL A 214 -6.21 -23.90 -20.44
CA VAL A 214 -6.66 -23.32 -21.69
C VAL A 214 -6.45 -21.81 -21.61
N ASP A 215 -5.70 -21.26 -22.57
CA ASP A 215 -5.55 -19.82 -22.68
C ASP A 215 -6.85 -19.24 -23.26
N THR A 216 -7.80 -18.91 -22.38
CA THR A 216 -9.15 -18.58 -22.78
C THR A 216 -9.26 -17.25 -23.50
N HIS A 217 -8.20 -16.44 -23.52
CA HIS A 217 -8.28 -15.10 -24.09
C HIS A 217 -6.89 -14.70 -24.59
N ILE A 218 -6.68 -14.86 -25.89
CA ILE A 218 -5.40 -14.56 -26.51
C ILE A 218 -5.63 -14.25 -27.98
N HIS A 219 -4.88 -13.27 -28.49
CA HIS A 219 -5.02 -12.82 -29.87
C HIS A 219 -3.96 -13.50 -30.74
N ALA A 220 -4.39 -13.95 -31.93
CA ALA A 220 -3.46 -14.62 -32.84
C ALA A 220 -2.35 -13.68 -33.28
N SER A 221 -2.68 -12.42 -33.55
CA SER A 221 -1.68 -11.47 -34.01
C SER A 221 -0.57 -11.26 -33.00
N SER A 222 -0.80 -11.60 -31.72
CA SER A 222 0.20 -11.45 -30.68
C SER A 222 0.49 -12.76 -29.95
N CYS A 223 0.10 -13.90 -30.55
CA CYS A 223 0.23 -15.18 -29.86
C CYS A 223 1.67 -15.65 -29.73
N MET A 224 2.60 -15.05 -30.46
CA MET A 224 4.00 -15.39 -30.37
C MET A 224 4.75 -14.33 -29.55
N ASN A 225 5.80 -14.77 -28.86
CA ASN A 225 6.62 -13.83 -28.10
C ASN A 225 7.57 -13.08 -29.04
N GLN A 226 8.16 -12.00 -28.53
CA GLN A 226 8.99 -11.14 -29.37
C GLN A 226 10.21 -11.88 -29.89
N LYS A 227 10.85 -12.71 -29.05
CA LYS A 227 12.01 -13.47 -29.51
C LYS A 227 11.61 -14.47 -30.58
N HIS A 228 10.45 -15.10 -30.42
CA HIS A 228 9.93 -16.00 -31.45
C HIS A 228 9.72 -15.24 -32.75
N LEU A 229 9.13 -14.04 -32.68
CA LEU A 229 8.92 -13.26 -33.89
C LEU A 229 10.25 -12.87 -34.53
N LEU A 230 11.23 -12.49 -33.70
CA LEU A 230 12.53 -12.10 -34.24
C LEU A 230 13.19 -13.25 -34.99
N ARG A 231 13.15 -14.46 -34.42
CA ARG A 231 13.75 -15.61 -35.08
C ARG A 231 13.05 -15.91 -36.40
N PHE A 232 11.71 -15.84 -36.42
CA PHE A 232 10.97 -16.13 -37.64
C PHE A 232 11.31 -15.13 -38.73
N ILE A 233 11.40 -13.84 -38.38
CA ILE A 233 11.69 -12.82 -39.38
C ILE A 233 13.05 -13.06 -40.00
N LYS A 234 14.07 -13.33 -39.18
CA LYS A 234 15.40 -13.63 -39.70
C LYS A 234 15.38 -14.88 -40.56
N ARG A 235 14.60 -15.89 -40.16
CA ARG A 235 14.46 -17.10 -40.96
C ARG A 235 13.87 -16.78 -42.33
N ALA A 236 12.84 -15.94 -42.37
CA ALA A 236 12.18 -15.64 -43.63
C ALA A 236 13.09 -14.88 -44.58
N MET A 237 13.91 -13.97 -44.04
CA MET A 237 14.76 -13.15 -44.90
C MET A 237 15.75 -13.99 -45.72
N LYS A 238 16.03 -15.21 -45.28
CA LYS A 238 16.95 -16.10 -45.98
C LYS A 238 16.23 -17.08 -46.89
N ARG A 239 14.92 -16.92 -47.08
CA ARG A 239 14.12 -17.84 -47.87
C ARG A 239 13.20 -17.06 -48.81
N HIS A 240 12.80 -17.71 -49.89
CA HIS A 240 11.97 -17.10 -50.93
C HIS A 240 12.58 -15.78 -51.38
N LEU A 241 13.84 -15.85 -51.79
CA LEU A 241 14.57 -14.64 -52.20
C LEU A 241 13.96 -13.99 -53.43
N GLU A 242 13.15 -14.72 -54.19
CA GLU A 242 12.51 -14.21 -55.40
C GLU A 242 11.00 -14.31 -55.22
N GLU A 243 10.43 -13.32 -54.53
CA GLU A 243 8.99 -13.27 -54.34
C GLU A 243 8.62 -11.88 -53.87
N ILE A 244 7.57 -11.31 -54.46
CA ILE A 244 7.14 -9.96 -54.13
C ILE A 244 6.31 -10.00 -52.86
N VAL A 245 6.69 -9.18 -51.88
CA VAL A 245 5.98 -9.11 -50.61
C VAL A 245 5.25 -7.79 -50.40
N HIS A 246 5.55 -6.77 -51.18
CA HIS A 246 4.94 -5.46 -51.01
C HIS A 246 5.33 -4.56 -52.17
N VAL A 247 4.45 -3.63 -52.51
CA VAL A 247 4.70 -2.64 -53.55
C VAL A 247 4.70 -1.27 -52.87
N GLU A 248 5.80 -0.54 -53.02
CA GLU A 248 5.98 0.78 -52.41
C GLU A 248 5.89 1.84 -53.50
N GLN A 249 4.77 2.54 -53.55
CA GLN A 249 4.55 3.59 -54.55
C GLN A 249 4.84 3.08 -55.95
N GLY A 250 4.22 1.94 -56.29
CA GLY A 250 4.41 1.34 -57.59
C GLY A 250 5.81 0.81 -57.84
N ARG A 251 6.41 0.17 -56.84
CA ARG A 251 7.71 -0.47 -57.00
C ARG A 251 7.66 -1.81 -56.28
N GLU A 252 7.60 -2.90 -57.04
CA GLU A 252 7.56 -4.23 -56.45
C GLU A 252 8.86 -4.52 -55.71
N GLN A 253 8.74 -5.09 -54.52
CA GLN A 253 9.88 -5.37 -53.67
C GLN A 253 9.79 -6.79 -53.12
N THR A 254 10.94 -7.44 -52.99
CA THR A 254 11.02 -8.73 -52.32
C THR A 254 11.24 -8.50 -50.82
N LEU A 255 11.30 -9.59 -50.06
CA LEU A 255 11.50 -9.47 -48.63
C LEU A 255 12.82 -8.76 -48.32
N ARG A 256 13.88 -9.14 -49.01
CA ARG A 256 15.17 -8.47 -48.80
C ARG A 256 15.08 -6.99 -49.18
N GLU A 257 14.41 -6.67 -50.30
CA GLU A 257 14.35 -5.29 -50.75
C GLU A 257 13.65 -4.40 -49.75
N VAL A 258 12.62 -4.93 -49.07
CA VAL A 258 11.94 -4.14 -48.05
C VAL A 258 12.90 -3.76 -46.93
N PHE A 259 13.72 -4.72 -46.49
CA PHE A 259 14.68 -4.41 -45.43
C PHE A 259 15.81 -3.51 -45.93
N GLU A 260 16.13 -3.58 -47.22
CA GLU A 260 17.13 -2.67 -47.77
C GLU A 260 16.68 -1.22 -47.65
N SER A 261 15.39 -0.95 -47.93
CA SER A 261 14.88 0.41 -47.82
C SER A 261 14.97 0.93 -46.39
N MET A 262 14.82 0.05 -45.40
CA MET A 262 14.86 0.45 -44.00
C MET A 262 16.28 0.51 -43.44
N ASN A 263 17.29 0.20 -44.26
CA ASN A 263 18.69 0.25 -43.82
C ASN A 263 18.92 -0.69 -42.63
N LEU A 264 18.36 -1.89 -42.73
CA LEU A 264 18.49 -2.89 -41.68
C LEU A 264 18.87 -4.23 -42.29
N THR A 265 19.80 -4.93 -41.63
CA THR A 265 20.22 -6.26 -42.03
C THR A 265 19.65 -7.29 -41.05
N ALA A 266 19.75 -8.55 -41.42
CA ALA A 266 19.27 -9.62 -40.55
C ALA A 266 20.04 -9.63 -39.24
N TYR A 267 21.35 -9.44 -39.30
CA TYR A 267 22.15 -9.38 -38.07
C TYR A 267 21.76 -8.17 -37.22
N ASP A 268 21.52 -7.03 -37.86
CA ASP A 268 21.19 -5.83 -37.10
C ASP A 268 19.89 -5.99 -36.31
N LEU A 269 18.93 -6.71 -36.88
CA LEU A 269 17.63 -6.85 -36.23
C LEU A 269 17.79 -7.45 -34.83
N SER A 270 17.05 -6.88 -33.88
CA SER A 270 17.05 -7.37 -32.51
C SER A 270 15.66 -7.16 -31.93
N VAL A 271 15.46 -7.66 -30.72
CA VAL A 271 14.19 -7.45 -30.03
C VAL A 271 13.94 -5.97 -29.82
N ASP A 272 14.99 -5.20 -29.54
CA ASP A 272 14.85 -3.77 -29.37
C ASP A 272 14.41 -3.11 -30.68
N THR A 273 14.96 -3.57 -31.81
CA THR A 273 14.63 -2.96 -33.09
C THR A 273 13.15 -3.13 -33.42
N LEU A 274 12.59 -4.32 -33.15
CA LEU A 274 11.19 -4.54 -33.43
C LEU A 274 10.31 -3.60 -32.61
N ASP A 275 10.65 -3.40 -31.34
CA ASP A 275 9.91 -2.48 -30.47
C ASP A 275 8.44 -2.85 -30.39
N VAL A 276 8.17 -4.16 -30.31
CA VAL A 276 6.80 -4.67 -30.27
C VAL A 276 6.35 -5.01 -28.86
N HIS A 277 7.16 -4.70 -27.85
CA HIS A 277 6.87 -5.05 -26.47
C HIS A 277 6.43 -3.80 -25.71
N ALA A 278 5.37 -3.93 -24.93
CA ALA A 278 4.88 -2.82 -24.13
C ALA A 278 5.83 -2.55 -22.96
N ASP A 279 5.86 -1.30 -22.52
CA ASP A 279 6.70 -0.88 -21.40
C ASP A 279 5.90 0.11 -20.55
N ARG A 280 6.58 0.77 -19.61
CA ARG A 280 5.91 1.71 -18.73
C ARG A 280 5.32 2.89 -19.49
N ASN A 281 5.83 3.20 -20.68
CA ASN A 281 5.26 4.28 -21.48
C ASN A 281 3.97 3.88 -22.18
N THR A 282 3.67 2.59 -22.25
CA THR A 282 2.42 2.12 -22.84
C THR A 282 1.25 2.20 -21.88
N PHE A 283 1.50 2.46 -20.61
CA PHE A 283 0.43 2.47 -19.61
C PHE A 283 -0.60 3.54 -19.97
N HIS A 284 -1.88 3.13 -20.00
CA HIS A 284 -3.00 4.01 -20.32
C HIS A 284 -2.81 4.65 -21.70
N ARG A 285 -2.18 3.94 -22.62
CA ARG A 285 -1.95 4.40 -23.99
C ARG A 285 -2.22 3.23 -24.95
N PHE A 286 -3.49 2.85 -25.04
CA PHE A 286 -3.86 1.73 -25.90
C PHE A 286 -3.50 2.01 -27.36
N ASP A 287 -3.44 3.29 -27.75
CA ASP A 287 -3.00 3.62 -29.10
C ASP A 287 -1.53 3.22 -29.31
N LYS A 288 -0.69 3.44 -28.30
CA LYS A 288 0.69 2.96 -28.39
C LYS A 288 0.72 1.45 -28.46
N PHE A 289 -0.18 0.78 -27.73
CA PHE A 289 -0.26 -0.68 -27.80
C PHE A 289 -0.60 -1.15 -29.21
N ASN A 290 -1.51 -0.48 -29.88
CA ASN A 290 -1.80 -0.82 -31.28
C ASN A 290 -0.57 -0.59 -32.15
N ALA A 291 0.18 0.48 -31.87
CA ALA A 291 1.39 0.73 -32.64
C ALA A 291 2.41 -0.39 -32.48
N LYS A 292 2.37 -1.12 -31.35
CA LYS A 292 3.29 -2.23 -31.15
C LYS A 292 3.05 -3.35 -32.17
N TYR A 293 1.87 -3.40 -32.78
CA TYR A 293 1.59 -4.40 -33.80
C TYR A 293 2.41 -4.20 -35.06
N ASN A 294 3.10 -3.08 -35.21
CA ASN A 294 3.94 -2.83 -36.37
C ASN A 294 5.40 -3.08 -35.97
N PRO A 295 6.02 -4.16 -36.42
CA PRO A 295 7.44 -4.37 -36.11
C PRO A 295 8.29 -3.24 -36.66
N ILE A 296 9.24 -2.78 -35.85
CA ILE A 296 10.14 -1.70 -36.23
C ILE A 296 9.33 -0.48 -36.63
N GLY A 297 8.12 -0.36 -36.07
CA GLY A 297 7.25 0.76 -36.40
C GLY A 297 6.92 0.87 -37.87
N GLU A 298 6.72 -0.26 -38.54
CA GLU A 298 6.44 -0.31 -39.97
C GLU A 298 5.17 -1.11 -40.19
N SER A 299 4.17 -0.47 -40.80
CA SER A 299 2.92 -1.17 -41.10
C SER A 299 3.14 -2.28 -42.11
N VAL A 300 4.11 -2.12 -43.01
CA VAL A 300 4.35 -3.13 -44.04
C VAL A 300 4.78 -4.44 -43.40
N LEU A 301 5.68 -4.38 -42.41
CA LEU A 301 6.14 -5.59 -41.76
C LEU A 301 5.00 -6.31 -41.05
N ARG A 302 4.09 -5.55 -40.43
CA ARG A 302 2.89 -6.17 -39.87
C ARG A 302 2.07 -6.84 -40.96
N GLU A 303 1.96 -6.20 -42.13
CA GLU A 303 1.18 -6.76 -43.22
C GLU A 303 1.81 -8.06 -43.72
N ILE A 304 3.13 -8.10 -43.86
CA ILE A 304 3.78 -9.29 -44.42
C ILE A 304 3.64 -10.47 -43.47
N PHE A 305 3.86 -10.26 -42.18
CA PHE A 305 4.00 -11.35 -41.22
C PHE A 305 2.78 -11.55 -40.33
N ILE A 306 2.03 -10.50 -40.02
CA ILE A 306 0.99 -10.59 -39.00
C ILE A 306 -0.38 -10.25 -39.58
N LYS A 307 -0.65 -10.73 -40.79
CA LYS A 307 -1.98 -10.57 -41.39
C LYS A 307 -2.26 -11.74 -42.29
N THR A 308 -3.54 -12.16 -42.31
CA THR A 308 -3.94 -13.32 -43.09
C THR A 308 -4.12 -13.03 -44.57
N ASP A 309 -4.32 -11.76 -44.94
CA ASP A 309 -4.58 -11.37 -46.32
C ASP A 309 -3.50 -10.38 -46.76
N ASN A 310 -2.69 -10.79 -47.74
CA ASN A 310 -1.62 -9.95 -48.26
C ASN A 310 -1.17 -10.53 -49.60
N ARG A 311 -0.04 -10.04 -50.11
CA ARG A 311 0.48 -10.52 -51.38
C ARG A 311 0.80 -12.00 -51.33
N VAL A 312 1.36 -12.47 -50.22
CA VAL A 312 1.76 -13.87 -50.08
C VAL A 312 0.61 -14.68 -49.50
N SER A 313 -0.60 -14.12 -49.54
CA SER A 313 -1.81 -14.82 -49.09
C SER A 313 -1.68 -15.26 -47.63
N GLY A 314 -1.05 -14.42 -46.81
CA GLY A 314 -0.91 -14.73 -45.40
C GLY A 314 -0.07 -15.97 -45.13
N LYS A 315 0.96 -16.19 -45.94
CA LYS A 315 1.81 -17.36 -45.76
C LYS A 315 2.53 -17.31 -44.42
N TYR A 316 3.22 -16.20 -44.14
CA TYR A 316 4.06 -16.13 -42.94
C TYR A 316 3.23 -16.18 -41.66
N PHE A 317 2.10 -15.47 -41.63
CA PHE A 317 1.29 -15.44 -40.41
C PHE A 317 0.77 -16.83 -40.06
N ALA A 318 0.37 -17.59 -41.08
CA ALA A 318 -0.06 -18.97 -40.83
C ALA A 318 1.09 -19.80 -40.26
N HIS A 319 2.29 -19.64 -40.80
CA HIS A 319 3.43 -20.43 -40.35
C HIS A 319 3.74 -20.17 -38.88
N ILE A 320 3.71 -18.89 -38.47
CA ILE A 320 4.01 -18.55 -37.09
C ILE A 320 2.99 -19.19 -36.16
N ILE A 321 1.70 -19.11 -36.52
CA ILE A 321 0.66 -19.71 -35.68
C ILE A 321 0.88 -21.21 -35.57
N LYS A 322 1.22 -21.86 -36.68
CA LYS A 322 1.48 -23.30 -36.64
C LYS A 322 2.67 -23.62 -35.74
N GLU A 323 3.68 -22.77 -35.74
CA GLU A 323 4.80 -22.97 -34.82
C GLU A 323 4.33 -22.88 -33.37
N VAL A 324 3.47 -21.91 -33.06
CA VAL A 324 2.88 -21.85 -31.72
C VAL A 324 2.01 -23.06 -31.47
N MET A 325 1.21 -23.46 -32.47
CA MET A 325 0.40 -24.67 -32.33
C MET A 325 1.28 -25.88 -32.05
N SER A 326 2.43 -25.98 -32.74
CA SER A 326 3.34 -27.10 -32.50
C SER A 326 3.85 -27.10 -31.06
N ASP A 327 4.17 -25.93 -30.53
CA ASP A 327 4.65 -25.79 -29.15
C ASP A 327 3.51 -26.19 -28.20
N LEU A 328 2.29 -25.80 -28.53
CA LEU A 328 1.12 -26.17 -27.72
C LEU A 328 0.92 -27.70 -27.75
N GLU A 329 1.07 -28.32 -28.92
CA GLU A 329 0.90 -29.77 -29.05
C GLU A 329 1.99 -30.53 -28.31
N GLU A 330 3.23 -30.02 -28.35
CA GLU A 330 4.35 -30.64 -27.62
C GLU A 330 4.08 -30.61 -26.10
N SER A 331 3.41 -29.56 -25.62
CA SER A 331 3.09 -29.37 -24.21
C SER A 331 1.96 -30.32 -23.77
N LYS A 332 1.14 -30.75 -24.73
CA LYS A 332 0.02 -31.67 -24.49
C LYS A 332 -1.09 -31.01 -23.67
N TYR A 333 -0.78 -30.47 -22.49
CA TYR A 333 -1.82 -30.00 -21.56
C TYR A 333 -2.21 -28.52 -21.77
N GLN A 334 -1.40 -27.72 -22.46
CA GLN A 334 -1.67 -26.29 -22.65
C GLN A 334 -2.46 -26.11 -23.94
N ASN A 335 -3.53 -25.31 -23.88
CA ASN A 335 -4.39 -25.02 -25.02
C ASN A 335 -4.59 -23.52 -25.15
N ALA A 336 -5.17 -23.10 -26.29
CA ALA A 336 -5.39 -21.69 -26.54
C ALA A 336 -6.67 -21.50 -27.35
N GLU A 337 -7.25 -20.32 -27.22
CA GLU A 337 -8.43 -19.90 -27.97
C GLU A 337 -8.09 -18.60 -28.68
N LEU A 338 -7.45 -18.71 -29.84
CA LEU A 338 -6.92 -17.56 -30.53
C LEU A 338 -8.02 -16.72 -31.17
N ARG A 339 -7.78 -15.42 -31.27
CA ARG A 339 -8.71 -14.47 -31.88
C ARG A 339 -8.23 -14.14 -33.29
N LEU A 340 -9.12 -14.34 -34.27
CA LEU A 340 -8.88 -13.94 -35.65
C LEU A 340 -9.81 -12.78 -36.02
N SER A 341 -9.31 -11.87 -36.84
CA SER A 341 -9.97 -10.60 -37.09
C SER A 341 -10.81 -10.68 -38.35
N ILE A 342 -12.10 -10.40 -38.22
CA ILE A 342 -13.01 -10.14 -39.34
C ILE A 342 -13.46 -8.69 -39.17
N TYR A 343 -12.96 -7.81 -40.04
CA TYR A 343 -13.16 -6.38 -39.85
C TYR A 343 -14.53 -5.90 -40.33
N GLY A 344 -15.25 -6.71 -41.09
CA GLY A 344 -16.52 -6.26 -41.64
C GLY A 344 -16.40 -5.16 -42.66
N ARG A 345 -15.18 -4.88 -43.14
CA ARG A 345 -14.99 -3.85 -44.17
C ARG A 345 -15.46 -4.33 -45.55
N SER A 346 -15.18 -5.58 -45.88
CA SER A 346 -15.49 -6.13 -47.20
C SER A 346 -16.30 -7.40 -47.07
N ARG A 347 -17.16 -7.65 -48.07
CA ARG A 347 -18.03 -8.81 -48.05
C ARG A 347 -17.27 -10.13 -48.15
N ASP A 348 -16.06 -10.11 -48.70
CA ASP A 348 -15.31 -11.33 -48.98
C ASP A 348 -14.35 -11.72 -47.86
N GLU A 349 -14.34 -11.00 -46.75
CA GLU A 349 -13.36 -11.29 -45.69
C GLU A 349 -13.55 -12.69 -45.12
N TRP A 350 -14.79 -13.11 -44.91
CA TRP A 350 -15.04 -14.44 -44.36
C TRP A 350 -14.48 -15.52 -45.27
N ASP A 351 -14.78 -15.43 -46.58
CA ASP A 351 -14.28 -16.42 -47.52
C ASP A 351 -12.76 -16.41 -47.56
N LYS A 352 -12.15 -15.22 -47.57
CA LYS A 352 -10.70 -15.12 -47.66
C LYS A 352 -10.04 -15.63 -46.38
N LEU A 353 -10.64 -15.38 -45.22
CA LEU A 353 -10.10 -15.94 -43.98
C LEU A 353 -10.18 -17.46 -43.99
N ALA A 354 -11.31 -18.02 -44.41
CA ALA A 354 -11.45 -19.47 -44.45
C ALA A 354 -10.50 -20.09 -45.46
N ARG A 355 -10.33 -19.46 -46.62
CA ARG A 355 -9.37 -19.96 -47.60
C ARG A 355 -7.96 -19.96 -47.02
N TRP A 356 -7.61 -18.91 -46.27
CA TRP A 356 -6.28 -18.83 -45.67
C TRP A 356 -6.02 -19.98 -44.72
N ALA A 357 -7.01 -20.30 -43.87
CA ALA A 357 -6.82 -21.40 -42.92
C ALA A 357 -6.77 -22.74 -43.62
N VAL A 358 -7.65 -22.96 -44.60
CA VAL A 358 -7.72 -24.26 -45.26
C VAL A 358 -6.47 -24.50 -46.09
N MET A 359 -6.05 -23.52 -46.88
CA MET A 359 -4.91 -23.72 -47.77
C MET A 359 -3.64 -24.00 -47.00
N HIS A 360 -3.42 -23.29 -45.89
CA HIS A 360 -2.23 -23.48 -45.08
C HIS A 360 -2.44 -24.46 -43.93
N ARG A 361 -3.61 -25.09 -43.85
CA ARG A 361 -3.89 -26.09 -42.82
C ARG A 361 -3.63 -25.54 -41.43
N VAL A 362 -4.13 -24.33 -41.17
CA VAL A 362 -3.96 -23.67 -39.89
C VAL A 362 -4.96 -24.26 -38.89
N HIS A 363 -4.71 -25.50 -38.46
CA HIS A 363 -5.57 -26.18 -37.52
C HIS A 363 -4.72 -26.92 -36.49
N SER A 364 -5.27 -27.07 -35.28
CA SER A 364 -4.61 -27.80 -34.22
C SER A 364 -5.67 -28.34 -33.27
N PRO A 365 -5.50 -29.56 -32.75
CA PRO A 365 -6.46 -30.06 -31.75
C PRO A 365 -6.46 -29.25 -30.46
N ASN A 366 -5.39 -28.50 -30.20
CA ASN A 366 -5.27 -27.70 -28.98
C ASN A 366 -5.73 -26.26 -29.15
N VAL A 367 -6.26 -25.91 -30.32
CA VAL A 367 -6.63 -24.53 -30.64
C VAL A 367 -8.09 -24.49 -31.04
N ARG A 368 -8.83 -23.54 -30.48
CA ARG A 368 -10.17 -23.21 -30.91
C ARG A 368 -10.17 -21.76 -31.37
N TRP A 369 -10.96 -21.47 -32.39
CA TRP A 369 -10.97 -20.16 -33.01
C TRP A 369 -12.16 -19.33 -32.51
N LEU A 370 -11.87 -18.08 -32.15
CA LEU A 370 -12.89 -17.07 -31.95
C LEU A 370 -12.60 -15.90 -32.89
N VAL A 371 -13.66 -15.33 -33.47
CA VAL A 371 -13.52 -14.27 -34.46
C VAL A 371 -13.83 -12.94 -33.79
N GLN A 372 -12.89 -12.00 -33.88
CA GLN A 372 -13.02 -10.69 -33.26
C GLN A 372 -13.35 -9.64 -34.31
N VAL A 373 -14.29 -8.76 -33.99
CA VAL A 373 -14.67 -7.67 -34.86
C VAL A 373 -14.24 -6.36 -34.21
N PRO A 374 -13.14 -5.75 -34.64
CA PRO A 374 -12.78 -4.44 -34.07
C PRO A 374 -13.87 -3.41 -34.30
N ARG A 375 -14.12 -2.58 -33.29
CA ARG A 375 -15.13 -1.54 -33.37
C ARG A 375 -14.52 -0.32 -34.07
N LEU A 376 -14.36 -0.44 -35.39
CA LEU A 376 -13.68 0.56 -36.20
C LEU A 376 -14.59 1.09 -37.30
N PHE A 377 -15.90 1.14 -37.06
CA PHE A 377 -16.80 1.67 -38.08
C PHE A 377 -16.48 3.12 -38.40
N ASP A 378 -16.09 3.89 -37.38
CA ASP A 378 -15.78 5.30 -37.60
C ASP A 378 -14.64 5.47 -38.59
N VAL A 379 -13.62 4.63 -38.50
CA VAL A 379 -12.50 4.70 -39.43
C VAL A 379 -12.97 4.40 -40.85
N TYR A 380 -13.78 3.36 -41.00
CA TYR A 380 -14.22 2.96 -42.33
C TYR A 380 -15.16 3.99 -42.94
N ARG A 381 -16.10 4.51 -42.16
CA ARG A 381 -17.03 5.50 -42.68
C ARG A 381 -16.30 6.77 -43.08
N THR A 382 -15.34 7.22 -42.26
CA THR A 382 -14.61 8.44 -42.56
C THR A 382 -13.87 8.33 -43.88
N LYS A 383 -13.29 7.16 -44.16
CA LYS A 383 -12.53 6.95 -45.38
C LYS A 383 -13.40 6.56 -46.56
N GLY A 384 -14.72 6.43 -46.36
CA GLY A 384 -15.61 6.07 -47.44
C GLY A 384 -15.64 4.59 -47.76
N GLN A 385 -15.04 3.75 -46.92
CA GLN A 385 -15.02 2.31 -47.17
C GLN A 385 -16.34 1.63 -46.83
N LEU A 386 -17.24 2.33 -46.14
CA LEU A 386 -18.58 1.82 -45.87
C LEU A 386 -19.56 2.99 -45.94
N ALA A 387 -20.79 2.69 -46.32
CA ALA A 387 -21.81 3.72 -46.43
C ALA A 387 -22.64 3.85 -45.16
N ASN A 388 -22.91 2.73 -44.47
CA ASN A 388 -23.71 2.75 -43.26
C ASN A 388 -23.32 1.53 -42.42
N PHE A 389 -23.78 1.53 -41.17
CA PHE A 389 -23.41 0.45 -40.26
C PHE A 389 -24.02 -0.88 -40.68
N GLN A 390 -25.18 -0.86 -41.32
CA GLN A 390 -25.78 -2.12 -41.76
C GLN A 390 -24.86 -2.85 -42.73
N GLU A 391 -24.15 -2.10 -43.58
CA GLU A 391 -23.20 -2.71 -44.49
C GLU A 391 -22.12 -3.48 -43.73
N MET A 392 -21.62 -2.90 -42.64
CA MET A 392 -20.67 -3.60 -41.79
C MET A 392 -21.29 -4.88 -41.24
N LEU A 393 -22.53 -4.80 -40.77
CA LEU A 393 -23.22 -5.99 -40.29
C LEU A 393 -23.42 -7.00 -41.42
N GLU A 394 -23.75 -6.53 -42.61
CA GLU A 394 -23.95 -7.43 -43.74
C GLU A 394 -22.66 -8.18 -44.07
N ASN A 395 -21.52 -7.47 -44.06
CA ASN A 395 -20.25 -8.13 -44.34
C ASN A 395 -19.86 -9.15 -43.28
N ILE A 396 -20.40 -9.02 -42.06
CA ILE A 396 -20.00 -9.91 -40.98
C ILE A 396 -20.87 -11.16 -40.90
N PHE A 397 -22.15 -11.06 -41.27
CA PHE A 397 -23.09 -12.15 -41.04
C PHE A 397 -23.64 -12.79 -42.30
N LEU A 398 -23.82 -12.03 -43.39
CA LEU A 398 -24.42 -12.61 -44.59
C LEU A 398 -23.65 -13.82 -45.11
N PRO A 399 -22.31 -13.78 -45.22
CA PRO A 399 -21.60 -14.99 -45.65
C PRO A 399 -21.86 -16.17 -44.74
N LEU A 400 -21.98 -15.94 -43.41
CA LEU A 400 -22.25 -17.03 -42.49
C LEU A 400 -23.63 -17.63 -42.73
N PHE A 401 -24.63 -16.78 -42.90
CA PHE A 401 -25.98 -17.28 -43.20
C PHE A 401 -26.01 -18.01 -44.54
N GLU A 402 -25.33 -17.46 -45.55
CA GLU A 402 -25.28 -18.13 -46.85
C GLU A 402 -24.59 -19.48 -46.74
N ALA A 403 -23.49 -19.55 -45.97
CA ALA A 403 -22.80 -20.83 -45.80
C ALA A 403 -23.70 -21.87 -45.16
N THR A 404 -24.47 -21.47 -44.16
CA THR A 404 -25.38 -22.39 -43.50
C THR A 404 -26.45 -22.90 -44.48
N VAL A 405 -27.02 -22.00 -45.26
CA VAL A 405 -28.07 -22.39 -46.21
C VAL A 405 -27.48 -23.21 -47.35
N HIS A 406 -26.38 -22.75 -47.92
CA HIS A 406 -25.75 -23.37 -49.09
C HIS A 406 -24.26 -23.56 -48.80
N PRO A 407 -23.90 -24.62 -48.08
CA PRO A 407 -22.47 -24.82 -47.78
C PRO A 407 -21.59 -24.87 -49.00
N ALA A 408 -22.07 -25.46 -50.11
CA ALA A 408 -21.26 -25.58 -51.31
C ALA A 408 -20.92 -24.21 -51.92
N SER A 409 -21.69 -23.17 -51.60
CA SER A 409 -21.36 -21.84 -52.09
C SER A 409 -20.12 -21.28 -51.40
N HIS A 410 -19.89 -21.65 -50.14
CA HIS A 410 -18.72 -21.24 -49.38
C HIS A 410 -18.06 -22.49 -48.81
N PRO A 411 -17.52 -23.34 -49.68
CA PRO A 411 -17.01 -24.64 -49.20
C PRO A 411 -15.90 -24.52 -48.16
N GLU A 412 -14.97 -23.58 -48.34
CA GLU A 412 -13.90 -23.41 -47.37
C GLU A 412 -14.45 -22.91 -46.04
N LEU A 413 -15.39 -21.97 -46.07
CA LEU A 413 -15.95 -21.43 -44.84
C LEU A 413 -16.69 -22.49 -44.06
N HIS A 414 -17.37 -23.41 -44.75
CA HIS A 414 -18.11 -24.45 -44.07
C HIS A 414 -17.19 -25.31 -43.21
N LEU A 415 -16.04 -25.71 -43.77
CA LEU A 415 -15.07 -26.49 -43.00
C LEU A 415 -14.47 -25.66 -41.87
N PHE A 416 -14.12 -24.40 -42.15
CA PHE A 416 -13.44 -23.58 -41.16
C PHE A 416 -14.33 -23.32 -39.95
N LEU A 417 -15.63 -23.07 -40.18
CA LEU A 417 -16.52 -22.74 -39.08
C LEU A 417 -16.65 -23.90 -38.09
N GLU A 418 -16.27 -25.11 -38.47
CA GLU A 418 -16.31 -26.23 -37.54
C GLU A 418 -15.44 -25.96 -36.32
N HIS A 419 -14.40 -25.13 -36.47
CA HIS A 419 -13.48 -24.81 -35.39
C HIS A 419 -13.66 -23.40 -34.85
N VAL A 420 -14.67 -22.67 -35.33
CA VAL A 420 -14.98 -21.33 -34.84
C VAL A 420 -16.12 -21.46 -33.83
N ASP A 421 -15.91 -20.91 -32.64
CA ASP A 421 -16.85 -21.10 -31.53
C ASP A 421 -17.69 -19.87 -31.21
N GLY A 422 -17.24 -18.67 -31.58
CA GLY A 422 -17.98 -17.49 -31.19
C GLY A 422 -17.37 -16.23 -31.76
N PHE A 423 -17.93 -15.09 -31.32
CA PHE A 423 -17.53 -13.77 -31.78
C PHE A 423 -16.99 -12.95 -30.62
N ASP A 424 -16.19 -11.93 -30.96
CA ASP A 424 -15.54 -11.09 -29.97
C ASP A 424 -15.56 -9.65 -30.47
N SER A 425 -15.59 -8.71 -29.54
CA SER A 425 -15.55 -7.28 -29.84
C SER A 425 -14.35 -6.66 -29.13
N VAL A 426 -13.54 -5.93 -29.89
CA VAL A 426 -12.28 -5.38 -29.39
C VAL A 426 -12.15 -3.94 -29.84
N ASP A 427 -11.64 -3.09 -28.96
CA ASP A 427 -11.32 -1.70 -29.24
C ASP A 427 -10.81 -1.10 -27.94
N ASP A 428 -10.28 0.12 -28.02
CA ASP A 428 -9.86 0.85 -26.82
C ASP A 428 -11.10 1.14 -25.99
N GLU A 429 -11.37 0.27 -25.01
CA GLU A 429 -12.59 0.39 -24.22
C GLU A 429 -12.61 1.64 -23.33
N SER A 430 -11.46 2.29 -23.12
CA SER A 430 -11.45 3.51 -22.31
C SER A 430 -12.05 4.70 -23.03
N LYS A 431 -12.28 4.61 -24.34
CA LYS A 431 -12.81 5.74 -25.07
C LYS A 431 -14.20 6.11 -24.56
N PRO A 432 -14.52 7.39 -24.41
CA PRO A 432 -15.83 7.77 -23.90
C PRO A 432 -16.92 7.55 -24.93
N GLU A 433 -18.17 7.52 -24.45
CA GLU A 433 -19.35 7.38 -25.27
C GLU A 433 -20.25 8.58 -25.05
N ASN A 434 -20.70 9.20 -26.15
CA ASN A 434 -21.60 10.34 -26.10
C ASN A 434 -22.98 10.03 -26.65
N HIS A 435 -23.23 8.79 -27.09
CA HIS A 435 -24.51 8.37 -27.63
C HIS A 435 -25.02 7.18 -26.83
N VAL A 436 -26.31 7.22 -26.48
CA VAL A 436 -26.96 6.15 -25.73
C VAL A 436 -27.79 5.32 -26.70
N PHE A 437 -27.61 4.00 -26.66
CA PHE A 437 -28.34 3.10 -27.55
C PHE A 437 -29.73 2.86 -26.99
N ASN A 438 -30.75 3.36 -27.69
CA ASN A 438 -32.14 3.20 -27.29
C ASN A 438 -33.00 3.22 -28.55
N LEU A 439 -34.33 3.27 -28.35
CA LEU A 439 -35.24 3.26 -29.49
C LEU A 439 -35.05 4.49 -30.37
N GLU A 440 -34.57 5.58 -29.82
CA GLU A 440 -34.33 6.80 -30.59
C GLU A 440 -33.05 6.72 -31.41
N SER A 441 -32.20 5.72 -31.18
CA SER A 441 -30.96 5.61 -31.91
C SER A 441 -31.22 5.24 -33.37
N PRO A 442 -30.38 5.70 -34.29
CA PRO A 442 -30.58 5.33 -35.70
C PRO A 442 -30.44 3.83 -35.92
N LEU A 443 -31.23 3.31 -36.85
CA LEU A 443 -31.05 1.94 -37.28
C LEU A 443 -29.75 1.83 -38.08
N PRO A 444 -29.18 0.62 -38.16
CA PRO A 444 -27.86 0.49 -38.81
C PRO A 444 -27.80 1.08 -40.21
N GLU A 445 -28.85 0.90 -41.01
CA GLU A 445 -28.84 1.47 -42.35
C GLU A 445 -28.88 2.99 -42.31
N ALA A 446 -29.50 3.57 -41.28
CA ALA A 446 -29.60 5.01 -41.14
C ALA A 446 -28.38 5.62 -40.44
N TRP A 447 -27.50 4.81 -39.86
CA TRP A 447 -26.31 5.31 -39.19
C TRP A 447 -25.24 5.57 -40.25
N VAL A 448 -25.12 6.83 -40.67
CA VAL A 448 -24.15 7.20 -41.69
C VAL A 448 -23.10 8.17 -41.17
N GLU A 449 -23.26 8.71 -39.97
CA GLU A 449 -22.28 9.64 -39.43
C GLU A 449 -20.98 8.93 -39.07
N GLU A 450 -19.90 9.69 -39.04
CA GLU A 450 -18.57 9.15 -38.76
C GLU A 450 -18.40 8.75 -37.31
N ASP A 451 -19.33 9.11 -36.43
CA ASP A 451 -19.22 8.74 -35.02
C ASP A 451 -19.31 7.22 -34.87
N ASN A 452 -18.48 6.69 -33.98
CA ASN A 452 -18.46 5.26 -33.74
C ASN A 452 -19.66 4.85 -32.88
N PRO A 453 -20.44 3.86 -33.30
CA PRO A 453 -21.58 3.45 -32.49
C PRO A 453 -21.11 2.98 -31.11
N PRO A 454 -21.93 3.19 -30.08
CA PRO A 454 -21.51 2.80 -28.73
C PRO A 454 -21.37 1.29 -28.58
N TYR A 455 -20.83 0.89 -27.43
CA TYR A 455 -20.55 -0.52 -27.19
C TYR A 455 -21.83 -1.37 -27.26
N ALA A 456 -22.90 -0.90 -26.62
CA ALA A 456 -24.15 -1.65 -26.65
C ALA A 456 -24.69 -1.79 -28.07
N TYR A 457 -24.49 -0.78 -28.92
CA TYR A 457 -24.94 -0.86 -30.30
C TYR A 457 -24.25 -2.01 -31.02
N TYR A 458 -22.94 -2.12 -30.87
CA TYR A 458 -22.22 -3.24 -31.46
C TYR A 458 -22.71 -4.57 -30.89
N LEU A 459 -22.87 -4.64 -29.58
CA LEU A 459 -23.13 -5.91 -28.93
C LEU A 459 -24.52 -6.43 -29.26
N TYR A 460 -25.52 -5.55 -29.26
CA TYR A 460 -26.90 -6.00 -29.50
C TYR A 460 -27.04 -6.58 -30.91
N TYR A 461 -26.60 -5.83 -31.93
CA TYR A 461 -26.78 -6.30 -33.30
C TYR A 461 -25.91 -7.51 -33.60
N THR A 462 -24.71 -7.57 -33.02
CA THR A 462 -23.94 -8.81 -33.10
C THR A 462 -24.67 -9.94 -32.39
N PHE A 463 -25.26 -9.66 -31.24
CA PHE A 463 -26.05 -10.66 -30.53
C PHE A 463 -27.29 -11.06 -31.34
N ALA A 464 -28.00 -10.07 -31.88
CA ALA A 464 -29.25 -10.35 -32.60
C ALA A 464 -28.99 -11.21 -33.82
N ASN A 465 -28.02 -10.81 -34.66
CA ASN A 465 -27.72 -11.58 -35.84
C ASN A 465 -27.17 -12.95 -35.49
N MET A 466 -26.30 -13.02 -34.46
CA MET A 466 -25.76 -14.31 -34.06
C MET A 466 -26.86 -15.26 -33.61
N ALA A 467 -27.81 -14.76 -32.83
CA ALA A 467 -28.87 -15.61 -32.30
C ALA A 467 -29.66 -16.27 -33.44
N MET A 468 -30.03 -15.48 -34.45
CA MET A 468 -30.75 -16.04 -35.59
C MET A 468 -29.88 -17.03 -36.35
N LEU A 469 -28.59 -16.73 -36.49
CA LEU A 469 -27.68 -17.67 -37.13
C LEU A 469 -27.64 -19.00 -36.39
N ASN A 470 -27.55 -18.95 -35.05
CA ASN A 470 -27.50 -20.17 -34.28
C ASN A 470 -28.77 -20.99 -34.45
N HIS A 471 -29.93 -20.33 -34.47
CA HIS A 471 -31.19 -21.06 -34.65
C HIS A 471 -31.20 -21.79 -35.99
N LEU A 472 -30.77 -21.12 -37.05
CA LEU A 472 -30.70 -21.77 -38.35
C LEU A 472 -29.70 -22.92 -38.34
N ARG A 473 -28.52 -22.70 -37.76
CA ARG A 473 -27.50 -23.75 -37.74
C ARG A 473 -27.94 -24.94 -36.91
N ARG A 474 -28.66 -24.69 -35.81
CA ARG A 474 -29.17 -25.80 -35.01
C ARG A 474 -30.14 -26.67 -35.82
N GLN A 475 -30.98 -26.02 -36.64
CA GLN A 475 -31.93 -26.78 -37.45
C GLN A 475 -31.20 -27.75 -38.37
N ARG A 476 -30.09 -27.31 -38.97
CA ARG A 476 -29.30 -28.17 -39.84
C ARG A 476 -28.33 -29.04 -39.09
N GLY A 477 -28.26 -28.92 -37.76
CA GLY A 477 -27.31 -29.70 -36.98
C GLY A 477 -25.90 -29.18 -36.99
N PHE A 478 -25.67 -27.96 -37.45
CA PHE A 478 -24.33 -27.40 -37.47
C PHE A 478 -23.99 -26.78 -36.11
N HIS A 479 -22.70 -26.54 -35.92
CA HIS A 479 -22.22 -25.95 -34.67
C HIS A 479 -22.71 -24.52 -34.53
N THR A 480 -23.16 -24.17 -33.33
CA THR A 480 -23.62 -22.83 -33.01
C THR A 480 -22.51 -22.03 -32.34
N PHE A 481 -22.72 -20.72 -32.24
CA PHE A 481 -21.71 -19.78 -31.78
C PHE A 481 -22.16 -19.11 -30.49
N VAL A 482 -21.19 -18.46 -29.82
CA VAL A 482 -21.42 -17.74 -28.58
C VAL A 482 -20.78 -16.36 -28.69
N LEU A 483 -21.22 -15.46 -27.81
CA LEU A 483 -20.73 -14.08 -27.78
C LEU A 483 -19.82 -13.91 -26.56
N ARG A 484 -18.55 -13.65 -26.81
CA ARG A 484 -17.53 -13.53 -25.75
C ARG A 484 -16.74 -12.25 -25.97
N PRO A 485 -17.30 -11.10 -25.63
CA PRO A 485 -16.62 -9.83 -25.88
C PRO A 485 -15.66 -9.42 -24.77
N HIS A 486 -14.76 -8.51 -25.13
CA HIS A 486 -13.97 -7.80 -24.13
C HIS A 486 -14.89 -6.82 -23.38
N CYS A 487 -14.82 -6.84 -22.05
CA CYS A 487 -15.74 -6.02 -21.28
C CYS A 487 -15.14 -5.75 -19.89
N GLY A 488 -15.35 -4.53 -19.41
CA GLY A 488 -14.93 -4.16 -18.07
C GLY A 488 -13.47 -3.79 -17.92
N GLU A 489 -12.68 -3.83 -18.99
CA GLU A 489 -11.29 -3.44 -18.89
C GLU A 489 -11.17 -1.97 -18.52
N ALA A 490 -11.98 -1.12 -19.13
CA ALA A 490 -11.96 0.31 -18.87
C ALA A 490 -13.24 0.90 -19.45
N GLY A 491 -13.41 2.21 -19.28
CA GLY A 491 -14.55 2.91 -19.83
C GLY A 491 -15.79 2.79 -18.96
N PRO A 492 -16.95 3.11 -19.55
CA PRO A 492 -18.18 3.13 -18.75
C PRO A 492 -18.48 1.77 -18.12
N ILE A 493 -19.03 1.82 -16.91
CA ILE A 493 -19.38 0.59 -16.20
C ILE A 493 -20.54 -0.12 -16.88
N HIS A 494 -21.41 0.63 -17.57
CA HIS A 494 -22.61 0.02 -18.13
C HIS A 494 -22.30 -0.96 -19.26
N HIS A 495 -21.06 -1.00 -19.75
CA HIS A 495 -20.68 -2.07 -20.68
C HIS A 495 -20.94 -3.43 -20.06
N LEU A 496 -20.68 -3.56 -18.74
CA LEU A 496 -20.92 -4.83 -18.06
C LEU A 496 -22.39 -5.15 -17.95
N VAL A 497 -23.27 -4.15 -18.01
CA VAL A 497 -24.71 -4.44 -18.09
C VAL A 497 -25.03 -5.12 -19.41
N SER A 498 -24.45 -4.62 -20.52
CA SER A 498 -24.75 -5.18 -21.83
C SER A 498 -24.28 -6.62 -21.93
N ALA A 499 -23.06 -6.89 -21.47
CA ALA A 499 -22.53 -8.26 -21.55
C ALA A 499 -23.29 -9.21 -20.61
N PHE A 500 -23.72 -8.71 -19.46
CA PHE A 500 -24.51 -9.55 -18.56
C PHE A 500 -25.77 -10.06 -19.25
N MET A 501 -26.39 -9.23 -20.08
CA MET A 501 -27.61 -9.62 -20.79
C MET A 501 -27.31 -10.53 -21.97
N LEU A 502 -26.20 -10.29 -22.68
CA LEU A 502 -26.01 -10.83 -24.01
C LEU A 502 -24.80 -11.74 -24.18
N ALA A 503 -23.86 -11.77 -23.23
CA ALA A 503 -22.59 -12.45 -23.40
C ALA A 503 -22.56 -13.76 -22.65
N GLU A 504 -22.12 -14.82 -23.33
CA GLU A 504 -21.86 -16.10 -22.66
C GLU A 504 -20.82 -15.93 -21.55
N ASN A 505 -19.70 -15.29 -21.87
CA ASN A 505 -18.67 -14.96 -20.88
C ASN A 505 -17.90 -13.77 -21.43
N ILE A 506 -17.10 -13.16 -20.57
CA ILE A 506 -16.37 -11.94 -20.91
C ILE A 506 -14.89 -12.13 -20.61
N SER A 507 -14.09 -11.21 -21.14
CA SER A 507 -12.67 -11.11 -20.81
C SER A 507 -12.43 -9.82 -20.03
N HIS A 508 -11.31 -9.80 -19.30
CA HIS A 508 -10.97 -8.68 -18.42
C HIS A 508 -11.99 -8.56 -17.29
N GLY A 509 -12.99 -7.70 -17.44
CA GLY A 509 -13.96 -7.49 -16.38
C GLY A 509 -13.39 -6.83 -15.15
N LEU A 510 -12.46 -5.90 -15.33
CA LEU A 510 -11.82 -5.24 -14.19
C LEU A 510 -12.80 -4.32 -13.46
N LEU A 511 -13.73 -3.70 -14.19
CA LEU A 511 -14.62 -2.72 -13.59
C LEU A 511 -15.68 -3.34 -12.69
N LEU A 512 -15.81 -4.67 -12.68
CA LEU A 512 -16.75 -5.29 -11.75
C LEU A 512 -16.43 -4.94 -10.29
N ARG A 513 -15.16 -4.65 -10.01
CA ARG A 513 -14.79 -4.27 -8.65
C ARG A 513 -15.39 -2.94 -8.23
N LYS A 514 -15.85 -2.13 -9.20
CA LYS A 514 -16.48 -0.85 -8.92
C LYS A 514 -18.00 -0.90 -8.95
N ALA A 515 -18.58 -2.07 -9.24
CA ALA A 515 -20.03 -2.23 -9.36
C ALA A 515 -20.48 -3.41 -8.53
N PRO A 516 -20.82 -3.20 -7.26
CA PRO A 516 -21.18 -4.35 -6.41
C PRO A 516 -22.31 -5.22 -6.97
N VAL A 517 -23.40 -4.61 -7.44
CA VAL A 517 -24.53 -5.41 -7.90
C VAL A 517 -24.15 -6.21 -9.14
N LEU A 518 -23.33 -5.63 -10.02
CA LEU A 518 -22.88 -6.35 -11.20
C LEU A 518 -21.98 -7.52 -10.81
N GLN A 519 -21.02 -7.30 -9.91
CA GLN A 519 -20.15 -8.39 -9.49
C GLN A 519 -20.94 -9.47 -8.76
N TYR A 520 -21.89 -9.06 -7.92
CA TYR A 520 -22.76 -10.02 -7.25
C TYR A 520 -23.61 -10.79 -8.26
N LEU A 521 -24.08 -10.11 -9.31
CA LEU A 521 -24.86 -10.79 -10.34
C LEU A 521 -24.00 -11.73 -11.17
N TYR A 522 -22.77 -11.31 -11.50
CA TYR A 522 -21.87 -12.20 -12.22
C TYR A 522 -21.57 -13.45 -11.40
N TYR A 523 -21.37 -13.30 -10.10
CA TYR A 523 -21.10 -14.45 -9.25
C TYR A 523 -22.30 -15.40 -9.23
N LEU A 524 -23.50 -14.87 -8.99
CA LEU A 524 -24.69 -15.72 -8.92
C LEU A 524 -24.94 -16.40 -10.26
N ALA A 525 -24.72 -15.68 -11.36
CA ALA A 525 -24.88 -16.27 -12.69
C ALA A 525 -23.66 -17.09 -13.12
N GLN A 526 -22.57 -17.03 -12.37
CA GLN A 526 -21.36 -17.79 -12.69
C GLN A 526 -20.90 -17.50 -14.12
N ILE A 527 -20.84 -16.23 -14.46
CA ILE A 527 -20.37 -15.81 -15.77
C ILE A 527 -18.85 -15.92 -15.80
N GLY A 528 -18.32 -16.66 -16.77
CA GLY A 528 -16.88 -16.82 -16.87
C GLY A 528 -16.20 -15.49 -17.19
N ILE A 529 -15.05 -15.27 -16.54
CA ILE A 529 -14.26 -14.06 -16.75
C ILE A 529 -12.84 -14.48 -17.06
N ALA A 530 -12.36 -14.14 -18.25
CA ALA A 530 -10.99 -14.43 -18.66
C ALA A 530 -10.14 -13.20 -18.36
N MET A 531 -9.22 -13.34 -17.41
CA MET A 531 -8.44 -12.21 -16.90
C MET A 531 -6.98 -12.35 -17.32
N SER A 532 -6.34 -11.21 -17.58
CA SER A 532 -4.96 -11.13 -18.03
C SER A 532 -4.23 -10.10 -17.17
N PRO A 533 -3.85 -10.48 -15.94
CA PRO A 533 -3.22 -9.50 -15.05
C PRO A 533 -1.99 -8.83 -15.65
N LEU A 534 -1.15 -9.60 -16.36
CA LEU A 534 0.04 -8.99 -16.95
C LEU A 534 -0.33 -7.95 -17.99
N SER A 535 -1.32 -8.25 -18.84
CA SER A 535 -1.76 -7.26 -19.82
C SER A 535 -2.30 -6.01 -19.13
N ASN A 536 -3.11 -6.19 -18.09
CA ASN A 536 -3.66 -5.05 -17.37
C ASN A 536 -2.55 -4.25 -16.68
N ASN A 537 -1.53 -4.93 -16.15
CA ASN A 537 -0.45 -4.24 -15.47
C ASN A 537 0.26 -3.27 -16.40
N SER A 538 0.37 -3.60 -17.68
CA SER A 538 1.06 -2.75 -18.64
C SER A 538 0.14 -1.78 -19.37
N LEU A 539 -1.17 -1.79 -19.08
CA LEU A 539 -2.11 -0.97 -19.84
C LEU A 539 -2.97 -0.08 -18.95
N PHE A 540 -3.64 -0.67 -17.96
CA PHE A 540 -4.64 0.08 -17.21
C PHE A 540 -4.47 -0.04 -15.69
N LEU A 541 -4.43 -1.26 -15.17
CA LEU A 541 -4.45 -1.49 -13.73
C LEU A 541 -3.20 -2.26 -13.31
N SER A 542 -2.51 -1.74 -12.30
CA SER A 542 -1.28 -2.37 -11.82
C SER A 542 -1.56 -3.72 -11.19
N TYR A 543 -0.51 -4.54 -11.13
CA TYR A 543 -0.67 -5.93 -10.71
C TYR A 543 -1.21 -6.02 -9.28
N HIS A 544 -0.69 -5.20 -8.36
CA HIS A 544 -1.14 -5.29 -6.98
C HIS A 544 -2.57 -4.76 -6.80
N ARG A 545 -3.07 -3.98 -7.75
CA ARG A 545 -4.45 -3.50 -7.70
C ARG A 545 -5.43 -4.42 -8.45
N ASN A 546 -4.94 -5.46 -9.10
CA ASN A 546 -5.81 -6.30 -9.90
C ASN A 546 -6.84 -6.97 -9.01
N PRO A 547 -8.12 -6.97 -9.39
CA PRO A 547 -9.16 -7.59 -8.54
C PRO A 547 -9.24 -9.10 -8.65
N LEU A 548 -8.35 -9.74 -9.40
CA LEU A 548 -8.42 -11.19 -9.57
C LEU A 548 -8.47 -11.95 -8.25
N PRO A 549 -7.61 -11.68 -7.26
CA PRO A 549 -7.71 -12.43 -6.01
C PRO A 549 -9.05 -12.28 -5.32
N GLU A 550 -9.67 -11.10 -5.40
CA GLU A 550 -11.00 -10.93 -4.81
C GLU A 550 -12.06 -11.74 -5.55
N TYR A 551 -12.02 -11.72 -6.88
CA TYR A 551 -12.99 -12.51 -7.65
C TYR A 551 -12.83 -13.99 -7.36
N LEU A 552 -11.59 -14.49 -7.37
CA LEU A 552 -11.34 -15.91 -7.13
C LEU A 552 -11.74 -16.29 -5.71
N SER A 553 -11.45 -15.44 -4.74
CA SER A 553 -11.80 -15.75 -3.36
C SER A 553 -13.31 -15.82 -3.17
N ARG A 554 -14.04 -14.92 -3.83
CA ARG A 554 -15.49 -14.83 -3.66
C ARG A 554 -16.25 -15.86 -4.49
N GLY A 555 -15.58 -16.62 -5.34
CA GLY A 555 -16.20 -17.71 -6.06
C GLY A 555 -16.58 -17.43 -7.50
N LEU A 556 -16.20 -16.27 -8.04
CA LEU A 556 -16.47 -15.99 -9.45
C LEU A 556 -15.67 -16.92 -10.34
N MET A 557 -16.29 -17.33 -11.45
CA MET A 557 -15.64 -18.22 -12.39
C MET A 557 -14.58 -17.45 -13.17
N VAL A 558 -13.36 -17.41 -12.65
CA VAL A 558 -12.27 -16.66 -13.24
C VAL A 558 -11.23 -17.62 -13.80
N SER A 559 -10.61 -17.23 -14.92
CA SER A 559 -9.55 -17.98 -15.53
C SER A 559 -8.43 -17.02 -15.93
N LEU A 560 -7.22 -17.57 -16.06
CA LEU A 560 -6.05 -16.79 -16.39
C LEU A 560 -5.74 -16.91 -17.87
N SER A 561 -5.34 -15.80 -18.49
CA SER A 561 -5.05 -15.75 -19.92
C SER A 561 -3.92 -14.76 -20.16
N THR A 562 -3.27 -14.90 -21.30
CA THR A 562 -2.11 -14.07 -21.63
C THR A 562 -2.46 -12.85 -22.45
N ASP A 563 -3.59 -12.87 -23.18
CA ASP A 563 -4.05 -11.76 -23.99
C ASP A 563 -3.14 -11.51 -25.20
N ASP A 564 -2.00 -10.89 -24.98
CA ASP A 564 -1.07 -10.53 -26.05
C ASP A 564 0.35 -10.88 -25.62
N PRO A 565 0.74 -12.15 -25.75
CA PRO A 565 2.10 -12.52 -25.36
C PRO A 565 3.18 -11.73 -26.08
N LEU A 566 2.93 -11.30 -27.32
CA LEU A 566 3.94 -10.55 -28.04
C LEU A 566 4.28 -9.25 -27.34
N GLN A 567 3.28 -8.54 -26.83
CA GLN A 567 3.48 -7.22 -26.24
C GLN A 567 3.80 -7.27 -24.75
N PHE A 568 3.76 -8.45 -24.12
CA PHE A 568 3.80 -8.50 -22.66
C PHE A 568 4.83 -9.49 -22.11
N HIS A 569 4.73 -10.76 -22.51
CA HIS A 569 5.52 -11.80 -21.87
C HIS A 569 6.95 -11.84 -22.41
N PHE A 570 7.84 -12.44 -21.63
CA PHE A 570 9.25 -12.53 -21.94
C PHE A 570 9.75 -13.95 -22.13
N THR A 571 9.12 -14.94 -21.50
CA THR A 571 9.65 -16.30 -21.48
C THR A 571 9.14 -17.10 -22.68
N LYS A 572 9.65 -18.33 -22.80
CA LYS A 572 9.24 -19.21 -23.88
C LYS A 572 7.82 -19.73 -23.72
N GLU A 573 7.27 -19.67 -22.50
CA GLU A 573 5.93 -20.19 -22.20
C GLU A 573 5.12 -19.06 -21.56
N PRO A 574 4.51 -18.19 -22.40
CA PRO A 574 3.74 -17.08 -21.81
C PRO A 574 2.65 -17.53 -20.86
N LEU A 575 1.95 -18.61 -21.16
CA LEU A 575 0.89 -19.07 -20.27
C LEU A 575 1.44 -19.51 -18.93
N MET A 576 2.53 -20.29 -18.93
CA MET A 576 3.17 -20.67 -17.68
C MET A 576 3.68 -19.45 -16.93
N GLU A 577 4.25 -18.49 -17.67
CA GLU A 577 4.71 -17.24 -17.06
C GLU A 577 3.54 -16.51 -16.39
N GLU A 578 2.39 -16.47 -17.06
CA GLU A 578 1.23 -15.81 -16.48
C GLU A 578 0.80 -16.48 -15.18
N TYR A 579 0.75 -17.82 -15.18
CA TYR A 579 0.37 -18.54 -13.97
C TYR A 579 1.37 -18.33 -12.86
N SER A 580 2.66 -18.36 -13.19
CA SER A 580 3.69 -18.26 -12.14
C SER A 580 3.61 -16.94 -11.40
N ILE A 581 3.51 -15.83 -12.13
CA ILE A 581 3.52 -14.52 -11.50
C ILE A 581 2.31 -14.35 -10.60
N ALA A 582 1.14 -14.82 -11.05
CA ALA A 582 -0.05 -14.76 -10.21
C ALA A 582 0.15 -15.57 -8.93
N THR A 583 0.76 -16.74 -9.05
CA THR A 583 0.99 -17.57 -7.86
C THR A 583 1.95 -16.89 -6.89
N GLN A 584 3.03 -16.30 -7.41
CA GLN A 584 4.03 -15.70 -6.53
C GLN A 584 3.49 -14.43 -5.87
N VAL A 585 2.88 -13.55 -6.64
CA VAL A 585 2.46 -12.25 -6.12
C VAL A 585 1.39 -12.42 -5.06
N TRP A 586 0.37 -13.21 -5.36
CA TRP A 586 -0.77 -13.41 -4.45
C TRP A 586 -0.62 -14.66 -3.60
N LYS A 587 0.52 -15.35 -3.67
CA LYS A 587 0.79 -16.53 -2.87
C LYS A 587 -0.36 -17.54 -2.98
N LEU A 588 -0.76 -17.81 -4.22
CA LEU A 588 -1.83 -18.75 -4.47
C LEU A 588 -1.37 -20.18 -4.17
N SER A 589 -2.27 -20.94 -3.55
CA SER A 589 -1.98 -22.32 -3.23
C SER A 589 -2.05 -23.20 -4.47
N SER A 590 -1.53 -24.42 -4.35
CA SER A 590 -1.66 -25.38 -5.44
C SER A 590 -3.12 -25.63 -5.78
N CYS A 591 -3.99 -25.65 -4.75
CA CYS A 591 -5.42 -25.79 -4.99
C CYS A 591 -5.96 -24.59 -5.78
N ASP A 592 -5.51 -23.39 -5.44
CA ASP A 592 -5.96 -22.21 -6.17
C ASP A 592 -5.55 -22.27 -7.64
N MET A 593 -4.31 -22.70 -7.89
CA MET A 593 -3.84 -22.79 -9.27
C MET A 593 -4.63 -23.80 -10.06
N CYS A 594 -4.89 -24.98 -9.48
CA CYS A 594 -5.62 -26.01 -10.20
C CYS A 594 -7.07 -25.62 -10.43
N GLU A 595 -7.68 -24.93 -9.46
CA GLU A 595 -9.05 -24.46 -9.64
C GLU A 595 -9.13 -23.49 -10.81
N LEU A 596 -8.14 -22.61 -10.96
CA LEU A 596 -8.11 -21.72 -12.11
C LEU A 596 -8.00 -22.49 -13.41
N ALA A 597 -7.15 -23.52 -13.44
CA ALA A 597 -7.03 -24.33 -14.64
C ALA A 597 -8.35 -25.01 -14.98
N ARG A 598 -9.04 -25.56 -13.97
CA ARG A 598 -10.33 -26.19 -14.22
C ARG A 598 -11.34 -25.18 -14.75
N ASN A 599 -11.35 -23.97 -14.18
CA ASN A 599 -12.25 -22.94 -14.68
C ASN A 599 -11.96 -22.58 -16.12
N SER A 600 -10.67 -22.50 -16.48
CA SER A 600 -10.32 -22.17 -17.85
C SER A 600 -10.87 -23.21 -18.83
N VAL A 601 -10.77 -24.49 -18.49
CA VAL A 601 -11.32 -25.53 -19.36
C VAL A 601 -12.83 -25.37 -19.48
N LEU A 602 -13.50 -25.15 -18.34
CA LEU A 602 -14.96 -25.05 -18.36
C LEU A 602 -15.42 -23.86 -19.19
N MET A 603 -14.71 -22.74 -19.11
CA MET A 603 -15.06 -21.57 -19.92
C MET A 603 -14.81 -21.80 -21.40
N SER A 604 -13.88 -22.69 -21.74
CA SER A 604 -13.43 -22.83 -23.11
C SER A 604 -14.54 -23.40 -24.00
N GLY A 605 -14.36 -23.23 -25.31
CA GLY A 605 -15.27 -23.72 -26.31
C GLY A 605 -14.96 -25.10 -26.84
N PHE A 606 -14.08 -25.85 -26.17
CA PHE A 606 -13.75 -27.19 -26.63
C PHE A 606 -14.97 -28.10 -26.54
N SER A 607 -14.99 -29.11 -27.40
CA SER A 607 -16.17 -29.96 -27.54
C SER A 607 -16.43 -30.75 -26.26
N HIS A 608 -17.66 -31.25 -26.15
CA HIS A 608 -18.03 -32.09 -25.02
C HIS A 608 -17.18 -33.35 -24.98
N LYS A 609 -16.91 -33.95 -26.14
CA LYS A 609 -16.07 -35.15 -26.18
C LYS A 609 -14.70 -34.88 -25.60
N VAL A 610 -14.06 -33.78 -26.03
CA VAL A 610 -12.72 -33.47 -25.54
C VAL A 610 -12.74 -33.17 -24.06
N LYS A 611 -13.71 -32.36 -23.60
CA LYS A 611 -13.78 -32.02 -22.18
C LYS A 611 -14.03 -33.27 -21.33
N SER A 612 -14.86 -34.19 -21.82
CA SER A 612 -15.07 -35.44 -21.09
C SER A 612 -13.76 -36.22 -20.96
N HIS A 613 -12.97 -36.24 -22.02
CA HIS A 613 -11.64 -36.85 -21.93
C HIS A 613 -10.75 -36.08 -20.97
N TRP A 614 -10.88 -34.75 -20.94
CA TRP A 614 -10.03 -33.94 -20.06
C TRP A 614 -10.49 -34.05 -18.60
N LEU A 615 -11.72 -33.62 -18.32
CA LEU A 615 -12.21 -33.53 -16.96
C LEU A 615 -12.95 -34.77 -16.49
N GLY A 616 -13.13 -35.76 -17.35
CA GLY A 616 -13.85 -36.95 -16.99
C GLY A 616 -15.26 -36.98 -17.58
N PRO A 617 -15.84 -38.17 -17.68
CA PRO A 617 -17.17 -38.28 -18.31
C PRO A 617 -18.27 -37.52 -17.58
N ASN A 618 -18.15 -37.34 -16.26
CA ASN A 618 -19.19 -36.75 -15.45
C ASN A 618 -18.97 -35.27 -15.17
N TYR A 619 -18.12 -34.60 -15.96
CA TYR A 619 -17.80 -33.21 -15.68
C TYR A 619 -19.01 -32.30 -15.76
N THR A 620 -20.06 -32.70 -16.48
CA THR A 620 -21.25 -31.87 -16.61
C THR A 620 -22.07 -31.81 -15.33
N LYS A 621 -21.83 -32.70 -14.37
CA LYS A 621 -22.56 -32.66 -13.11
C LYS A 621 -22.18 -31.43 -12.30
N GLU A 622 -23.12 -30.99 -11.46
CA GLU A 622 -22.92 -29.83 -10.62
C GLU A 622 -22.24 -30.22 -9.31
N GLY A 623 -21.48 -29.28 -8.75
CA GLY A 623 -20.85 -29.47 -7.47
C GLY A 623 -19.74 -30.50 -7.50
N PRO A 624 -19.46 -31.13 -6.35
CA PRO A 624 -18.39 -32.13 -6.30
C PRO A 624 -18.61 -33.29 -7.26
N GLU A 625 -19.87 -33.65 -7.55
CA GLU A 625 -20.13 -34.78 -8.43
C GLU A 625 -19.49 -34.60 -9.79
N GLY A 626 -19.36 -33.36 -10.25
CA GLY A 626 -18.74 -33.08 -11.53
C GLY A 626 -17.24 -32.92 -11.50
N ASN A 627 -16.61 -33.09 -10.33
CA ASN A 627 -15.17 -32.93 -10.17
C ASN A 627 -14.53 -34.29 -9.90
N ASP A 628 -13.45 -34.58 -10.62
CA ASP A 628 -12.64 -35.78 -10.40
C ASP A 628 -11.21 -35.33 -10.15
N ILE A 629 -10.74 -35.49 -8.92
CA ILE A 629 -9.40 -35.01 -8.56
C ILE A 629 -8.33 -35.69 -9.42
N ARG A 630 -8.57 -36.95 -9.80
CA ARG A 630 -7.62 -37.65 -10.66
C ARG A 630 -7.46 -36.97 -12.02
N ARG A 631 -8.43 -36.14 -12.41
CA ARG A 631 -8.38 -35.43 -13.68
C ARG A 631 -8.12 -33.94 -13.54
N THR A 632 -8.48 -33.33 -12.40
CA THR A 632 -8.34 -31.90 -12.19
C THR A 632 -7.33 -31.52 -11.12
N ASN A 633 -6.99 -32.45 -10.23
CA ASN A 633 -6.13 -32.17 -9.07
C ASN A 633 -6.77 -31.17 -8.12
N VAL A 634 -8.07 -30.96 -8.23
CA VAL A 634 -8.81 -30.05 -7.36
C VAL A 634 -9.54 -30.90 -6.32
N PRO A 635 -9.21 -30.78 -5.03
CA PRO A 635 -9.93 -31.56 -4.02
C PRO A 635 -11.42 -31.21 -4.02
N ASP A 636 -12.25 -32.24 -3.78
CA ASP A 636 -13.68 -32.00 -3.68
C ASP A 636 -14.02 -31.07 -2.51
N ILE A 637 -13.10 -30.92 -1.56
CA ILE A 637 -13.31 -29.94 -0.50
C ILE A 637 -13.48 -28.55 -1.08
N ARG A 638 -12.60 -28.18 -2.01
CA ARG A 638 -12.70 -26.87 -2.63
C ARG A 638 -13.96 -26.74 -3.48
N VAL A 639 -14.23 -27.74 -4.33
CA VAL A 639 -15.43 -27.70 -5.15
C VAL A 639 -16.67 -27.73 -4.27
N GLY A 640 -16.66 -28.56 -3.22
CA GLY A 640 -17.80 -28.61 -2.33
C GLY A 640 -18.06 -27.27 -1.66
N TYR A 641 -17.00 -26.60 -1.21
CA TYR A 641 -17.17 -25.30 -0.58
C TYR A 641 -17.78 -24.29 -1.55
N ARG A 642 -17.30 -24.27 -2.80
CA ARG A 642 -17.86 -23.34 -3.78
C ARG A 642 -19.33 -23.64 -4.04
N TYR A 643 -19.67 -24.92 -4.20
CA TYR A 643 -21.05 -25.29 -4.51
C TYR A 643 -21.98 -24.95 -3.35
N GLU A 644 -21.57 -25.27 -2.12
CA GLU A 644 -22.41 -24.95 -0.97
C GLU A 644 -22.57 -23.44 -0.82
N THR A 645 -21.48 -22.69 -0.98
CA THR A 645 -21.57 -21.24 -0.86
C THR A 645 -22.50 -20.66 -1.92
N LEU A 646 -22.37 -21.13 -3.16
CA LEU A 646 -23.23 -20.63 -4.23
C LEU A 646 -24.69 -20.97 -3.97
N CYS A 647 -24.96 -22.22 -3.58
CA CYS A 647 -26.33 -22.63 -3.32
C CYS A 647 -26.94 -21.85 -2.16
N GLN A 648 -26.16 -21.65 -1.10
CA GLN A 648 -26.67 -20.90 0.05
C GLN A 648 -27.01 -19.46 -0.33
N GLU A 649 -26.16 -18.81 -1.12
CA GLU A 649 -26.43 -17.45 -1.56
C GLU A 649 -27.68 -17.41 -2.46
N LEU A 650 -27.80 -18.35 -3.39
CA LEU A 650 -28.98 -18.39 -4.25
C LEU A 650 -30.24 -18.65 -3.43
N ALA A 651 -30.15 -19.55 -2.45
CA ALA A 651 -31.31 -19.81 -1.60
C ALA A 651 -31.74 -18.56 -0.85
N LEU A 652 -30.77 -17.79 -0.34
CA LEU A 652 -31.10 -16.58 0.38
C LEU A 652 -31.91 -15.63 -0.49
N ILE A 653 -31.45 -15.41 -1.72
CA ILE A 653 -32.15 -14.47 -2.61
C ILE A 653 -33.51 -15.03 -3.02
N THR A 654 -33.55 -16.29 -3.45
CA THR A 654 -34.79 -16.86 -3.97
C THR A 654 -35.80 -17.08 -2.85
N GLN A 655 -35.36 -17.63 -1.72
CA GLN A 655 -36.29 -17.91 -0.63
C GLN A 655 -36.90 -16.63 -0.08
N ALA A 656 -36.13 -15.54 -0.05
CA ALA A 656 -36.67 -14.27 0.38
C ALA A 656 -37.81 -13.82 -0.54
N VAL A 657 -37.64 -13.97 -1.85
CA VAL A 657 -38.68 -13.58 -2.78
C VAL A 657 -39.90 -14.48 -2.62
N GLN A 658 -39.69 -15.79 -2.44
CA GLN A 658 -40.81 -16.71 -2.35
C GLN A 658 -41.75 -16.35 -1.20
N SER A 659 -41.21 -15.78 -0.12
CA SER A 659 -42.06 -15.41 1.01
C SER A 659 -43.15 -14.44 0.57
N GLU A 660 -42.79 -13.46 -0.27
CA GLU A 660 -43.79 -12.55 -0.81
C GLU A 660 -44.72 -13.27 -1.78
N MET A 661 -44.21 -14.29 -2.48
CA MET A 661 -45.02 -15.09 -3.38
C MET A 661 -45.72 -16.25 -2.68
N LEU A 662 -45.55 -16.37 -1.37
CA LEU A 662 -46.14 -17.48 -0.60
C LEU A 662 -47.17 -16.96 0.39
N GLU B 17 25.86 12.19 -25.15
CA GLU B 17 25.40 13.33 -24.31
C GLU B 17 23.96 13.11 -23.83
N PHE B 18 23.71 13.40 -22.55
CA PHE B 18 22.39 13.25 -21.97
C PHE B 18 22.12 14.44 -21.05
N GLN B 19 20.89 14.52 -20.56
CA GLN B 19 20.48 15.63 -19.71
C GLN B 19 20.91 15.35 -18.27
N ARG B 20 21.56 16.33 -17.65
CA ARG B 20 22.11 16.19 -16.31
C ARG B 20 21.44 17.17 -15.36
N VAL B 21 21.22 16.72 -14.14
CA VAL B 21 20.63 17.55 -13.09
C VAL B 21 21.74 18.22 -12.30
N THR B 22 21.66 19.54 -12.16
CA THR B 22 22.69 20.34 -11.50
C THR B 22 22.12 20.96 -10.24
N ILE B 23 22.98 21.14 -9.25
CA ILE B 23 22.64 21.80 -7.99
C ILE B 23 23.55 23.02 -7.84
N SER B 24 22.93 24.18 -7.62
CA SER B 24 23.66 25.43 -7.42
C SER B 24 23.35 25.96 -6.03
N GLY B 25 24.39 26.40 -5.33
CA GLY B 25 24.23 26.95 -3.99
C GLY B 25 25.38 26.61 -3.08
N GLU B 26 25.28 27.02 -1.81
CA GLU B 26 26.34 26.77 -0.84
C GLU B 26 26.21 25.37 -0.24
N GLU B 27 25.12 25.12 0.49
CA GLU B 27 24.87 23.82 1.11
C GLU B 27 24.26 22.88 0.07
N LYS B 28 25.10 22.46 -0.88
CA LYS B 28 24.61 21.66 -1.99
C LYS B 28 24.07 20.32 -1.53
N CYS B 29 24.71 19.70 -0.53
CA CYS B 29 24.25 18.42 -0.02
C CYS B 29 22.98 18.52 0.81
N GLY B 30 22.57 19.73 1.19
CA GLY B 30 21.33 19.91 1.92
C GLY B 30 21.46 19.92 3.42
N VAL B 31 22.67 19.87 3.96
CA VAL B 31 22.86 19.89 5.41
C VAL B 31 23.97 20.89 5.74
N PRO B 32 24.02 21.37 6.99
CA PRO B 32 25.11 22.27 7.37
C PRO B 32 26.46 21.60 7.22
N PHE B 33 27.47 22.40 6.87
CA PHE B 33 28.80 21.85 6.62
C PHE B 33 29.33 21.10 7.84
N THR B 34 29.01 21.58 9.04
CA THR B 34 29.47 20.89 10.25
C THR B 34 28.91 19.48 10.31
N ASP B 35 27.63 19.31 9.99
CA ASP B 35 27.05 17.98 9.93
C ASP B 35 27.68 17.15 8.82
N LEU B 36 27.92 17.76 7.67
CA LEU B 36 28.56 17.03 6.57
C LEU B 36 29.94 16.54 6.98
N LEU B 37 30.73 17.40 7.64
CA LEU B 37 32.06 17.00 8.07
C LEU B 37 32.00 15.85 9.05
N ASP B 38 31.05 15.90 9.99
CA ASP B 38 30.92 14.82 10.97
C ASP B 38 30.62 13.50 10.28
N ALA B 39 29.65 13.48 9.37
CA ALA B 39 29.31 12.26 8.65
C ALA B 39 30.44 11.83 7.73
N ALA B 40 31.07 12.78 7.04
CA ALA B 40 32.12 12.43 6.08
C ALA B 40 33.30 11.77 6.77
N LYS B 41 33.70 12.29 7.94
CA LYS B 41 34.84 11.71 8.64
C LYS B 41 34.58 10.26 9.02
N SER B 42 33.38 9.95 9.51
CA SER B 42 33.04 8.58 9.88
C SER B 42 32.91 7.68 8.65
N VAL B 43 32.32 8.20 7.57
CA VAL B 43 32.12 7.36 6.38
C VAL B 43 33.48 7.04 5.75
N VAL B 44 34.40 8.01 5.73
CA VAL B 44 35.75 7.73 5.21
C VAL B 44 36.45 6.72 6.10
N ARG B 45 36.33 6.87 7.42
CA ARG B 45 36.96 5.91 8.32
C ARG B 45 36.43 4.50 8.10
N ALA B 46 35.12 4.37 7.93
CA ALA B 46 34.52 3.06 7.68
C ALA B 46 35.04 2.47 6.37
N LEU B 47 35.15 3.29 5.32
CA LEU B 47 35.63 2.79 4.04
C LEU B 47 37.06 2.29 4.15
N PHE B 48 37.91 3.03 4.88
CA PHE B 48 39.30 2.58 5.06
C PHE B 48 39.34 1.23 5.77
N ILE B 49 38.42 1.00 6.72
CA ILE B 49 38.39 -0.28 7.40
C ILE B 49 38.14 -1.40 6.42
N ARG B 50 37.15 -1.23 5.53
CA ARG B 50 36.90 -2.25 4.51
C ARG B 50 38.09 -2.41 3.57
N GLU B 51 38.68 -1.30 3.15
CA GLU B 51 39.83 -1.37 2.24
C GLU B 51 40.97 -2.17 2.86
N LYS B 52 41.20 -1.98 4.16
CA LYS B 52 42.29 -2.70 4.83
C LYS B 52 42.08 -4.21 4.77
N TYR B 53 40.87 -4.67 5.07
CA TYR B 53 40.62 -6.11 5.13
C TYR B 53 40.48 -6.72 3.74
N MET B 54 40.01 -5.96 2.75
CA MET B 54 40.05 -6.45 1.38
C MET B 54 41.50 -6.66 0.93
N ALA B 55 42.38 -5.72 1.29
CA ALA B 55 43.80 -5.89 0.97
C ALA B 55 44.39 -7.11 1.68
N LEU B 56 44.03 -7.31 2.95
CA LEU B 56 44.56 -8.43 3.70
C LEU B 56 44.15 -9.76 3.07
N SER B 57 42.91 -9.85 2.61
CA SER B 57 42.38 -11.08 2.05
C SER B 57 42.58 -11.21 0.55
N LEU B 58 43.25 -10.25 -0.09
CA LEU B 58 43.44 -10.26 -1.53
C LEU B 58 42.10 -10.28 -2.27
N GLN B 59 41.10 -9.61 -1.69
CA GLN B 59 39.78 -9.48 -2.26
C GLN B 59 39.62 -8.10 -2.88
N SER B 60 38.55 -7.95 -3.67
CA SER B 60 38.35 -6.75 -4.46
C SER B 60 37.86 -5.58 -3.63
N PHE B 61 38.26 -4.38 -4.03
CA PHE B 61 37.74 -3.13 -3.50
C PHE B 61 37.46 -2.20 -4.67
N CYS B 62 36.37 -1.45 -4.57
CA CYS B 62 35.90 -0.64 -5.70
C CYS B 62 37.00 0.30 -6.18
N PRO B 63 37.41 0.24 -7.44
CA PRO B 63 38.47 1.16 -7.90
C PRO B 63 38.10 2.63 -7.75
N THR B 64 36.83 2.99 -8.01
CA THR B 64 36.43 4.38 -7.89
C THR B 64 36.54 4.85 -6.44
N THR B 65 36.11 4.02 -5.49
CA THR B 65 36.26 4.36 -4.09
C THR B 65 37.74 4.44 -3.71
N ARG B 66 38.55 3.53 -4.24
CA ARG B 66 39.98 3.51 -3.91
C ARG B 66 40.65 4.81 -4.35
N ARG B 67 40.31 5.31 -5.54
CA ARG B 67 40.95 6.52 -6.04
C ARG B 67 40.66 7.71 -5.14
N TYR B 68 39.42 7.86 -4.67
CA TYR B 68 39.09 8.98 -3.81
C TYR B 68 39.69 8.82 -2.42
N LEU B 69 39.82 7.59 -1.94
CA LEU B 69 40.44 7.37 -0.64
C LEU B 69 41.94 7.64 -0.69
N GLN B 70 42.59 7.37 -1.82
CA GLN B 70 44.02 7.61 -1.93
C GLN B 70 44.36 9.09 -1.78
N GLN B 71 43.40 9.99 -2.02
CA GLN B 71 43.67 11.41 -1.90
C GLN B 71 43.84 11.83 -0.44
N LEU B 72 43.07 11.22 0.46
CA LEU B 72 43.14 11.53 1.88
C LEU B 72 44.21 10.74 2.62
N ALA B 73 44.80 9.73 1.99
CA ALA B 73 45.77 8.87 2.66
C ALA B 73 47.18 9.20 2.21
N GLU B 74 48.10 9.25 3.17
CA GLU B 74 49.51 9.47 2.86
C GLU B 74 50.22 8.18 2.48
N LYS B 75 49.81 7.06 3.06
CA LYS B 75 50.41 5.77 2.74
C LYS B 75 49.79 5.20 1.45
N PRO B 76 50.57 4.47 0.66
CA PRO B 76 49.97 3.74 -0.46
C PRO B 76 48.96 2.72 0.04
N LEU B 77 47.85 2.60 -0.69
CA LEU B 77 46.83 1.62 -0.35
C LEU B 77 47.28 0.23 -0.83
N GLU B 78 47.16 -0.76 0.05
CA GLU B 78 47.66 -2.10 -0.24
C GLU B 78 46.79 -2.88 -1.21
N THR B 79 45.56 -2.43 -1.47
CA THR B 79 44.71 -3.11 -2.45
C THR B 79 45.32 -2.97 -3.83
N ARG B 80 45.19 -4.01 -4.64
CA ARG B 80 45.76 -4.04 -5.99
C ARG B 80 44.69 -4.33 -7.03
N ALA B 94 36.60 -9.75 -31.02
CA ALA B 94 36.49 -11.16 -30.67
C ALA B 94 35.03 -11.57 -30.47
N PRO B 95 34.71 -12.82 -30.74
CA PRO B 95 33.31 -13.27 -30.57
C PRO B 95 32.86 -13.17 -29.12
N VAL B 96 31.58 -12.88 -28.93
CA VAL B 96 31.03 -12.77 -27.59
C VAL B 96 31.15 -14.09 -26.85
N HIS B 97 30.87 -15.20 -27.53
CA HIS B 97 30.98 -16.50 -26.90
C HIS B 97 32.44 -16.81 -26.60
N PRO B 98 32.77 -17.24 -25.38
CA PRO B 98 34.16 -17.60 -25.10
C PRO B 98 34.61 -18.73 -25.99
N PRO B 99 35.90 -18.80 -26.31
CA PRO B 99 36.37 -19.87 -27.20
C PRO B 99 36.03 -21.24 -26.64
N ALA B 100 35.65 -22.15 -27.53
CA ALA B 100 35.24 -23.49 -27.12
C ALA B 100 36.38 -24.21 -26.42
N LEU B 101 36.08 -24.84 -25.28
CA LEU B 101 37.07 -25.59 -24.56
C LEU B 101 37.49 -26.82 -25.34
N GLU B 102 38.80 -27.12 -25.33
CA GLU B 102 39.31 -28.24 -26.11
C GLU B 102 38.84 -29.57 -25.52
N GLN B 103 39.22 -29.87 -24.28
CA GLN B 103 38.89 -31.13 -23.64
C GLN B 103 38.49 -30.87 -22.19
N HIS B 104 37.84 -31.86 -21.61
CA HIS B 104 37.33 -31.71 -20.25
C HIS B 104 38.50 -31.50 -19.28
N PRO B 105 38.43 -30.52 -18.38
CA PRO B 105 39.55 -30.31 -17.44
C PRO B 105 39.84 -31.52 -16.57
N TYR B 106 38.85 -32.35 -16.27
CA TYR B 106 39.02 -33.50 -15.41
C TYR B 106 39.33 -34.79 -16.18
N GLU B 107 39.53 -34.70 -17.50
CA GLU B 107 39.73 -35.91 -18.30
C GLU B 107 40.95 -36.69 -17.82
N HIS B 108 42.05 -36.00 -17.58
CA HIS B 108 43.29 -36.61 -17.12
C HIS B 108 43.70 -35.98 -15.79
N CYS B 109 44.14 -36.82 -14.87
CA CYS B 109 44.55 -36.39 -13.52
C CYS B 109 45.87 -37.09 -13.20
N GLU B 110 46.98 -36.46 -13.60
CA GLU B 110 48.30 -37.01 -13.33
C GLU B 110 49.00 -36.20 -12.25
N PRO B 111 49.16 -36.73 -11.03
CA PRO B 111 49.88 -35.97 -9.99
C PRO B 111 51.32 -35.65 -10.35
N SER B 112 51.93 -36.41 -11.26
CA SER B 112 53.35 -36.20 -11.57
C SER B 112 53.58 -34.81 -12.16
N THR B 113 52.71 -34.38 -13.08
CA THR B 113 52.88 -33.10 -13.74
C THR B 113 52.51 -31.91 -12.86
N MET B 114 51.83 -32.15 -11.73
CA MET B 114 51.41 -31.07 -10.87
C MET B 114 52.62 -30.43 -10.18
N PRO B 115 52.48 -29.21 -9.68
CA PRO B 115 53.60 -28.55 -9.01
C PRO B 115 54.12 -29.37 -7.84
N GLY B 116 55.44 -29.31 -7.64
CA GLY B 116 56.07 -30.11 -6.62
C GLY B 116 55.77 -29.63 -5.21
N ASP B 117 56.18 -30.46 -4.24
CA ASP B 117 55.95 -30.15 -2.84
C ASP B 117 56.95 -29.10 -2.36
N LEU B 118 56.46 -28.11 -1.63
CA LEU B 118 57.30 -27.08 -1.03
C LEU B 118 57.76 -27.45 0.37
N GLY B 119 57.28 -28.56 0.93
CA GLY B 119 57.71 -28.98 2.25
C GLY B 119 57.29 -28.06 3.37
N LEU B 120 56.34 -27.17 3.12
CA LEU B 120 55.92 -26.24 4.16
C LEU B 120 55.09 -26.94 5.22
N GLY B 121 55.30 -26.54 6.47
CA GLY B 121 54.53 -27.09 7.57
C GLY B 121 53.29 -26.26 7.87
N LEU B 122 52.28 -26.93 8.42
CA LEU B 122 51.00 -26.30 8.71
C LEU B 122 50.59 -26.62 10.14
N ARG B 123 50.14 -25.59 10.86
CA ARG B 123 49.67 -25.77 12.23
C ARG B 123 48.68 -24.66 12.54
N MET B 124 47.57 -25.03 13.19
CA MET B 124 46.57 -24.05 13.59
C MET B 124 47.05 -23.32 14.83
N VAL B 125 47.08 -21.99 14.76
CA VAL B 125 47.53 -21.14 15.86
C VAL B 125 46.40 -20.16 16.16
N ARG B 126 45.76 -20.34 17.32
CA ARG B 126 44.67 -19.47 17.76
C ARG B 126 43.57 -19.39 16.69
N GLY B 127 43.27 -20.53 16.07
CA GLY B 127 42.18 -20.62 15.13
C GLY B 127 42.53 -20.25 13.69
N VAL B 128 43.78 -19.91 13.40
CA VAL B 128 44.21 -19.52 12.07
C VAL B 128 45.41 -20.37 11.68
N VAL B 129 45.40 -20.90 10.46
CA VAL B 129 46.48 -21.73 9.99
C VAL B 129 47.74 -20.90 9.81
N HIS B 130 48.86 -21.40 10.32
CA HIS B 130 50.18 -20.80 10.14
C HIS B 130 51.06 -21.74 9.33
N VAL B 131 51.82 -21.17 8.39
CA VAL B 131 52.67 -21.93 7.49
C VAL B 131 54.10 -21.86 8.00
N TYR B 132 54.77 -23.01 8.02
CA TYR B 132 56.13 -23.12 8.55
C TYR B 132 57.07 -23.65 7.49
N THR B 133 58.36 -23.29 7.62
CA THR B 133 59.33 -23.62 6.59
C THR B 133 59.50 -25.12 6.41
N ARG B 134 59.21 -25.90 7.44
CA ARG B 134 59.33 -27.35 7.37
C ARG B 134 58.12 -28.00 8.04
N ARG B 135 57.79 -29.21 7.59
CA ARG B 135 56.64 -29.91 8.13
C ARG B 135 56.89 -30.34 9.56
N GLU B 136 55.93 -30.04 10.44
CA GLU B 136 56.00 -30.42 11.84
C GLU B 136 57.29 -29.90 12.48
N CYS B 141 62.44 -25.43 11.87
CA CYS B 141 60.99 -25.28 11.74
C CYS B 141 60.58 -23.82 11.98
N SER B 142 60.98 -22.94 11.06
CA SER B 142 60.66 -21.52 11.16
C SER B 142 59.22 -21.29 10.68
N GLU B 143 58.77 -20.04 10.79
CA GLU B 143 57.43 -19.64 10.41
C GLU B 143 57.47 -18.80 9.15
N VAL B 144 56.64 -19.14 8.18
CA VAL B 144 56.56 -18.37 6.94
C VAL B 144 55.85 -17.05 7.21
N GLU B 145 56.47 -15.94 6.79
CA GLU B 145 55.92 -14.62 7.06
C GLU B 145 54.67 -14.40 6.22
N LEU B 146 53.51 -14.38 6.87
CA LEU B 146 52.24 -14.05 6.25
C LEU B 146 51.52 -13.06 7.13
N PRO B 147 50.66 -12.20 6.55
CA PRO B 147 49.97 -11.19 7.37
C PRO B 147 48.90 -11.79 8.26
N TYR B 148 49.30 -12.52 9.29
CA TYR B 148 48.34 -13.21 10.14
C TYR B 148 47.42 -12.20 10.83
N PRO B 149 46.10 -12.35 10.70
CA PRO B 149 45.20 -11.33 11.26
C PRO B 149 45.34 -11.19 12.76
N ASP B 150 45.12 -9.97 13.24
CA ASP B 150 45.12 -9.66 14.66
C ASP B 150 43.68 -9.48 15.12
N LEU B 151 43.25 -10.31 16.08
CA LEU B 151 41.88 -10.25 16.54
C LEU B 151 41.56 -8.93 17.24
N GLN B 152 42.51 -8.42 18.02
CA GLN B 152 42.27 -7.18 18.75
C GLN B 152 42.00 -6.02 17.80
N GLU B 153 42.75 -5.94 16.70
CA GLU B 153 42.48 -4.92 15.71
C GLU B 153 41.09 -5.07 15.10
N PHE B 154 40.68 -6.31 14.84
CA PHE B 154 39.35 -6.54 14.29
C PHE B 154 38.25 -6.10 15.24
N VAL B 155 38.40 -6.41 16.53
CA VAL B 155 37.39 -6.00 17.51
C VAL B 155 37.28 -4.50 17.58
N ALA B 156 38.43 -3.80 17.58
CA ALA B 156 38.40 -2.34 17.65
C ALA B 156 37.70 -1.75 16.43
N ASP B 157 37.98 -2.28 15.24
CA ASP B 157 37.31 -1.79 14.05
C ASP B 157 35.81 -2.05 14.11
N VAL B 158 35.42 -3.22 14.60
CA VAL B 158 34.00 -3.55 14.72
C VAL B 158 33.31 -2.58 15.66
N ASN B 159 33.94 -2.26 16.79
CA ASN B 159 33.31 -1.39 17.76
C ASN B 159 33.06 0.00 17.18
N VAL B 160 33.97 0.48 16.34
CA VAL B 160 33.77 1.78 15.69
C VAL B 160 32.53 1.72 14.80
N LEU B 161 32.42 0.67 13.99
CA LEU B 161 31.28 0.53 13.10
C LEU B 161 29.98 0.34 13.88
N MET B 162 30.01 -0.46 14.95
CA MET B 162 28.81 -0.65 15.75
C MET B 162 28.31 0.67 16.33
N ALA B 163 29.23 1.56 16.69
CA ALA B 163 28.83 2.88 17.17
C ALA B 163 28.29 3.75 16.03
N LEU B 164 28.86 3.61 14.82
CA LEU B 164 28.46 4.42 13.69
C LEU B 164 27.06 4.04 13.19
N ILE B 165 26.70 2.77 13.30
CA ILE B 165 25.43 2.26 12.76
C ILE B 165 24.27 2.65 13.67
N ILE B 166 24.55 3.22 14.84
CA ILE B 166 23.51 3.69 15.75
C ILE B 166 23.65 5.18 16.03
N ASN B 167 24.51 5.89 15.29
CA ASN B 167 24.67 7.33 15.46
C ASN B 167 23.53 8.04 14.73
N GLY B 168 22.63 8.66 15.50
CA GLY B 168 21.45 9.28 14.95
C GLY B 168 21.75 10.37 13.94
N PRO B 169 22.58 11.34 14.33
CA PRO B 169 22.91 12.42 13.38
C PRO B 169 23.49 11.92 12.07
N ILE B 170 24.32 10.88 12.10
CA ILE B 170 24.93 10.35 10.88
C ILE B 170 23.89 9.49 10.13
N LYS B 171 22.98 8.86 10.87
CA LYS B 171 21.91 8.06 10.28
C LYS B 171 20.97 8.97 9.47
N SER B 172 20.65 10.16 9.98
CA SER B 172 19.79 11.08 9.24
C SER B 172 20.50 11.61 8.00
N PHE B 173 21.79 11.92 8.12
CA PHE B 173 22.55 12.40 6.97
C PHE B 173 22.53 11.36 5.84
N CYS B 174 22.85 10.11 6.19
CA CYS B 174 22.92 9.02 5.23
C CYS B 174 21.55 8.77 4.60
N TYR B 175 20.49 8.81 5.42
CA TYR B 175 19.13 8.62 4.91
C TYR B 175 18.76 9.75 3.94
N ARG B 176 19.16 10.99 4.25
CA ARG B 176 18.91 12.11 3.34
C ARG B 176 19.64 11.89 2.01
N ARG B 177 20.88 11.39 2.06
CA ARG B 177 21.67 11.16 0.85
C ARG B 177 21.04 10.03 0.01
N LEU B 178 20.52 9.01 0.68
CA LEU B 178 19.85 7.91 -0.02
C LEU B 178 18.59 8.40 -0.70
N GLN B 179 17.80 9.24 -0.02
CA GLN B 179 16.61 9.83 -0.66
C GLN B 179 17.02 10.70 -1.85
N TYR B 180 18.16 11.40 -1.73
CA TYR B 180 18.66 12.25 -2.82
C TYR B 180 19.05 11.39 -4.02
N LEU B 181 19.62 10.21 -3.75
CA LEU B 181 20.01 9.28 -4.82
C LEU B 181 18.77 8.75 -5.54
N SER B 182 17.70 8.46 -4.81
CA SER B 182 16.45 8.01 -5.44
C SER B 182 15.82 9.14 -6.25
N SER B 183 15.78 10.36 -5.70
CA SER B 183 15.17 11.48 -6.41
C SER B 183 15.95 11.80 -7.68
N LYS B 184 17.28 11.78 -7.60
CA LYS B 184 18.08 12.08 -8.79
C LYS B 184 17.86 11.05 -9.89
N PHE B 185 17.79 9.76 -9.52
CA PHE B 185 17.55 8.72 -10.52
C PHE B 185 16.16 8.89 -11.14
N GLN B 186 15.15 9.20 -10.32
CA GLN B 186 13.81 9.40 -10.85
C GLN B 186 13.80 10.52 -11.88
N MET B 187 14.47 11.64 -11.58
CA MET B 187 14.55 12.73 -12.54
C MET B 187 15.34 12.32 -13.76
N HIS B 188 16.41 11.54 -13.58
CA HIS B 188 17.21 11.08 -14.71
C HIS B 188 16.38 10.21 -15.65
N VAL B 189 15.59 9.30 -15.10
CA VAL B 189 14.77 8.42 -15.94
C VAL B 189 13.73 9.23 -16.70
N LEU B 190 13.07 10.17 -16.03
CA LEU B 190 12.03 10.96 -16.68
C LEU B 190 12.61 11.74 -17.85
N LEU B 191 13.83 12.25 -17.71
CA LEU B 191 14.42 13.12 -18.71
C LEU B 191 15.34 12.41 -19.69
N ASN B 192 15.61 11.10 -19.50
CA ASN B 192 16.55 10.40 -20.38
C ASN B 192 16.13 8.99 -20.74
N GLU B 193 14.99 8.49 -20.25
CA GLU B 193 14.61 7.11 -20.56
C GLU B 193 14.41 6.92 -22.06
N MET B 194 13.80 7.91 -22.72
CA MET B 194 13.58 7.80 -24.16
C MET B 194 14.90 7.71 -24.90
N LYS B 195 15.87 8.55 -24.53
CA LYS B 195 17.18 8.51 -25.18
C LYS B 195 17.90 7.19 -24.88
N GLU B 196 17.77 6.70 -23.65
CA GLU B 196 18.35 5.39 -23.32
C GLU B 196 17.75 4.29 -24.19
N LEU B 197 16.41 4.31 -24.35
CA LEU B 197 15.77 3.32 -25.19
C LEU B 197 16.22 3.44 -26.65
N ALA B 198 16.35 4.67 -27.14
CA ALA B 198 16.77 4.86 -28.53
C ALA B 198 18.14 4.27 -28.78
N ALA B 199 19.05 4.43 -27.81
CA ALA B 199 20.38 3.84 -27.95
C ALA B 199 20.31 2.32 -28.03
N GLN B 200 19.45 1.71 -27.21
CA GLN B 200 19.28 0.26 -27.26
C GLN B 200 18.72 -0.19 -28.60
N LYS B 201 17.82 0.59 -29.17
CA LYS B 201 17.30 0.24 -30.49
C LYS B 201 18.38 0.35 -31.55
N LYS B 202 19.25 1.36 -31.45
CA LYS B 202 20.24 1.60 -32.50
C LYS B 202 21.29 0.51 -32.54
N VAL B 203 21.71 -0.01 -31.39
CA VAL B 203 22.82 -0.97 -31.40
C VAL B 203 22.42 -2.21 -32.17
N PRO B 204 23.19 -2.66 -33.14
CA PRO B 204 22.79 -3.84 -33.92
C PRO B 204 22.81 -5.11 -33.10
N HIS B 205 21.87 -6.00 -33.40
CA HIS B 205 21.90 -7.39 -32.94
C HIS B 205 21.66 -7.53 -31.43
N ARG B 206 22.45 -6.82 -30.62
CA ARG B 206 22.46 -7.06 -29.19
C ARG B 206 21.11 -6.67 -28.57
N ASP B 207 20.58 -7.56 -27.74
CA ASP B 207 19.36 -7.31 -26.98
C ASP B 207 19.41 -8.13 -25.70
N PHE B 208 18.32 -8.08 -24.93
CA PHE B 208 18.30 -8.76 -23.64
C PHE B 208 18.49 -10.27 -23.78
N TYR B 209 18.06 -10.84 -24.90
CA TYR B 209 18.08 -12.30 -25.04
C TYR B 209 19.45 -12.84 -25.44
N ASN B 210 20.38 -11.98 -25.90
CA ASN B 210 21.72 -12.43 -26.26
C ASN B 210 22.80 -11.74 -25.45
N ILE B 211 22.46 -11.20 -24.28
CA ILE B 211 23.43 -10.69 -23.34
C ILE B 211 23.63 -11.74 -22.26
N ARG B 212 24.75 -11.64 -21.56
CA ARG B 212 25.12 -12.66 -20.57
C ARG B 212 24.40 -12.40 -19.25
N LYS B 213 23.83 -13.45 -18.69
CA LYS B 213 23.19 -13.39 -17.37
C LYS B 213 23.79 -14.49 -16.50
N VAL B 214 24.15 -14.14 -15.27
CA VAL B 214 24.77 -15.05 -14.34
C VAL B 214 23.86 -15.20 -13.12
N ASP B 215 23.46 -16.43 -12.82
CA ASP B 215 22.74 -16.71 -11.58
C ASP B 215 23.74 -16.63 -10.43
N THR B 216 23.93 -15.43 -9.89
CA THR B 216 24.99 -15.16 -8.94
C THR B 216 24.81 -15.84 -7.58
N HIS B 217 23.63 -16.39 -7.30
CA HIS B 217 23.35 -16.95 -5.99
C HIS B 217 22.31 -18.06 -6.17
N ILE B 218 22.79 -19.30 -6.21
CA ILE B 218 21.94 -20.46 -6.44
C ILE B 218 22.60 -21.67 -5.80
N HIS B 219 21.79 -22.55 -5.23
CA HIS B 219 22.28 -23.74 -4.54
C HIS B 219 22.19 -24.96 -5.45
N ALA B 220 23.26 -25.75 -5.49
CA ALA B 220 23.28 -26.94 -6.34
C ALA B 220 22.19 -27.93 -5.92
N SER B 221 21.96 -28.06 -4.61
CA SER B 221 20.96 -29.01 -4.13
C SER B 221 19.55 -28.65 -4.58
N SER B 222 19.34 -27.41 -5.05
CA SER B 222 18.02 -26.97 -5.50
C SER B 222 18.07 -26.33 -6.88
N CYS B 223 19.14 -26.56 -7.64
CA CYS B 223 19.29 -25.90 -8.93
C CYS B 223 18.27 -26.37 -9.96
N MET B 224 17.64 -27.53 -9.74
CA MET B 224 16.62 -28.02 -10.64
C MET B 224 15.23 -27.62 -10.14
N ASN B 225 14.26 -27.69 -11.05
CA ASN B 225 12.87 -27.45 -10.67
C ASN B 225 12.20 -28.76 -10.28
N GLN B 226 11.05 -28.64 -9.63
CA GLN B 226 10.37 -29.83 -9.10
C GLN B 226 9.99 -30.79 -10.21
N LYS B 227 9.48 -30.27 -11.33
CA LYS B 227 9.14 -31.14 -12.45
C LYS B 227 10.37 -31.86 -12.98
N HIS B 228 11.49 -31.15 -13.09
CA HIS B 228 12.73 -31.78 -13.52
C HIS B 228 13.15 -32.89 -12.56
N LEU B 229 13.06 -32.63 -11.25
CA LEU B 229 13.39 -33.65 -10.27
C LEU B 229 12.48 -34.86 -10.40
N LEU B 230 11.18 -34.63 -10.60
CA LEU B 230 10.24 -35.74 -10.74
C LEU B 230 10.59 -36.61 -11.94
N ARG B 231 10.92 -35.99 -13.08
CA ARG B 231 11.24 -36.77 -14.26
C ARG B 231 12.52 -37.59 -14.05
N PHE B 232 13.53 -36.99 -13.41
CA PHE B 232 14.78 -37.72 -13.18
C PHE B 232 14.55 -38.95 -12.31
N ILE B 233 13.79 -38.78 -11.22
CA ILE B 233 13.53 -39.92 -10.33
C ILE B 233 12.75 -41.01 -11.06
N LYS B 234 11.72 -40.61 -11.82
CA LYS B 234 10.91 -41.61 -12.52
C LYS B 234 11.72 -42.36 -13.57
N ARG B 235 12.72 -41.72 -14.17
CA ARG B 235 13.59 -42.42 -15.11
C ARG B 235 14.53 -43.38 -14.38
N ALA B 236 15.06 -42.95 -13.23
CA ALA B 236 16.00 -43.78 -12.49
C ALA B 236 15.34 -45.06 -12.02
N MET B 237 14.08 -44.98 -11.58
CA MET B 237 13.37 -46.16 -11.09
C MET B 237 13.25 -47.23 -12.18
N LYS B 238 13.34 -46.85 -13.44
CA LYS B 238 13.22 -47.78 -14.55
C LYS B 238 14.57 -48.27 -15.07
N ARG B 239 15.68 -47.87 -14.43
CA ARG B 239 17.01 -48.30 -14.82
C ARG B 239 17.75 -48.82 -13.59
N HIS B 240 18.75 -49.66 -13.86
CA HIS B 240 19.56 -50.27 -12.80
C HIS B 240 18.67 -50.96 -11.77
N LEU B 241 17.88 -51.92 -12.27
CA LEU B 241 16.89 -52.58 -11.44
C LEU B 241 17.51 -53.43 -10.33
N GLU B 242 18.81 -53.72 -10.42
CA GLU B 242 19.49 -54.56 -9.45
C GLU B 242 20.51 -53.79 -8.60
N GLU B 243 20.85 -52.56 -8.97
CA GLU B 243 21.85 -51.81 -8.21
C GLU B 243 21.33 -51.46 -6.82
N ILE B 244 22.19 -51.61 -5.83
CA ILE B 244 21.86 -51.24 -4.46
C ILE B 244 22.15 -49.75 -4.28
N VAL B 245 21.14 -49.00 -3.84
CA VAL B 245 21.27 -47.56 -3.69
C VAL B 245 21.08 -47.09 -2.26
N HIS B 246 20.69 -47.98 -1.33
CA HIS B 246 20.47 -47.57 0.05
C HIS B 246 20.53 -48.79 0.94
N VAL B 247 20.95 -48.58 2.19
CA VAL B 247 21.00 -49.62 3.20
C VAL B 247 20.26 -49.09 4.43
N GLU B 248 19.23 -49.82 4.88
CA GLU B 248 18.42 -49.43 6.02
C GLU B 248 18.48 -50.54 7.06
N GLN B 249 18.92 -50.18 8.26
CA GLN B 249 19.08 -51.15 9.36
C GLN B 249 19.91 -52.35 8.91
N GLY B 250 20.99 -52.06 8.18
CA GLY B 250 21.85 -53.12 7.69
C GLY B 250 21.22 -54.00 6.64
N ARG B 251 20.14 -53.54 6.00
CA ARG B 251 19.43 -54.29 4.97
C ARG B 251 19.55 -53.52 3.65
N GLU B 252 20.34 -54.07 2.73
CA GLU B 252 20.54 -53.41 1.45
C GLU B 252 19.25 -53.38 0.65
N GLN B 253 18.99 -52.25 -0.01
CA GLN B 253 17.77 -52.05 -0.78
C GLN B 253 18.11 -51.47 -2.14
N THR B 254 17.49 -52.02 -3.19
CA THR B 254 17.62 -51.44 -4.51
C THR B 254 16.72 -50.20 -4.61
N LEU B 255 16.87 -49.46 -5.72
CA LEU B 255 16.06 -48.26 -5.91
C LEU B 255 14.58 -48.62 -5.95
N ARG B 256 14.23 -49.73 -6.61
CA ARG B 256 12.84 -50.16 -6.63
C ARG B 256 12.34 -50.49 -5.24
N GLU B 257 13.17 -51.17 -4.43
CA GLU B 257 12.75 -51.57 -3.09
C GLU B 257 12.47 -50.36 -2.23
N VAL B 258 13.22 -49.28 -2.40
CA VAL B 258 13.03 -48.09 -1.58
C VAL B 258 11.60 -47.56 -1.76
N PHE B 259 11.16 -47.45 -3.01
CA PHE B 259 9.81 -46.95 -3.27
C PHE B 259 8.75 -47.96 -2.85
N GLU B 260 9.06 -49.25 -2.93
CA GLU B 260 8.13 -50.26 -2.41
C GLU B 260 7.94 -50.11 -0.91
N SER B 261 9.03 -49.79 -0.18
CA SER B 261 8.93 -49.58 1.25
C SER B 261 8.01 -48.40 1.55
N MET B 262 8.08 -47.34 0.76
CA MET B 262 7.19 -46.20 0.90
C MET B 262 5.79 -46.46 0.33
N ASN B 263 5.58 -47.61 -0.30
CA ASN B 263 4.29 -47.96 -0.89
C ASN B 263 3.90 -46.96 -1.98
N LEU B 264 4.87 -46.67 -2.85
CA LEU B 264 4.69 -45.74 -3.95
C LEU B 264 5.22 -46.34 -5.23
N THR B 265 4.55 -46.03 -6.34
CA THR B 265 4.96 -46.44 -7.67
C THR B 265 5.32 -45.22 -8.49
N ALA B 266 5.94 -45.45 -9.65
CA ALA B 266 6.34 -44.34 -10.51
C ALA B 266 5.13 -43.54 -10.97
N TYR B 267 4.05 -44.23 -11.34
CA TYR B 267 2.84 -43.53 -11.78
C TYR B 267 2.26 -42.70 -10.65
N ASP B 268 2.25 -43.24 -9.42
CA ASP B 268 1.69 -42.51 -8.29
C ASP B 268 2.45 -41.21 -8.04
N LEU B 269 3.77 -41.24 -8.21
CA LEU B 269 4.58 -40.07 -7.90
C LEU B 269 4.15 -38.87 -8.75
N SER B 270 4.07 -37.71 -8.09
CA SER B 270 3.75 -36.46 -8.76
C SER B 270 4.51 -35.34 -8.06
N VAL B 271 4.41 -34.14 -8.64
CA VAL B 271 5.06 -32.98 -8.03
C VAL B 271 4.53 -32.77 -6.61
N ASP B 272 3.22 -32.97 -6.43
CA ASP B 272 2.65 -32.84 -5.10
C ASP B 272 3.23 -33.87 -4.14
N THR B 273 3.44 -35.10 -4.62
CA THR B 273 3.97 -36.16 -3.75
C THR B 273 5.37 -35.80 -3.25
N LEU B 274 6.22 -35.27 -4.13
CA LEU B 274 7.56 -34.87 -3.68
C LEU B 274 7.48 -33.78 -2.62
N ASP B 275 6.58 -32.81 -2.79
CA ASP B 275 6.34 -31.78 -1.79
C ASP B 275 7.65 -31.05 -1.43
N VAL B 276 8.42 -30.72 -2.46
CA VAL B 276 9.69 -30.02 -2.27
C VAL B 276 9.57 -28.53 -2.61
N HIS B 277 8.35 -28.02 -2.79
CA HIS B 277 8.13 -26.65 -3.22
C HIS B 277 7.61 -25.83 -2.04
N ALA B 278 8.22 -24.66 -1.84
CA ALA B 278 7.80 -23.79 -0.76
C ALA B 278 6.38 -23.29 -0.99
N ASP B 279 5.60 -23.21 0.07
CA ASP B 279 4.24 -22.71 0.05
C ASP B 279 4.11 -21.52 0.99
N ARG B 280 2.91 -20.96 1.06
CA ARG B 280 2.66 -19.83 1.94
C ARG B 280 2.81 -20.22 3.42
N ASN B 281 2.76 -21.52 3.73
CA ASN B 281 2.98 -21.98 5.10
C ASN B 281 4.46 -22.04 5.46
N THR B 282 5.36 -21.90 4.49
CA THR B 282 6.79 -21.85 4.76
C THR B 282 7.25 -20.46 5.18
N PHE B 283 6.39 -19.45 5.06
CA PHE B 283 6.79 -18.07 5.34
C PHE B 283 7.23 -17.93 6.80
N HIS B 284 8.39 -17.30 7.00
CA HIS B 284 8.98 -17.12 8.33
C HIS B 284 9.14 -18.47 9.04
N ARG B 285 9.52 -19.51 8.28
CA ARG B 285 9.69 -20.85 8.83
C ARG B 285 10.81 -21.54 8.04
N PHE B 286 12.05 -21.12 8.33
CA PHE B 286 13.20 -21.71 7.65
C PHE B 286 13.32 -23.19 7.94
N ASP B 287 12.84 -23.64 9.10
CA ASP B 287 12.82 -25.07 9.40
C ASP B 287 11.92 -25.81 8.42
N LYS B 288 10.75 -25.22 8.09
CA LYS B 288 9.89 -25.81 7.08
C LYS B 288 10.58 -25.81 5.72
N PHE B 289 11.31 -24.74 5.40
CA PHE B 289 12.05 -24.68 4.15
C PHE B 289 13.09 -25.80 4.08
N ASN B 290 13.81 -26.04 5.18
CA ASN B 290 14.78 -27.12 5.20
C ASN B 290 14.11 -28.47 5.00
N ALA B 291 12.90 -28.64 5.56
CA ALA B 291 12.18 -29.89 5.37
C ALA B 291 11.85 -30.13 3.90
N LYS B 292 11.76 -29.07 3.10
CA LYS B 292 11.46 -29.22 1.68
C LYS B 292 12.58 -29.93 0.94
N TYR B 293 13.79 -29.96 1.50
CA TYR B 293 14.92 -30.62 0.85
C TYR B 293 14.79 -32.14 0.82
N ASN B 294 13.83 -32.71 1.54
CA ASN B 294 13.62 -34.14 1.53
C ASN B 294 12.42 -34.47 0.64
N PRO B 295 12.61 -35.03 -0.54
CA PRO B 295 11.46 -35.38 -1.39
C PRO B 295 10.55 -36.36 -0.67
N ILE B 296 9.24 -36.14 -0.82
CA ILE B 296 8.22 -36.97 -0.17
C ILE B 296 8.48 -36.98 1.34
N GLY B 297 9.15 -35.94 1.84
CA GLY B 297 9.46 -35.88 3.26
C GLY B 297 10.31 -37.05 3.74
N GLU B 298 11.23 -37.51 2.91
CA GLU B 298 12.09 -38.65 3.24
C GLU B 298 13.54 -38.25 3.05
N SER B 299 14.34 -38.36 4.12
CA SER B 299 15.75 -38.05 4.01
C SER B 299 16.48 -39.05 3.11
N VAL B 300 15.96 -40.27 3.01
CA VAL B 300 16.63 -41.28 2.17
C VAL B 300 16.67 -40.82 0.72
N LEU B 301 15.55 -40.31 0.21
CA LEU B 301 15.51 -39.85 -1.17
C LEU B 301 16.48 -38.71 -1.40
N ARG B 302 16.60 -37.80 -0.43
CA ARG B 302 17.57 -36.72 -0.56
C ARG B 302 18.98 -37.26 -0.66
N GLU B 303 19.32 -38.28 0.15
CA GLU B 303 20.65 -38.86 0.08
C GLU B 303 20.91 -39.49 -1.28
N ILE B 304 19.94 -40.21 -1.82
CA ILE B 304 20.13 -40.92 -3.08
C ILE B 304 20.32 -39.94 -4.23
N PHE B 305 19.51 -38.87 -4.26
CA PHE B 305 19.44 -37.98 -5.43
C PHE B 305 20.09 -36.63 -5.22
N ILE B 306 20.14 -36.12 -3.98
CA ILE B 306 20.52 -34.73 -3.76
C ILE B 306 21.73 -34.64 -2.84
N LYS B 307 22.60 -35.64 -2.89
CA LYS B 307 23.83 -35.63 -2.09
C LYS B 307 24.97 -36.16 -2.92
N THR B 308 26.17 -35.61 -2.67
CA THR B 308 27.36 -36.00 -3.42
C THR B 308 28.01 -37.26 -2.88
N ASP B 309 27.74 -37.63 -1.63
CA ASP B 309 28.36 -38.79 -0.99
C ASP B 309 27.27 -39.72 -0.50
N ASN B 310 27.21 -40.93 -1.06
CA ASN B 310 26.21 -41.91 -0.67
C ASN B 310 26.65 -43.27 -1.21
N ARG B 311 25.73 -44.25 -1.17
CA ARG B 311 26.04 -45.60 -1.62
C ARG B 311 26.42 -45.63 -3.10
N VAL B 312 26.00 -44.65 -3.89
CA VAL B 312 26.28 -44.61 -5.31
C VAL B 312 27.30 -43.54 -5.67
N SER B 313 28.03 -43.03 -4.67
CA SER B 313 29.07 -42.02 -4.90
C SER B 313 28.49 -40.76 -5.54
N GLY B 314 27.27 -40.40 -5.14
CA GLY B 314 26.63 -39.20 -5.66
C GLY B 314 26.42 -39.24 -7.17
N LYS B 315 26.11 -40.41 -7.71
CA LYS B 315 25.90 -40.54 -9.15
C LYS B 315 24.71 -39.73 -9.61
N TYR B 316 23.55 -39.93 -8.97
CA TYR B 316 22.34 -39.25 -9.42
C TYR B 316 22.45 -37.74 -9.28
N PHE B 317 23.03 -37.27 -8.18
CA PHE B 317 23.16 -35.82 -7.99
C PHE B 317 24.05 -35.22 -9.06
N ALA B 318 25.13 -35.91 -9.42
CA ALA B 318 26.00 -35.42 -10.49
C ALA B 318 25.27 -35.36 -11.81
N HIS B 319 24.47 -36.39 -12.12
CA HIS B 319 23.74 -36.41 -13.39
C HIS B 319 22.75 -35.27 -13.49
N ILE B 320 22.03 -34.97 -12.40
CA ILE B 320 21.04 -33.90 -12.43
C ILE B 320 21.72 -32.57 -12.70
N ILE B 321 22.85 -32.31 -12.03
CA ILE B 321 23.56 -31.06 -12.25
C ILE B 321 24.04 -30.97 -13.69
N LYS B 322 24.57 -32.06 -14.24
CA LYS B 322 25.03 -32.05 -15.62
C LYS B 322 23.87 -31.78 -16.58
N GLU B 323 22.69 -32.34 -16.29
CA GLU B 323 21.52 -32.01 -17.09
C GLU B 323 21.19 -30.52 -16.98
N VAL B 324 21.27 -29.96 -15.77
CA VAL B 324 21.11 -28.52 -15.62
C VAL B 324 22.22 -27.79 -16.36
N MET B 325 23.45 -28.29 -16.27
CA MET B 325 24.55 -27.69 -17.02
C MET B 325 24.27 -27.72 -18.52
N SER B 326 23.67 -28.81 -19.00
CA SER B 326 23.37 -28.92 -20.44
C SER B 326 22.42 -27.81 -20.87
N ASP B 327 21.39 -27.53 -20.06
CA ASP B 327 20.47 -26.45 -20.39
C ASP B 327 21.19 -25.11 -20.45
N LEU B 328 22.07 -24.86 -19.48
CA LEU B 328 22.83 -23.61 -19.49
C LEU B 328 23.68 -23.49 -20.75
N GLU B 329 24.35 -24.58 -21.14
CA GLU B 329 25.17 -24.55 -22.34
C GLU B 329 24.33 -24.36 -23.59
N GLU B 330 23.17 -25.02 -23.65
CA GLU B 330 22.28 -24.84 -24.80
C GLU B 330 21.82 -23.41 -24.92
N SER B 331 21.45 -22.79 -23.78
CA SER B 331 21.02 -21.39 -23.80
C SER B 331 22.16 -20.44 -24.10
N LYS B 332 23.41 -20.89 -23.92
CA LYS B 332 24.59 -20.10 -24.24
C LYS B 332 24.78 -18.93 -23.27
N TYR B 333 23.80 -18.05 -23.18
CA TYR B 333 23.97 -16.78 -22.49
C TYR B 333 23.68 -16.85 -20.99
N GLN B 334 23.16 -17.96 -20.48
CA GLN B 334 22.84 -18.10 -19.08
C GLN B 334 23.95 -18.86 -18.36
N ASN B 335 24.33 -18.34 -17.18
CA ASN B 335 25.38 -18.94 -16.37
C ASN B 335 24.93 -18.95 -14.92
N ALA B 336 25.55 -19.83 -14.11
CA ALA B 336 25.17 -20.00 -12.73
C ALA B 336 26.42 -20.13 -11.87
N GLU B 337 26.26 -19.78 -10.59
CA GLU B 337 27.29 -19.93 -9.57
C GLU B 337 26.73 -20.82 -8.48
N LEU B 338 26.80 -22.13 -8.70
CA LEU B 338 26.17 -23.08 -7.80
C LEU B 338 26.96 -23.23 -6.50
N ARG B 339 26.23 -23.56 -5.44
CA ARG B 339 26.80 -23.71 -4.11
C ARG B 339 26.89 -25.20 -3.78
N LEU B 340 28.08 -25.66 -3.45
CA LEU B 340 28.31 -27.01 -2.95
C LEU B 340 28.64 -26.93 -1.47
N SER B 341 28.22 -27.94 -0.72
CA SER B 341 28.27 -27.92 0.73
C SER B 341 29.49 -28.68 1.23
N ILE B 342 30.32 -27.98 2.01
CA ILE B 342 31.38 -28.60 2.81
C ILE B 342 31.01 -28.34 4.27
N TYR B 343 30.61 -29.40 4.98
CA TYR B 343 30.07 -29.24 6.32
C TYR B 343 31.15 -29.12 7.39
N GLY B 344 32.39 -29.49 7.08
CA GLY B 344 33.43 -29.45 8.08
C GLY B 344 33.32 -30.50 9.16
N ARG B 345 32.41 -31.46 9.02
CA ARG B 345 32.26 -32.52 10.00
C ARG B 345 33.38 -33.55 9.88
N SER B 346 33.81 -33.86 8.67
CA SER B 346 34.84 -34.85 8.41
C SER B 346 35.99 -34.22 7.64
N ARG B 347 37.21 -34.66 7.96
CA ARG B 347 38.41 -34.12 7.33
C ARG B 347 38.47 -34.45 5.85
N ASP B 348 37.79 -35.50 5.40
CA ASP B 348 37.90 -35.99 4.04
C ASP B 348 36.85 -35.40 3.09
N GLU B 349 36.04 -34.46 3.56
CA GLU B 349 34.95 -33.95 2.71
C GLU B 349 35.50 -33.28 1.45
N TRP B 350 36.56 -32.47 1.58
CA TRP B 350 37.10 -31.78 0.42
C TRP B 350 37.58 -32.77 -0.64
N ASP B 351 38.36 -33.77 -0.23
CA ASP B 351 38.87 -34.75 -1.19
C ASP B 351 37.72 -35.54 -1.83
N LYS B 352 36.77 -35.98 -1.02
CA LYS B 352 35.66 -36.76 -1.55
C LYS B 352 34.81 -35.93 -2.51
N LEU B 353 34.58 -34.66 -2.18
CA LEU B 353 33.85 -33.78 -3.09
C LEU B 353 34.60 -33.59 -4.40
N ALA B 354 35.92 -33.44 -4.34
CA ALA B 354 36.71 -33.28 -5.55
C ALA B 354 36.64 -34.53 -6.41
N ARG B 355 36.77 -35.71 -5.81
CA ARG B 355 36.65 -36.94 -6.58
C ARG B 355 35.26 -37.08 -7.20
N TRP B 356 34.23 -36.61 -6.49
CA TRP B 356 32.88 -36.66 -7.04
C TRP B 356 32.77 -35.86 -8.33
N ALA B 357 33.37 -34.66 -8.36
CA ALA B 357 33.36 -33.87 -9.59
C ALA B 357 34.21 -34.52 -10.67
N VAL B 358 35.40 -35.02 -10.31
CA VAL B 358 36.32 -35.59 -11.30
C VAL B 358 35.77 -36.89 -11.86
N MET B 359 35.32 -37.80 -10.99
CA MET B 359 34.87 -39.11 -11.46
C MET B 359 33.64 -38.99 -12.34
N HIS B 360 32.69 -38.14 -11.95
CA HIS B 360 31.48 -37.92 -12.72
C HIS B 360 31.62 -36.78 -13.73
N ARG B 361 32.77 -36.13 -13.78
CA ARG B 361 33.04 -35.10 -14.79
C ARG B 361 32.00 -33.98 -14.70
N VAL B 362 31.71 -33.54 -13.47
CA VAL B 362 30.76 -32.46 -13.23
C VAL B 362 31.49 -31.15 -13.49
N HIS B 363 31.28 -30.56 -14.66
CA HIS B 363 31.89 -29.29 -15.02
C HIS B 363 31.18 -28.72 -16.23
N SER B 364 31.15 -27.39 -16.32
CA SER B 364 30.56 -26.68 -17.44
C SER B 364 31.22 -25.32 -17.56
N PRO B 365 31.43 -24.82 -18.78
CA PRO B 365 31.98 -23.46 -18.93
C PRO B 365 31.06 -22.37 -18.40
N ASN B 366 29.78 -22.67 -18.19
CA ASN B 366 28.82 -21.69 -17.72
C ASN B 366 28.55 -21.79 -16.22
N VAL B 367 29.32 -22.61 -15.49
CA VAL B 367 29.09 -22.86 -14.07
C VAL B 367 30.39 -22.61 -13.32
N ARG B 368 30.30 -21.83 -12.24
CA ARG B 368 31.37 -21.68 -11.28
C ARG B 368 30.89 -22.18 -9.92
N TRP B 369 31.83 -22.69 -9.12
CA TRP B 369 31.52 -23.31 -7.84
C TRP B 369 31.90 -22.39 -6.70
N LEU B 370 30.98 -22.25 -5.74
CA LEU B 370 31.26 -21.64 -4.45
C LEU B 370 30.93 -22.66 -3.37
N VAL B 371 31.79 -22.79 -2.37
CA VAL B 371 31.62 -23.78 -1.32
C VAL B 371 30.91 -23.12 -0.14
N GLN B 372 29.78 -23.71 0.27
CA GLN B 372 29.00 -23.19 1.38
C GLN B 372 29.22 -24.03 2.63
N VAL B 373 29.42 -23.37 3.76
CA VAL B 373 29.65 -24.04 5.04
C VAL B 373 28.44 -23.75 5.92
N PRO B 374 27.48 -24.67 6.07
CA PRO B 374 26.38 -24.44 7.02
C PRO B 374 26.90 -24.22 8.44
N ARG B 375 26.31 -23.25 9.13
CA ARG B 375 26.66 -22.91 10.50
C ARG B 375 25.92 -23.88 11.43
N LEU B 376 26.39 -25.13 11.47
CA LEU B 376 25.76 -26.21 12.22
C LEU B 376 26.70 -26.86 13.24
N PHE B 377 27.61 -26.08 13.83
CA PHE B 377 28.51 -26.65 14.82
C PHE B 377 27.75 -27.17 16.03
N ASP B 378 26.72 -26.43 16.46
CA ASP B 378 25.93 -26.88 17.61
C ASP B 378 25.37 -28.28 17.38
N VAL B 379 24.92 -28.56 16.16
CA VAL B 379 24.41 -29.89 15.86
C VAL B 379 25.52 -30.93 16.00
N TYR B 380 26.70 -30.63 15.46
CA TYR B 380 27.79 -31.61 15.48
C TYR B 380 28.29 -31.85 16.90
N ARG B 381 28.44 -30.79 17.70
CA ARG B 381 28.90 -30.96 19.07
C ARG B 381 27.89 -31.78 19.87
N THR B 382 26.60 -31.52 19.67
CA THR B 382 25.58 -32.29 20.38
C THR B 382 25.65 -33.77 20.02
N LYS B 383 25.95 -34.07 18.75
CA LYS B 383 26.04 -35.45 18.30
C LYS B 383 27.39 -36.10 18.61
N GLY B 384 28.35 -35.34 19.14
CA GLY B 384 29.66 -35.89 19.43
C GLY B 384 30.56 -36.05 18.23
N GLN B 385 30.15 -35.57 17.06
CA GLN B 385 30.96 -35.71 15.85
C GLN B 385 32.14 -34.75 15.82
N LEU B 386 32.10 -33.67 16.61
CA LEU B 386 33.21 -32.75 16.73
C LEU B 386 33.40 -32.39 18.20
N ALA B 387 34.64 -32.13 18.58
CA ALA B 387 34.97 -31.78 19.96
C ALA B 387 35.00 -30.28 20.20
N ASN B 388 35.50 -29.51 19.23
CA ASN B 388 35.64 -28.07 19.38
C ASN B 388 35.55 -27.43 18.00
N PHE B 389 35.36 -26.11 18.00
CA PHE B 389 35.17 -25.40 16.74
C PHE B 389 36.43 -25.44 15.87
N GLN B 390 37.61 -25.51 16.48
CA GLN B 390 38.83 -25.57 15.70
C GLN B 390 38.85 -26.80 14.81
N GLU B 391 38.25 -27.90 15.26
CA GLU B 391 38.16 -29.09 14.42
C GLU B 391 37.37 -28.81 13.15
N MET B 392 36.27 -28.05 13.28
CA MET B 392 35.52 -27.67 12.09
C MET B 392 36.35 -26.79 11.17
N LEU B 393 37.12 -25.86 11.73
CA LEU B 393 38.00 -25.04 10.90
C LEU B 393 39.07 -25.89 10.22
N GLU B 394 39.65 -26.85 10.96
CA GLU B 394 40.68 -27.69 10.37
C GLU B 394 40.15 -28.49 9.21
N ASN B 395 38.96 -29.07 9.36
CA ASN B 395 38.38 -29.89 8.29
C ASN B 395 38.06 -29.06 7.05
N ILE B 396 37.86 -27.76 7.19
CA ILE B 396 37.49 -26.92 6.06
C ILE B 396 38.71 -26.40 5.32
N PHE B 397 39.78 -26.05 6.03
CA PHE B 397 40.90 -25.35 5.45
C PHE B 397 42.17 -26.18 5.31
N LEU B 398 42.46 -27.07 6.25
CA LEU B 398 43.71 -27.82 6.18
C LEU B 398 43.87 -28.56 4.87
N PRO B 399 42.86 -29.27 4.35
CA PRO B 399 43.03 -29.91 3.04
C PRO B 399 43.39 -28.92 1.94
N LEU B 400 42.83 -27.70 1.99
CA LEU B 400 43.16 -26.69 1.00
C LEU B 400 44.63 -26.26 1.11
N PHE B 401 45.12 -26.04 2.33
CA PHE B 401 46.52 -25.69 2.51
C PHE B 401 47.43 -26.82 2.05
N GLU B 402 47.09 -28.06 2.41
CA GLU B 402 47.91 -29.21 2.01
C GLU B 402 47.95 -29.34 0.49
N ALA B 403 46.81 -29.15 -0.17
CA ALA B 403 46.78 -29.22 -1.63
C ALA B 403 47.63 -28.11 -2.24
N THR B 404 47.59 -26.90 -1.67
CA THR B 404 48.37 -25.80 -2.21
C THR B 404 49.86 -26.08 -2.08
N VAL B 405 50.30 -26.54 -0.91
CA VAL B 405 51.73 -26.81 -0.72
C VAL B 405 52.17 -28.02 -1.51
N HIS B 406 51.36 -29.09 -1.50
CA HIS B 406 51.70 -30.35 -2.16
C HIS B 406 50.51 -30.77 -3.02
N PRO B 407 50.38 -30.21 -4.23
CA PRO B 407 49.21 -30.55 -5.06
C PRO B 407 49.04 -32.03 -5.31
N ALA B 408 50.13 -32.79 -5.48
CA ALA B 408 50.01 -34.22 -5.70
C ALA B 408 49.43 -34.93 -4.48
N SER B 409 49.44 -34.30 -3.31
CA SER B 409 48.84 -34.90 -2.12
C SER B 409 47.33 -35.02 -2.28
N HIS B 410 46.70 -34.01 -2.90
CA HIS B 410 45.26 -34.00 -3.15
C HIS B 410 45.06 -33.72 -4.63
N PRO B 411 45.36 -34.69 -5.48
CA PRO B 411 45.33 -34.42 -6.93
C PRO B 411 43.97 -33.99 -7.44
N GLU B 412 42.89 -34.68 -7.04
CA GLU B 412 41.56 -34.29 -7.49
C GLU B 412 41.20 -32.90 -6.96
N LEU B 413 41.55 -32.62 -5.70
CA LEU B 413 41.24 -31.32 -5.13
C LEU B 413 41.95 -30.20 -5.88
N HIS B 414 43.21 -30.44 -6.28
CA HIS B 414 43.95 -29.42 -7.02
C HIS B 414 43.23 -29.03 -8.30
N LEU B 415 42.76 -30.03 -9.06
CA LEU B 415 42.00 -29.73 -10.26
C LEU B 415 40.66 -29.09 -9.93
N PHE B 416 39.97 -29.61 -8.92
CA PHE B 416 38.63 -29.12 -8.59
C PHE B 416 38.66 -27.66 -8.16
N LEU B 417 39.67 -27.28 -7.36
CA LEU B 417 39.74 -25.91 -6.85
C LEU B 417 39.93 -24.89 -7.98
N GLU B 418 40.35 -25.33 -9.17
CA GLU B 418 40.44 -24.39 -10.28
C GLU B 418 39.08 -23.78 -10.62
N HIS B 419 38.00 -24.52 -10.34
CA HIS B 419 36.65 -24.04 -10.61
C HIS B 419 35.93 -23.61 -9.34
N VAL B 420 36.61 -23.59 -8.21
CA VAL B 420 36.03 -23.12 -6.94
C VAL B 420 36.53 -21.71 -6.71
N ASP B 421 35.58 -20.77 -6.51
CA ASP B 421 35.94 -19.36 -6.46
C ASP B 421 35.95 -18.78 -5.05
N GLY B 422 35.26 -19.39 -4.10
CA GLY B 422 35.16 -18.78 -2.78
C GLY B 422 34.24 -19.56 -1.86
N PHE B 423 34.00 -18.97 -0.70
CA PHE B 423 33.27 -19.62 0.38
C PHE B 423 31.96 -18.89 0.67
N ASP B 424 30.96 -19.63 1.16
CA ASP B 424 29.65 -19.09 1.52
C ASP B 424 29.24 -19.58 2.91
N SER B 425 28.51 -18.75 3.66
CA SER B 425 27.99 -19.14 4.99
C SER B 425 26.46 -19.07 4.94
N VAL B 426 25.81 -20.18 5.28
CA VAL B 426 24.34 -20.29 5.21
C VAL B 426 23.79 -20.90 6.50
N ASP B 427 22.63 -20.43 6.94
CA ASP B 427 21.90 -20.96 8.09
C ASP B 427 20.64 -20.11 8.25
N ASP B 428 19.75 -20.55 9.14
CA ASP B 428 18.57 -19.75 9.46
C ASP B 428 19.01 -18.44 10.10
N GLU B 429 19.17 -17.40 9.28
CA GLU B 429 19.71 -16.14 9.77
C GLU B 429 18.78 -15.44 10.75
N SER B 430 17.51 -15.86 10.83
CA SER B 430 16.59 -15.23 11.78
C SER B 430 16.89 -15.62 13.21
N LYS B 431 17.69 -16.66 13.43
CA LYS B 431 18.00 -17.09 14.79
C LYS B 431 18.72 -15.98 15.54
N PRO B 432 18.30 -15.64 16.75
CA PRO B 432 18.98 -14.58 17.49
C PRO B 432 20.34 -15.03 17.98
N GLU B 433 21.13 -14.05 18.44
CA GLU B 433 22.46 -14.28 18.97
C GLU B 433 22.54 -13.85 20.42
N ASN B 434 23.01 -14.75 21.28
CA ASN B 434 23.20 -14.46 22.70
C ASN B 434 24.67 -14.28 23.08
N HIS B 435 25.59 -14.44 22.13
CA HIS B 435 27.01 -14.32 22.37
C HIS B 435 27.59 -13.27 21.43
N VAL B 436 28.39 -12.35 21.97
CA VAL B 436 29.07 -11.32 21.20
C VAL B 436 30.50 -11.76 20.96
N PHE B 437 30.92 -11.73 19.70
CA PHE B 437 32.28 -12.14 19.34
C PHE B 437 33.23 -11.00 19.67
N ASN B 438 34.01 -11.16 20.73
CA ASN B 438 34.98 -10.17 21.16
C ASN B 438 36.20 -10.90 21.70
N LEU B 439 37.13 -10.14 22.30
CA LEU B 439 38.34 -10.74 22.84
C LEU B 439 38.05 -11.64 24.02
N GLU B 440 36.90 -11.48 24.68
CA GLU B 440 36.52 -12.34 25.79
C GLU B 440 35.87 -13.64 25.32
N SER B 441 35.70 -13.81 24.02
CA SER B 441 35.11 -15.04 23.47
C SER B 441 36.14 -16.16 23.47
N PRO B 442 35.69 -17.41 23.66
CA PRO B 442 36.63 -18.53 23.60
C PRO B 442 37.25 -18.66 22.22
N LEU B 443 38.51 -19.10 22.19
CA LEU B 443 39.17 -19.42 20.94
C LEU B 443 38.58 -20.70 20.37
N PRO B 444 38.71 -20.92 19.06
CA PRO B 444 38.06 -22.07 18.44
C PRO B 444 38.37 -23.40 19.09
N GLU B 445 39.63 -23.61 19.51
CA GLU B 445 39.96 -24.87 20.17
C GLU B 445 39.25 -25.00 21.52
N ALA B 446 38.99 -23.88 22.19
CA ALA B 446 38.32 -23.90 23.48
C ALA B 446 36.80 -23.83 23.37
N TRP B 447 36.26 -23.61 22.18
CA TRP B 447 34.81 -23.55 22.01
C TRP B 447 34.29 -24.99 21.98
N VAL B 448 33.91 -25.48 23.16
CA VAL B 448 33.41 -26.85 23.31
C VAL B 448 31.94 -26.89 23.70
N GLU B 449 31.31 -25.75 23.95
CA GLU B 449 29.90 -25.74 24.31
C GLU B 449 29.04 -26.11 23.10
N GLU B 450 27.86 -26.65 23.37
CA GLU B 450 26.94 -27.01 22.30
C GLU B 450 26.32 -25.79 21.63
N ASP B 451 26.51 -24.60 22.19
CA ASP B 451 25.96 -23.39 21.57
C ASP B 451 26.67 -23.09 20.27
N ASN B 452 25.89 -22.66 19.27
CA ASN B 452 26.46 -22.34 17.96
C ASN B 452 27.14 -20.98 18.01
N PRO B 453 28.38 -20.87 17.51
CA PRO B 453 29.05 -19.57 17.53
C PRO B 453 28.27 -18.55 16.72
N PRO B 454 28.35 -17.27 17.10
CA PRO B 454 27.58 -16.23 16.38
C PRO B 454 28.08 -16.07 14.95
N TYR B 455 27.36 -15.26 14.17
CA TYR B 455 27.67 -15.06 12.75
C TYR B 455 29.09 -14.51 12.55
N ALA B 456 29.42 -13.45 13.27
CA ALA B 456 30.75 -12.82 13.17
C ALA B 456 31.86 -13.80 13.58
N TYR B 457 31.58 -14.75 14.48
CA TYR B 457 32.59 -15.76 14.83
C TYR B 457 32.89 -16.63 13.62
N TYR B 458 31.86 -17.10 12.91
CA TYR B 458 32.06 -17.92 11.73
C TYR B 458 32.76 -17.12 10.63
N LEU B 459 32.38 -15.86 10.45
CA LEU B 459 32.90 -15.08 9.32
C LEU B 459 34.37 -14.69 9.53
N TYR B 460 34.73 -14.25 10.74
CA TYR B 460 36.10 -13.80 10.98
C TYR B 460 37.10 -14.94 10.77
N TYR B 461 36.85 -16.10 11.40
CA TYR B 461 37.80 -17.19 11.27
C TYR B 461 37.78 -17.80 9.86
N THR B 462 36.62 -17.79 9.20
CA THR B 462 36.59 -18.12 7.78
C THR B 462 37.41 -17.11 6.98
N PHE B 463 37.22 -15.82 7.29
CA PHE B 463 38.00 -14.77 6.63
C PHE B 463 39.48 -14.92 6.94
N ALA B 464 39.82 -15.13 8.21
CA ALA B 464 41.22 -15.19 8.61
C ALA B 464 41.94 -16.34 7.91
N ASN B 465 41.35 -17.54 7.95
CA ASN B 465 41.99 -18.69 7.32
C ASN B 465 42.04 -18.53 5.81
N MET B 466 40.96 -17.99 5.20
CA MET B 466 40.96 -17.81 3.76
C MET B 466 42.05 -16.84 3.33
N ALA B 467 42.23 -15.75 4.06
CA ALA B 467 43.23 -14.75 3.68
C ALA B 467 44.62 -15.36 3.64
N MET B 468 44.99 -16.16 4.65
CA MET B 468 46.29 -16.81 4.66
C MET B 468 46.40 -17.80 3.52
N LEU B 469 45.32 -18.53 3.22
CA LEU B 469 45.33 -19.43 2.08
C LEU B 469 45.56 -18.67 0.77
N ASN B 470 44.87 -17.54 0.59
CA ASN B 470 45.02 -16.76 -0.64
C ASN B 470 46.45 -16.27 -0.81
N HIS B 471 47.07 -15.79 0.27
CA HIS B 471 48.46 -15.33 0.17
C HIS B 471 49.38 -16.49 -0.22
N LEU B 472 49.17 -17.67 0.36
CA LEU B 472 49.97 -18.83 -0.03
C LEU B 472 49.74 -19.20 -1.49
N ARG B 473 48.48 -19.16 -1.94
CA ARG B 473 48.18 -19.56 -3.31
C ARG B 473 48.73 -18.55 -4.31
N ARG B 474 48.69 -17.26 -3.98
CA ARG B 474 49.22 -16.26 -4.91
C ARG B 474 50.70 -16.45 -5.12
N GLN B 475 51.44 -16.79 -4.06
CA GLN B 475 52.88 -17.02 -4.21
C GLN B 475 53.16 -18.11 -5.22
N ARG B 476 52.34 -19.16 -5.24
CA ARG B 476 52.49 -20.25 -6.18
C ARG B 476 51.81 -19.99 -7.52
N GLY B 477 51.09 -18.86 -7.63
CA GLY B 477 50.38 -18.54 -8.86
C GLY B 477 49.05 -19.22 -9.02
N PHE B 478 48.51 -19.82 -7.95
CA PHE B 478 47.23 -20.49 -8.03
C PHE B 478 46.09 -19.49 -7.88
N HIS B 479 44.88 -19.95 -8.18
CA HIS B 479 43.70 -19.10 -8.05
C HIS B 479 43.40 -18.80 -6.58
N THR B 480 43.00 -17.57 -6.32
CA THR B 480 42.63 -17.14 -4.97
C THR B 480 41.12 -17.20 -4.80
N PHE B 481 40.69 -17.15 -3.54
CA PHE B 481 39.30 -17.30 -3.17
C PHE B 481 38.73 -16.00 -2.61
N VAL B 482 37.40 -15.93 -2.56
CA VAL B 482 36.69 -14.78 -2.03
C VAL B 482 35.63 -15.27 -1.06
N LEU B 483 35.15 -14.35 -0.21
CA LEU B 483 34.13 -14.66 0.79
C LEU B 483 32.82 -13.99 0.41
N ARG B 484 31.83 -14.78 0.03
CA ARG B 484 30.52 -14.25 -0.42
C ARG B 484 29.42 -14.90 0.42
N PRO B 485 29.18 -14.41 1.64
CA PRO B 485 28.17 -15.00 2.52
C PRO B 485 26.73 -14.48 2.41
N HIS B 486 25.79 -15.31 2.86
CA HIS B 486 24.38 -14.89 3.01
C HIS B 486 24.37 -13.87 4.14
N CYS B 487 23.83 -12.68 3.91
CA CYS B 487 23.83 -11.62 4.93
C CYS B 487 22.69 -10.65 4.69
N GLY B 488 22.05 -10.21 5.78
CA GLY B 488 20.98 -9.24 5.72
C GLY B 488 19.62 -9.79 5.39
N GLU B 489 19.49 -11.10 5.16
CA GLU B 489 18.18 -11.68 4.88
C GLU B 489 17.23 -11.49 6.06
N ALA B 490 17.73 -11.70 7.28
CA ALA B 490 16.96 -11.54 8.49
C ALA B 490 17.93 -11.54 9.66
N GLY B 491 17.38 -11.37 10.87
CA GLY B 491 18.18 -11.39 12.07
C GLY B 491 18.84 -10.08 12.36
N PRO B 492 19.87 -10.08 13.21
CA PRO B 492 20.51 -8.83 13.61
C PRO B 492 21.08 -8.06 12.42
N ILE B 493 20.99 -6.74 12.49
CA ILE B 493 21.53 -5.90 11.44
C ILE B 493 23.05 -5.90 11.45
N HIS B 494 23.67 -6.21 12.59
CA HIS B 494 25.12 -6.18 12.75
C HIS B 494 25.81 -7.21 11.86
N HIS B 495 25.05 -8.17 11.32
CA HIS B 495 25.62 -9.12 10.37
C HIS B 495 26.22 -8.36 9.17
N LEU B 496 25.52 -7.33 8.69
CA LEU B 496 25.99 -6.53 7.56
C LEU B 496 27.28 -5.75 7.91
N VAL B 497 27.48 -5.44 9.18
CA VAL B 497 28.75 -4.85 9.62
C VAL B 497 29.88 -5.84 9.40
N SER B 498 29.66 -7.08 9.81
CA SER B 498 30.68 -8.13 9.67
C SER B 498 31.03 -8.33 8.20
N ALA B 499 30.01 -8.42 7.32
CA ALA B 499 30.25 -8.63 5.90
C ALA B 499 30.91 -7.42 5.27
N PHE B 500 30.51 -6.21 5.67
CA PHE B 500 31.11 -5.01 5.12
C PHE B 500 32.62 -5.02 5.31
N MET B 501 33.09 -5.53 6.44
CA MET B 501 34.52 -5.57 6.71
C MET B 501 35.23 -6.71 5.97
N LEU B 502 34.56 -7.85 5.79
CA LEU B 502 35.23 -9.08 5.41
C LEU B 502 34.73 -9.73 4.13
N ALA B 503 33.62 -9.29 3.56
CA ALA B 503 32.96 -9.99 2.48
C ALA B 503 33.25 -9.31 1.14
N GLU B 504 33.65 -10.11 0.16
CA GLU B 504 33.76 -9.62 -1.21
C GLU B 504 32.43 -9.08 -1.70
N ASN B 505 31.36 -9.87 -1.55
CA ASN B 505 30.00 -9.44 -1.82
C ASN B 505 29.08 -10.31 -0.97
N ILE B 506 27.80 -9.94 -0.93
CA ILE B 506 26.82 -10.65 -0.11
C ILE B 506 25.64 -11.07 -0.98
N SER B 507 24.81 -11.95 -0.42
CA SER B 507 23.54 -12.32 -0.99
C SER B 507 22.42 -11.79 -0.09
N HIS B 508 21.24 -11.63 -0.69
CA HIS B 508 20.09 -11.05 0.01
C HIS B 508 20.36 -9.60 0.37
N GLY B 509 20.80 -9.34 1.61
CA GLY B 509 21.01 -7.97 2.06
C GLY B 509 19.73 -7.17 2.19
N LEU B 510 18.64 -7.81 2.60
CA LEU B 510 17.37 -7.11 2.73
C LEU B 510 17.39 -6.09 3.84
N LEU B 511 18.11 -6.37 4.94
CA LEU B 511 18.09 -5.50 6.10
C LEU B 511 18.85 -4.20 5.89
N LEU B 512 19.54 -4.02 4.77
CA LEU B 512 20.16 -2.74 4.48
C LEU B 512 19.13 -1.61 4.42
N ARG B 513 17.86 -1.93 4.12
CA ARG B 513 16.83 -0.90 4.11
C ARG B 513 16.55 -0.34 5.49
N LYS B 514 16.92 -1.05 6.55
CA LYS B 514 16.70 -0.60 7.92
C LYS B 514 17.91 0.10 8.51
N ALA B 515 19.01 0.21 7.77
CA ALA B 515 20.25 0.81 8.26
C ALA B 515 20.85 1.77 7.23
N PRO B 516 20.42 3.03 7.22
CA PRO B 516 20.87 3.98 6.17
C PRO B 516 22.38 4.15 5.99
N VAL B 517 23.16 4.12 7.07
CA VAL B 517 24.63 4.29 7.01
C VAL B 517 25.27 3.05 6.40
N LEU B 518 24.76 1.87 6.76
CA LEU B 518 25.24 0.62 6.17
C LEU B 518 24.88 0.61 4.68
N GLN B 519 23.71 1.12 4.31
CA GLN B 519 23.26 1.10 2.90
C GLN B 519 24.06 2.15 2.10
N TYR B 520 24.27 3.31 2.70
CA TYR B 520 25.07 4.38 2.08
C TYR B 520 26.51 3.88 1.90
N LEU B 521 27.02 3.11 2.89
CA LEU B 521 28.39 2.58 2.85
C LEU B 521 28.49 1.49 1.77
N TYR B 522 27.46 0.66 1.62
CA TYR B 522 27.47 -0.34 0.56
C TYR B 522 27.42 0.33 -0.82
N TYR B 523 26.71 1.45 -0.94
CA TYR B 523 26.68 2.21 -2.20
C TYR B 523 28.07 2.79 -2.49
N LEU B 524 28.65 3.51 -1.52
CA LEU B 524 29.93 4.17 -1.73
C LEU B 524 31.05 3.14 -1.97
N ALA B 525 30.95 1.95 -1.40
CA ALA B 525 31.92 0.87 -1.67
C ALA B 525 31.50 -0.01 -2.85
N GLN B 526 30.30 0.17 -3.39
CA GLN B 526 29.82 -0.59 -4.54
C GLN B 526 29.93 -2.10 -4.30
N ILE B 527 29.49 -2.52 -3.12
CA ILE B 527 29.53 -3.92 -2.74
C ILE B 527 28.40 -4.64 -3.47
N GLY B 528 28.76 -5.70 -4.20
CA GLY B 528 27.75 -6.46 -4.92
C GLY B 528 26.77 -7.11 -3.97
N ILE B 529 25.50 -7.14 -4.39
CA ILE B 529 24.43 -7.76 -3.61
C ILE B 529 23.63 -8.65 -4.55
N ALA B 530 23.63 -9.96 -4.29
CA ALA B 530 22.86 -10.91 -5.07
C ALA B 530 21.50 -11.09 -4.39
N MET B 531 20.43 -10.69 -5.09
CA MET B 531 19.09 -10.67 -4.51
C MET B 531 18.21 -11.71 -5.18
N SER B 532 17.33 -12.32 -4.39
CA SER B 532 16.41 -13.36 -4.86
C SER B 532 15.01 -12.99 -4.41
N PRO B 533 14.36 -12.05 -5.12
CA PRO B 533 13.03 -11.60 -4.66
C PRO B 533 12.02 -12.73 -4.50
N LEU B 534 12.04 -13.72 -5.40
CA LEU B 534 11.07 -14.81 -5.27
C LEU B 534 11.37 -15.70 -4.07
N SER B 535 12.65 -15.92 -3.78
CA SER B 535 13.01 -16.62 -2.54
C SER B 535 12.56 -15.83 -1.33
N ASN B 536 12.77 -14.50 -1.34
CA ASN B 536 12.34 -13.68 -0.21
C ASN B 536 10.83 -13.71 -0.05
N ASN B 537 10.10 -13.66 -1.17
CA ASN B 537 8.64 -13.62 -1.11
C ASN B 537 8.08 -14.83 -0.40
N SER B 538 8.73 -15.99 -0.54
CA SER B 538 8.23 -17.24 0.04
C SER B 538 8.82 -17.54 1.42
N LEU B 539 9.69 -16.67 1.94
CA LEU B 539 10.37 -16.96 3.20
C LEU B 539 10.24 -15.84 4.22
N PHE B 540 10.63 -14.63 3.86
CA PHE B 540 10.74 -13.55 4.85
C PHE B 540 9.98 -12.30 4.47
N LEU B 541 10.26 -11.73 3.29
CA LEU B 541 9.73 -10.44 2.89
C LEU B 541 8.92 -10.56 1.61
N SER B 542 7.70 -10.05 1.63
CA SER B 542 6.83 -10.14 0.46
C SER B 542 7.42 -9.38 -0.72
N TYR B 543 6.99 -9.77 -1.92
CA TYR B 543 7.61 -9.26 -3.13
C TYR B 543 7.51 -7.75 -3.23
N HIS B 544 6.31 -7.22 -2.98
CA HIS B 544 6.11 -5.78 -3.13
C HIS B 544 6.83 -4.98 -2.06
N ARG B 545 7.26 -5.60 -0.97
CA ARG B 545 8.04 -4.94 0.06
C ARG B 545 9.55 -5.11 -0.15
N ASN B 546 9.96 -5.84 -1.18
CA ASN B 546 11.39 -6.08 -1.38
C ASN B 546 12.10 -4.76 -1.70
N PRO B 547 13.26 -4.50 -1.08
CA PRO B 547 13.96 -3.24 -1.32
C PRO B 547 14.80 -3.21 -2.59
N LEU B 548 14.70 -4.21 -3.46
CA LEU B 548 15.51 -4.23 -4.66
C LEU B 548 15.33 -2.97 -5.51
N PRO B 549 14.10 -2.53 -5.84
CA PRO B 549 13.98 -1.32 -6.66
C PRO B 549 14.62 -0.10 -6.03
N GLU B 550 14.55 0.04 -4.70
CA GLU B 550 15.20 1.18 -4.05
C GLU B 550 16.72 1.08 -4.15
N TYR B 551 17.28 -0.11 -3.95
CA TYR B 551 18.72 -0.28 -4.10
C TYR B 551 19.15 0.02 -5.54
N LEU B 552 18.41 -0.51 -6.51
CA LEU B 552 18.79 -0.32 -7.91
C LEU B 552 18.72 1.15 -8.30
N SER B 553 17.67 1.85 -7.88
CA SER B 553 17.54 3.26 -8.24
C SER B 553 18.67 4.09 -7.64
N ARG B 554 19.03 3.80 -6.38
CA ARG B 554 20.05 4.59 -5.69
C ARG B 554 21.46 4.31 -6.18
N GLY B 555 21.65 3.25 -6.98
CA GLY B 555 22.94 2.98 -7.59
C GLY B 555 23.72 1.82 -6.98
N LEU B 556 23.14 1.11 -6.02
CA LEU B 556 23.83 -0.04 -5.44
C LEU B 556 23.99 -1.13 -6.49
N MET B 557 25.12 -1.85 -6.41
CA MET B 557 25.42 -2.91 -7.37
C MET B 557 24.62 -4.14 -6.98
N VAL B 558 23.44 -4.29 -7.59
CA VAL B 558 22.53 -5.38 -7.28
C VAL B 558 22.39 -6.28 -8.51
N SER B 559 22.18 -7.57 -8.24
CA SER B 559 21.95 -8.56 -9.30
C SER B 559 20.82 -9.48 -8.87
N LEU B 560 20.15 -10.07 -9.85
CA LEU B 560 19.04 -10.97 -9.60
C LEU B 560 19.53 -12.41 -9.57
N SER B 561 18.93 -13.21 -8.69
CA SER B 561 19.30 -14.62 -8.53
C SER B 561 18.06 -15.41 -8.15
N THR B 562 18.14 -16.72 -8.33
CA THR B 562 17.02 -17.61 -8.05
C THR B 562 17.11 -18.28 -6.68
N ASP B 563 18.33 -18.43 -6.15
CA ASP B 563 18.55 -19.05 -4.84
C ASP B 563 18.23 -20.53 -4.86
N ASP B 564 16.95 -20.88 -4.86
CA ASP B 564 16.50 -22.28 -4.81
C ASP B 564 15.34 -22.47 -5.78
N PRO B 565 15.64 -22.68 -7.06
CA PRO B 565 14.55 -22.92 -8.02
C PRO B 565 13.66 -24.09 -7.65
N LEU B 566 14.22 -25.14 -7.03
CA LEU B 566 13.41 -26.31 -6.68
C LEU B 566 12.29 -25.92 -5.73
N GLN B 567 12.57 -25.08 -4.74
CA GLN B 567 11.59 -24.71 -3.74
C GLN B 567 10.71 -23.53 -4.13
N PHE B 568 11.01 -22.85 -5.24
CA PHE B 568 10.36 -21.57 -5.53
C PHE B 568 9.81 -21.48 -6.94
N HIS B 569 10.62 -21.76 -7.94
CA HIS B 569 10.23 -21.48 -9.31
C HIS B 569 9.41 -22.64 -9.90
N PHE B 570 8.61 -22.30 -10.92
CA PHE B 570 7.71 -23.25 -11.57
C PHE B 570 8.07 -23.54 -13.01
N THR B 571 8.63 -22.59 -13.74
CA THR B 571 8.83 -22.73 -15.17
C THR B 571 10.10 -23.51 -15.49
N LYS B 572 10.33 -23.74 -16.77
CA LYS B 572 11.52 -24.45 -17.25
C LYS B 572 12.77 -23.60 -17.21
N GLU B 573 12.64 -22.28 -17.05
CA GLU B 573 13.77 -21.35 -17.02
C GLU B 573 13.65 -20.49 -15.77
N PRO B 574 14.05 -21.03 -14.60
CA PRO B 574 13.89 -20.27 -13.37
C PRO B 574 14.53 -18.89 -13.40
N LEU B 575 15.73 -18.77 -13.98
CA LEU B 575 16.38 -17.48 -14.02
C LEU B 575 15.59 -16.49 -14.88
N MET B 576 15.12 -16.93 -16.04
CA MET B 576 14.30 -16.07 -16.88
C MET B 576 12.98 -15.72 -16.16
N GLU B 577 12.42 -16.69 -15.44
CA GLU B 577 11.23 -16.40 -14.65
C GLU B 577 11.53 -15.33 -13.61
N GLU B 578 12.68 -15.41 -12.94
CA GLU B 578 13.02 -14.43 -11.93
C GLU B 578 13.09 -13.03 -12.53
N TYR B 579 13.75 -12.90 -13.69
CA TYR B 579 13.81 -11.61 -14.36
C TYR B 579 12.43 -11.13 -14.77
N SER B 580 11.59 -12.04 -15.26
CA SER B 580 10.28 -11.63 -15.74
C SER B 580 9.45 -10.99 -14.64
N ILE B 581 9.35 -11.66 -13.49
CA ILE B 581 8.48 -11.16 -12.42
C ILE B 581 8.95 -9.80 -11.95
N ALA B 582 10.27 -9.64 -11.79
CA ALA B 582 10.80 -8.34 -11.38
C ALA B 582 10.47 -7.27 -12.41
N THR B 583 10.59 -7.60 -13.69
CA THR B 583 10.28 -6.63 -14.74
C THR B 583 8.82 -6.21 -14.69
N GLN B 584 7.92 -7.17 -14.53
CA GLN B 584 6.49 -6.86 -14.55
C GLN B 584 6.08 -6.10 -13.30
N VAL B 585 6.51 -6.57 -12.13
CA VAL B 585 6.04 -5.99 -10.87
C VAL B 585 6.52 -4.55 -10.75
N TRP B 586 7.81 -4.31 -10.96
CA TRP B 586 8.39 -2.98 -10.80
C TRP B 586 8.50 -2.22 -12.11
N LYS B 587 7.97 -2.77 -13.20
CA LYS B 587 7.96 -2.10 -14.51
C LYS B 587 9.36 -1.60 -14.87
N LEU B 588 10.30 -2.54 -14.94
CA LEU B 588 11.66 -2.22 -15.28
C LEU B 588 11.82 -2.10 -16.79
N SER B 589 12.54 -1.06 -17.21
CA SER B 589 12.81 -0.86 -18.63
C SER B 589 13.85 -1.86 -19.10
N SER B 590 13.98 -1.96 -20.42
CA SER B 590 15.02 -2.81 -21.00
C SER B 590 16.40 -2.38 -20.51
N CYS B 591 16.60 -1.07 -20.34
CA CYS B 591 17.87 -0.59 -19.81
C CYS B 591 18.08 -1.09 -18.38
N ASP B 592 17.02 -1.04 -17.55
CA ASP B 592 17.13 -1.55 -16.19
C ASP B 592 17.42 -3.05 -16.19
N MET B 593 16.74 -3.80 -17.07
CA MET B 593 16.98 -5.24 -17.13
C MET B 593 18.42 -5.52 -17.53
N CYS B 594 18.94 -4.82 -18.53
CA CYS B 594 20.30 -5.06 -19.00
C CYS B 594 21.34 -4.61 -17.96
N GLU B 595 21.05 -3.51 -17.26
CA GLU B 595 21.97 -3.07 -16.22
C GLU B 595 22.08 -4.12 -15.12
N LEU B 596 20.97 -4.74 -14.76
CA LEU B 596 21.01 -5.84 -13.80
C LEU B 596 21.83 -7.01 -14.33
N ALA B 597 21.67 -7.33 -15.63
CA ALA B 597 22.43 -8.43 -16.21
C ALA B 597 23.93 -8.14 -16.20
N ARG B 598 24.31 -6.91 -16.52
CA ARG B 598 25.73 -6.55 -16.48
C ARG B 598 26.27 -6.63 -15.06
N ASN B 599 25.46 -6.23 -14.08
CA ASN B 599 25.89 -6.33 -12.69
C ASN B 599 26.17 -7.77 -12.30
N SER B 600 25.33 -8.70 -12.75
CA SER B 600 25.51 -10.11 -12.38
C SER B 600 26.86 -10.62 -12.85
N VAL B 601 27.25 -10.26 -14.09
CA VAL B 601 28.55 -10.69 -14.59
C VAL B 601 29.68 -10.06 -13.77
N LEU B 602 29.56 -8.78 -13.47
CA LEU B 602 30.67 -8.06 -12.84
C LEU B 602 31.00 -8.64 -11.47
N MET B 603 29.99 -8.99 -10.68
CA MET B 603 30.21 -9.57 -9.36
C MET B 603 30.38 -11.08 -9.38
N SER B 604 30.33 -11.71 -10.56
CA SER B 604 30.54 -13.14 -10.67
C SER B 604 32.03 -13.47 -10.59
N GLY B 605 32.31 -14.74 -10.32
CA GLY B 605 33.66 -15.24 -10.20
C GLY B 605 34.28 -15.71 -11.50
N PHE B 606 33.63 -15.49 -12.63
CA PHE B 606 34.17 -15.95 -13.89
C PHE B 606 35.48 -15.25 -14.21
N SER B 607 36.30 -15.91 -15.03
CA SER B 607 37.65 -15.44 -15.30
C SER B 607 37.64 -14.13 -16.08
N HIS B 608 38.79 -13.47 -16.09
CA HIS B 608 38.93 -12.23 -16.83
C HIS B 608 38.75 -12.47 -18.34
N LYS B 609 39.31 -13.57 -18.84
CA LYS B 609 39.17 -13.86 -20.27
C LYS B 609 37.71 -14.03 -20.65
N VAL B 610 36.95 -14.77 -19.85
CA VAL B 610 35.54 -14.99 -20.15
C VAL B 610 34.78 -13.67 -20.13
N LYS B 611 35.03 -12.86 -19.10
CA LYS B 611 34.37 -11.56 -19.02
C LYS B 611 34.80 -10.65 -20.17
N SER B 612 36.04 -10.77 -20.62
CA SER B 612 36.50 -9.96 -21.75
C SER B 612 35.68 -10.26 -23.00
N HIS B 613 35.43 -11.54 -23.26
CA HIS B 613 34.56 -11.90 -24.38
C HIS B 613 33.12 -11.46 -24.10
N TRP B 614 32.67 -11.63 -22.84
CA TRP B 614 31.29 -11.31 -22.52
C TRP B 614 31.03 -9.80 -22.59
N LEU B 615 31.83 -9.01 -21.88
CA LEU B 615 31.59 -7.58 -21.76
C LEU B 615 32.57 -6.73 -22.55
N GLY B 616 33.60 -7.33 -23.16
CA GLY B 616 34.59 -6.59 -23.90
C GLY B 616 35.88 -6.46 -23.13
N PRO B 617 37.00 -6.29 -23.86
CA PRO B 617 38.30 -6.23 -23.18
C PRO B 617 38.45 -5.07 -22.21
N ASN B 618 37.67 -4.00 -22.38
CA ASN B 618 37.79 -2.81 -21.55
C ASN B 618 36.88 -2.81 -20.34
N TYR B 619 36.22 -3.93 -20.05
CA TYR B 619 35.23 -3.95 -18.97
C TYR B 619 35.84 -3.58 -17.62
N THR B 620 37.15 -3.72 -17.46
CA THR B 620 37.80 -3.33 -16.20
C THR B 620 37.87 -1.81 -16.04
N LYS B 621 37.67 -1.06 -17.12
CA LYS B 621 37.70 0.40 -17.02
C LYS B 621 36.52 0.92 -16.22
N GLU B 622 36.73 2.05 -15.56
CA GLU B 622 35.68 2.69 -14.77
C GLU B 622 34.81 3.57 -15.67
N GLY B 623 33.52 3.62 -15.32
CA GLY B 623 32.60 4.49 -16.00
C GLY B 623 32.25 4.01 -17.40
N PRO B 624 31.77 4.93 -18.25
CA PRO B 624 31.35 4.51 -19.60
C PRO B 624 32.45 3.84 -20.41
N GLU B 625 33.70 4.22 -20.21
CA GLU B 625 34.79 3.63 -21.00
C GLU B 625 34.81 2.12 -20.87
N GLY B 626 34.36 1.59 -19.74
CA GLY B 626 34.32 0.16 -19.52
C GLY B 626 33.06 -0.53 -19.99
N ASN B 627 32.15 0.19 -20.63
CA ASN B 627 30.88 -0.36 -21.10
C ASN B 627 30.81 -0.28 -22.62
N ASP B 628 30.49 -1.41 -23.25
CA ASP B 628 30.28 -1.49 -24.70
C ASP B 628 28.85 -1.95 -24.94
N ILE B 629 28.03 -1.06 -25.46
CA ILE B 629 26.61 -1.38 -25.68
C ILE B 629 26.47 -2.55 -26.66
N ARG B 630 27.40 -2.67 -27.60
CA ARG B 630 27.34 -3.78 -28.56
C ARG B 630 27.39 -5.14 -27.88
N ARG B 631 27.94 -5.22 -26.68
CA ARG B 631 28.06 -6.48 -25.96
C ARG B 631 27.18 -6.55 -24.71
N THR B 632 26.74 -5.40 -24.18
CA THR B 632 25.95 -5.35 -22.96
C THR B 632 24.53 -4.84 -23.16
N ASN B 633 24.28 -4.11 -24.25
CA ASN B 633 23.00 -3.47 -24.53
C ASN B 633 22.64 -2.40 -23.50
N VAL B 634 23.59 -2.00 -22.66
CA VAL B 634 23.37 -0.94 -21.68
C VAL B 634 23.86 0.37 -22.30
N PRO B 635 23.00 1.38 -22.45
CA PRO B 635 23.46 2.64 -23.00
C PRO B 635 24.54 3.28 -22.14
N ASP B 636 25.49 3.93 -22.78
CA ASP B 636 26.48 4.71 -22.04
C ASP B 636 25.84 5.84 -21.25
N ILE B 637 24.62 6.23 -21.62
CA ILE B 637 23.89 7.23 -20.84
C ILE B 637 23.66 6.73 -19.42
N ARG B 638 23.22 5.47 -19.30
CA ARG B 638 22.94 4.91 -17.98
C ARG B 638 24.23 4.72 -17.19
N VAL B 639 25.25 4.12 -17.80
CA VAL B 639 26.51 3.92 -17.11
C VAL B 639 27.14 5.26 -16.74
N GLY B 640 27.04 6.24 -17.66
CA GLY B 640 27.58 7.56 -17.35
C GLY B 640 26.91 8.20 -16.15
N TYR B 641 25.58 8.09 -16.05
CA TYR B 641 24.89 8.67 -14.92
C TYR B 641 25.34 8.01 -13.62
N ARG B 642 25.45 6.69 -13.61
CA ARG B 642 25.86 5.98 -12.39
C ARG B 642 27.27 6.39 -11.98
N TYR B 643 28.19 6.45 -12.94
CA TYR B 643 29.57 6.81 -12.65
C TYR B 643 29.67 8.24 -12.13
N GLU B 644 28.98 9.17 -12.80
CA GLU B 644 28.98 10.56 -12.35
C GLU B 644 28.38 10.70 -10.96
N THR B 645 27.31 9.95 -10.67
CA THR B 645 26.64 10.05 -9.37
C THR B 645 27.59 9.60 -8.25
N LEU B 646 28.27 8.47 -8.44
CA LEU B 646 29.16 7.90 -7.42
C LEU B 646 30.37 8.82 -7.17
N CYS B 647 31.00 9.28 -8.25
CA CYS B 647 32.17 10.16 -8.18
C CYS B 647 31.81 11.44 -7.40
N GLN B 648 30.60 11.96 -7.65
CA GLN B 648 30.10 13.18 -7.00
C GLN B 648 29.89 12.96 -5.50
N GLU B 649 29.27 11.84 -5.13
CA GLU B 649 29.01 11.51 -3.73
C GLU B 649 30.34 11.29 -3.01
N LEU B 650 31.25 10.58 -3.67
CA LEU B 650 32.58 10.29 -3.12
C LEU B 650 33.34 11.61 -2.94
N ALA B 651 33.04 12.60 -3.77
CA ALA B 651 33.68 13.93 -3.74
C ALA B 651 33.06 14.81 -2.67
N LEU B 652 31.77 14.66 -2.39
CA LEU B 652 31.15 15.41 -1.30
C LEU B 652 31.79 14.96 0.01
N ILE B 653 31.99 13.64 0.15
CA ILE B 653 32.50 13.07 1.41
C ILE B 653 34.00 13.35 1.56
N THR B 654 34.80 13.08 0.52
CA THR B 654 36.24 13.23 0.64
C THR B 654 36.65 14.70 0.70
N GLN B 655 36.04 15.55 -0.12
CA GLN B 655 36.44 16.96 -0.14
C GLN B 655 36.16 17.63 1.20
N ALA B 656 35.05 17.28 1.85
CA ALA B 656 34.77 17.84 3.16
C ALA B 656 35.84 17.44 4.17
N VAL B 657 36.25 16.18 4.16
CA VAL B 657 37.29 15.73 5.08
C VAL B 657 38.62 16.40 4.76
N GLN B 658 38.97 16.49 3.47
CA GLN B 658 40.25 17.05 3.10
C GLN B 658 40.37 18.51 3.50
N SER B 659 39.24 19.24 3.52
CA SER B 659 39.28 20.64 3.93
C SER B 659 39.78 20.80 5.35
N GLU B 660 39.29 19.94 6.27
CA GLU B 660 39.71 20.04 7.66
C GLU B 660 41.19 19.69 7.83
N MET B 661 41.65 18.63 7.16
CA MET B 661 43.04 18.21 7.33
C MET B 661 44.00 19.29 6.83
N LEU B 662 43.75 19.84 5.64
CA LEU B 662 44.60 20.87 5.08
C LEU B 662 44.01 22.26 5.33
N GLU C 15 15.02 33.74 5.32
CA GLU C 15 16.06 33.45 4.28
C GLU C 15 15.46 33.58 2.89
N ARG C 16 16.31 33.76 1.88
CA ARG C 16 15.86 33.96 0.52
C ARG C 16 16.58 33.06 -0.46
N GLU C 17 17.91 33.00 -0.38
CA GLU C 17 18.68 32.12 -1.25
C GLU C 17 18.46 30.67 -0.85
N PHE C 18 18.44 29.78 -1.84
CA PHE C 18 18.25 28.36 -1.61
C PHE C 18 18.91 27.58 -2.73
N GLN C 19 19.16 26.29 -2.46
CA GLN C 19 19.72 25.42 -3.47
C GLN C 19 18.69 25.17 -4.57
N ARG C 20 19.12 25.30 -5.82
CA ARG C 20 18.24 25.23 -6.97
C ARG C 20 18.59 24.04 -7.84
N VAL C 21 17.57 23.36 -8.35
CA VAL C 21 17.74 22.23 -9.25
C VAL C 21 17.65 22.74 -10.68
N THR C 22 18.66 22.43 -11.48
CA THR C 22 18.74 22.87 -12.86
C THR C 22 19.05 21.68 -13.76
N ILE C 23 18.58 21.75 -15.00
CA ILE C 23 18.79 20.70 -15.99
C ILE C 23 19.56 21.31 -17.16
N SER C 24 20.63 20.64 -17.56
CA SER C 24 21.48 21.08 -18.65
C SER C 24 21.32 20.16 -19.85
N GLY C 25 21.63 20.69 -21.02
CA GLY C 25 21.58 19.93 -22.27
C GLY C 25 20.31 20.19 -23.05
N GLU C 26 20.26 19.60 -24.23
CA GLU C 26 19.12 19.72 -25.12
C GLU C 26 17.99 18.80 -24.67
N GLU C 27 16.77 19.12 -25.12
CA GLU C 27 15.58 18.38 -24.74
C GLU C 27 15.47 18.28 -23.22
N LYS C 28 15.38 19.44 -22.58
CA LYS C 28 15.32 19.50 -21.13
C LYS C 28 14.03 18.92 -20.57
N CYS C 29 12.99 18.77 -21.40
CA CYS C 29 11.71 18.24 -20.94
C CYS C 29 11.63 16.73 -21.01
N GLY C 30 12.63 16.06 -21.57
CA GLY C 30 12.63 14.61 -21.62
C GLY C 30 11.89 14.00 -22.79
N VAL C 31 11.42 14.81 -23.74
CA VAL C 31 10.70 14.31 -24.91
C VAL C 31 11.26 14.99 -26.14
N PRO C 32 11.10 14.38 -27.31
CA PRO C 32 11.53 15.06 -28.55
C PRO C 32 10.73 16.32 -28.79
N PHE C 33 11.38 17.29 -29.46
CA PHE C 33 10.75 18.60 -29.63
C PHE C 33 9.41 18.49 -30.35
N THR C 34 9.29 17.56 -31.31
CA THR C 34 8.04 17.43 -32.05
C THR C 34 6.88 17.12 -31.11
N ASP C 35 7.09 16.23 -30.14
CA ASP C 35 6.05 15.96 -29.14
C ASP C 35 5.82 17.18 -28.25
N LEU C 36 6.90 17.87 -27.87
CA LEU C 36 6.75 19.06 -27.03
C LEU C 36 5.92 20.13 -27.73
N LEU C 37 6.18 20.37 -29.01
CA LEU C 37 5.45 21.40 -29.74
C LEU C 37 3.97 21.08 -29.80
N ASP C 38 3.62 19.82 -30.07
CA ASP C 38 2.22 19.44 -30.15
C ASP C 38 1.51 19.69 -28.84
N ALA C 39 2.14 19.30 -27.71
CA ALA C 39 1.54 19.54 -26.41
C ALA C 39 1.44 21.03 -26.12
N ALA C 40 2.47 21.79 -26.47
CA ALA C 40 2.47 23.22 -26.17
C ALA C 40 1.33 23.94 -26.90
N LYS C 41 1.11 23.60 -28.17
CA LYS C 41 0.05 24.25 -28.93
C LYS C 41 -1.30 24.01 -28.27
N SER C 42 -1.57 22.77 -27.86
CA SER C 42 -2.85 22.48 -27.20
C SER C 42 -2.94 23.16 -25.84
N VAL C 43 -1.84 23.16 -25.07
CA VAL C 43 -1.85 23.76 -23.75
C VAL C 43 -2.12 25.26 -23.85
N VAL C 44 -1.40 25.93 -24.73
CA VAL C 44 -1.59 27.38 -24.88
C VAL C 44 -3.02 27.69 -25.32
N ARG C 45 -3.54 26.92 -26.28
CA ARG C 45 -4.90 27.16 -26.74
C ARG C 45 -5.89 26.98 -25.61
N ALA C 46 -5.71 25.95 -24.78
CA ALA C 46 -6.62 25.75 -23.66
C ALA C 46 -6.57 26.91 -22.69
N LEU C 47 -5.37 27.40 -22.38
CA LEU C 47 -5.24 28.53 -21.46
C LEU C 47 -5.91 29.77 -22.03
N PHE C 48 -5.75 30.01 -23.34
CA PHE C 48 -6.42 31.15 -23.97
C PHE C 48 -7.92 31.04 -23.84
N ILE C 49 -8.46 29.83 -23.97
CA ILE C 49 -9.90 29.64 -23.83
C ILE C 49 -10.36 30.05 -22.43
N ARG C 50 -9.63 29.59 -21.41
CA ARG C 50 -9.99 29.97 -20.04
C ARG C 50 -9.83 31.47 -19.83
N GLU C 51 -8.74 32.04 -20.34
CA GLU C 51 -8.52 33.48 -20.15
C GLU C 51 -9.66 34.29 -20.76
N LYS C 52 -10.18 33.84 -21.91
CA LYS C 52 -11.28 34.56 -22.56
C LYS C 52 -12.50 34.63 -21.67
N TYR C 53 -12.91 33.49 -21.11
CA TYR C 53 -14.14 33.46 -20.32
C TYR C 53 -13.94 34.09 -18.95
N MET C 54 -12.74 34.01 -18.38
CA MET C 54 -12.48 34.76 -17.16
C MET C 54 -12.62 36.26 -17.41
N ALA C 55 -12.06 36.75 -18.52
CA ALA C 55 -12.22 38.15 -18.88
C ALA C 55 -13.69 38.49 -19.16
N LEU C 56 -14.40 37.59 -19.82
CA LEU C 56 -15.80 37.84 -20.15
C LEU C 56 -16.64 38.03 -18.89
N SER C 57 -16.39 37.20 -17.87
CA SER C 57 -17.19 37.22 -16.64
C SER C 57 -16.59 38.07 -15.54
N LEU C 58 -15.53 38.82 -15.84
CA LEU C 58 -14.86 39.66 -14.84
C LEU C 58 -14.34 38.84 -13.66
N GLN C 59 -13.90 37.62 -13.95
CA GLN C 59 -13.30 36.76 -12.95
C GLN C 59 -11.79 36.77 -13.09
N SER C 60 -11.11 36.34 -12.03
CA SER C 60 -9.67 36.43 -11.98
C SER C 60 -9.00 35.42 -12.91
N PHE C 61 -7.84 35.81 -13.44
CA PHE C 61 -6.97 34.94 -14.19
C PHE C 61 -5.55 35.11 -13.68
N CYS C 62 -4.79 34.02 -13.64
CA CYS C 62 -3.47 34.04 -13.02
C CYS C 62 -2.57 35.07 -13.70
N PRO C 63 -2.08 36.08 -12.99
CA PRO C 63 -1.20 37.06 -13.64
C PRO C 63 0.04 36.45 -14.26
N THR C 64 0.64 35.46 -13.58
CA THR C 64 1.86 34.85 -14.12
C THR C 64 1.58 34.16 -15.45
N THR C 65 0.46 33.43 -15.53
CA THR C 65 0.08 32.80 -16.79
C THR C 65 -0.18 33.84 -17.87
N ARG C 66 -0.85 34.95 -17.50
CA ARG C 66 -1.18 35.97 -18.48
C ARG C 66 0.08 36.61 -19.06
N ARG C 67 1.10 36.84 -18.22
CA ARG C 67 2.32 37.48 -18.71
C ARG C 67 2.99 36.63 -19.78
N TYR C 68 3.06 35.31 -19.56
CA TYR C 68 3.70 34.43 -20.53
C TYR C 68 2.83 34.25 -21.78
N LEU C 69 1.51 34.27 -21.62
CA LEU C 69 0.62 34.14 -22.77
C LEU C 69 0.54 35.41 -23.60
N GLN C 70 0.88 36.57 -23.03
CA GLN C 70 0.80 37.82 -23.78
C GLN C 70 1.75 37.81 -24.97
N GLN C 71 2.84 37.04 -24.89
CA GLN C 71 3.77 36.95 -26.00
C GLN C 71 3.10 36.39 -27.25
N LEU C 72 2.18 35.44 -27.05
CA LEU C 72 1.49 34.78 -28.15
C LEU C 72 0.09 35.31 -28.38
N ALA C 73 -0.27 36.42 -27.72
CA ALA C 73 -1.63 36.94 -27.78
C ALA C 73 -1.77 37.99 -28.86
N GLU C 74 -2.82 37.87 -29.67
CA GLU C 74 -3.06 38.85 -30.73
C GLU C 74 -3.38 40.22 -30.15
N LYS C 75 -4.18 40.26 -29.09
CA LYS C 75 -4.64 41.50 -28.49
C LYS C 75 -4.17 41.59 -27.04
N PRO C 76 -4.18 42.79 -26.45
CA PRO C 76 -3.82 42.91 -25.04
C PRO C 76 -4.76 42.09 -24.16
N LEU C 77 -4.21 41.57 -23.06
CA LEU C 77 -4.95 40.74 -22.13
C LEU C 77 -5.14 41.51 -20.81
N GLU C 78 -6.36 41.45 -20.29
CA GLU C 78 -6.68 42.10 -19.02
C GLU C 78 -6.43 43.61 -19.13
N HIS C 104 -22.99 48.10 12.61
CA HIS C 104 -23.40 46.88 11.95
C HIS C 104 -23.99 47.22 10.57
N PRO C 105 -23.56 46.50 9.53
CA PRO C 105 -24.06 46.84 8.18
C PRO C 105 -25.57 46.73 8.05
N TYR C 106 -26.20 45.83 8.78
CA TYR C 106 -27.65 45.62 8.70
C TYR C 106 -28.43 46.42 9.73
N GLU C 107 -27.75 47.28 10.50
CA GLU C 107 -28.45 48.04 11.54
C GLU C 107 -29.52 48.95 10.92
N HIS C 108 -29.18 49.63 9.84
CA HIS C 108 -30.09 50.54 9.15
C HIS C 108 -30.32 50.05 7.73
N CYS C 109 -31.58 50.05 7.31
CA CYS C 109 -31.97 49.65 5.95
C CYS C 109 -32.92 50.71 5.42
N GLU C 110 -32.36 51.79 4.89
CA GLU C 110 -33.14 52.91 4.37
C GLU C 110 -33.06 52.92 2.85
N PRO C 111 -34.13 52.56 2.12
CA PRO C 111 -34.06 52.61 0.66
C PRO C 111 -33.81 54.00 0.11
N SER C 112 -34.19 55.05 0.84
CA SER C 112 -34.06 56.41 0.31
C SER C 112 -32.60 56.77 0.05
N THR C 113 -31.71 56.39 0.96
CA THR C 113 -30.30 56.72 0.80
C THR C 113 -29.56 55.77 -0.16
N MET C 114 -30.20 54.68 -0.58
CA MET C 114 -29.55 53.74 -1.48
C MET C 114 -29.43 54.35 -2.89
N PRO C 115 -28.56 53.79 -3.72
CA PRO C 115 -28.40 54.32 -5.08
C PRO C 115 -29.71 54.29 -5.85
N GLY C 116 -29.88 55.28 -6.72
CA GLY C 116 -31.15 55.47 -7.40
C GLY C 116 -31.41 54.42 -8.46
N ASP C 117 -32.64 54.47 -8.99
CA ASP C 117 -33.08 53.53 -10.00
C ASP C 117 -32.60 53.97 -11.37
N LEU C 118 -32.04 53.02 -12.14
CA LEU C 118 -31.60 53.30 -13.49
C LEU C 118 -32.68 53.09 -14.54
N GLY C 119 -33.82 52.51 -14.15
CA GLY C 119 -34.92 52.33 -15.08
C GLY C 119 -34.66 51.35 -16.20
N LEU C 120 -33.63 50.52 -16.06
CA LEU C 120 -33.29 49.56 -17.10
C LEU C 120 -34.28 48.41 -17.11
N GLY C 121 -34.65 47.95 -18.31
CA GLY C 121 -35.49 46.79 -18.45
C GLY C 121 -34.70 45.49 -18.44
N LEU C 122 -35.37 44.41 -18.07
CA LEU C 122 -34.75 43.09 -17.97
C LEU C 122 -35.62 42.05 -18.66
N ARG C 123 -34.97 41.10 -19.35
CA ARG C 123 -35.67 40.00 -19.98
C ARG C 123 -34.66 38.90 -20.28
N MET C 124 -35.00 37.66 -19.91
CA MET C 124 -34.16 36.53 -20.23
C MET C 124 -34.42 36.07 -21.66
N VAL C 125 -33.34 35.95 -22.45
CA VAL C 125 -33.42 35.50 -23.82
C VAL C 125 -32.48 34.30 -23.96
N ARG C 126 -33.07 33.14 -24.27
CA ARG C 126 -32.31 31.92 -24.46
C ARG C 126 -31.42 31.62 -23.25
N GLY C 127 -32.00 31.79 -22.06
CA GLY C 127 -31.34 31.40 -20.84
C GLY C 127 -30.40 32.42 -20.23
N VAL C 128 -30.30 33.62 -20.80
CA VAL C 128 -29.40 34.65 -20.31
C VAL C 128 -30.17 35.96 -20.17
N VAL C 129 -29.97 36.64 -19.05
CA VAL C 129 -30.63 37.91 -18.82
C VAL C 129 -30.05 38.97 -19.75
N HIS C 130 -30.93 39.72 -20.42
CA HIS C 130 -30.53 40.83 -21.28
C HIS C 130 -31.03 42.13 -20.66
N VAL C 131 -30.20 43.16 -20.75
CA VAL C 131 -30.51 44.47 -20.19
C VAL C 131 -30.89 45.42 -21.34
N TYR C 132 -31.89 46.26 -21.09
CA TYR C 132 -32.38 47.19 -22.10
C TYR C 132 -32.47 48.59 -21.50
N THR C 133 -32.39 49.59 -22.37
CA THR C 133 -32.33 50.98 -21.92
C THR C 133 -33.54 51.34 -21.06
N ARG C 134 -34.68 50.70 -21.30
CA ARG C 134 -35.89 50.99 -20.53
C ARG C 134 -36.80 49.77 -20.50
N CYS C 141 -36.91 51.34 -26.78
CA CYS C 141 -35.89 50.73 -25.95
C CYS C 141 -34.89 49.98 -26.81
N SER C 142 -33.62 50.03 -26.43
CA SER C 142 -32.54 49.36 -27.13
C SER C 142 -31.78 48.46 -26.16
N GLU C 143 -31.29 47.35 -26.69
CA GLU C 143 -30.51 46.42 -25.89
C GLU C 143 -29.20 47.06 -25.45
N VAL C 144 -28.86 46.89 -24.17
CA VAL C 144 -27.56 47.34 -23.68
C VAL C 144 -26.49 46.38 -24.20
N GLU C 145 -25.44 46.94 -24.80
CA GLU C 145 -24.41 46.15 -25.47
C GLU C 145 -23.49 45.49 -24.44
N LEU C 146 -24.07 44.55 -23.70
CA LEU C 146 -23.25 43.69 -22.85
C LEU C 146 -22.71 42.52 -23.67
N PRO C 147 -21.55 41.95 -23.31
CA PRO C 147 -21.00 40.85 -24.08
C PRO C 147 -21.75 39.54 -23.84
N TYR C 148 -22.95 39.43 -24.39
CA TYR C 148 -23.77 38.25 -24.16
C TYR C 148 -23.09 37.01 -24.72
N PRO C 149 -22.89 35.96 -23.93
CA PRO C 149 -22.17 34.79 -24.44
C PRO C 149 -22.87 34.16 -25.62
N ASP C 150 -22.07 33.65 -26.55
CA ASP C 150 -22.55 32.92 -27.72
C ASP C 150 -22.41 31.43 -27.46
N LEU C 151 -23.52 30.71 -27.47
CA LEU C 151 -23.50 29.28 -27.13
C LEU C 151 -22.67 28.49 -28.13
N GLN C 152 -22.79 28.82 -29.42
CA GLN C 152 -22.05 28.07 -30.42
C GLN C 152 -20.54 28.21 -30.21
N GLU C 153 -20.08 29.41 -29.84
CA GLU C 153 -18.67 29.60 -29.54
C GLU C 153 -18.26 28.75 -28.33
N PHE C 154 -19.12 28.69 -27.32
CA PHE C 154 -18.82 27.87 -26.15
C PHE C 154 -18.74 26.39 -26.51
N VAL C 155 -19.68 25.91 -27.32
CA VAL C 155 -19.67 24.50 -27.71
C VAL C 155 -18.39 24.18 -28.48
N ALA C 156 -18.01 25.07 -29.40
CA ALA C 156 -16.79 24.84 -30.17
C ALA C 156 -15.56 24.77 -29.26
N ASP C 157 -15.49 25.67 -28.27
CA ASP C 157 -14.37 25.62 -27.33
C ASP C 157 -14.39 24.32 -26.53
N VAL C 158 -15.58 23.87 -26.12
CA VAL C 158 -15.68 22.64 -25.33
C VAL C 158 -15.15 21.46 -26.13
N ASN C 159 -15.53 21.36 -27.40
CA ASN C 159 -15.12 20.25 -28.22
C ASN C 159 -13.61 20.17 -28.34
N VAL C 160 -12.95 21.32 -28.38
CA VAL C 160 -11.49 21.32 -28.42
C VAL C 160 -10.92 20.67 -27.15
N LEU C 161 -11.45 21.07 -26.00
CA LEU C 161 -10.97 20.51 -24.73
C LEU C 161 -11.39 19.05 -24.59
N MET C 162 -12.59 18.70 -25.07
CA MET C 162 -13.04 17.31 -24.97
C MET C 162 -12.11 16.38 -25.76
N ALA C 163 -11.69 16.80 -26.95
CA ALA C 163 -10.71 16.01 -27.70
C ALA C 163 -9.35 16.02 -27.02
N LEU C 164 -8.99 17.13 -26.38
CA LEU C 164 -7.69 17.23 -25.73
C LEU C 164 -7.55 16.24 -24.57
N ILE C 165 -8.61 16.08 -23.77
CA ILE C 165 -8.50 15.25 -22.58
C ILE C 165 -8.39 13.77 -22.90
N ILE C 166 -8.60 13.37 -24.16
CA ILE C 166 -8.42 11.98 -24.57
C ILE C 166 -7.29 11.85 -25.61
N ASN C 167 -6.44 12.88 -25.72
CA ASN C 167 -5.30 12.85 -26.63
C ASN C 167 -4.17 12.08 -25.96
N GLY C 168 -3.84 10.92 -26.51
CA GLY C 168 -2.85 10.05 -25.94
C GLY C 168 -1.49 10.71 -25.80
N PRO C 169 -0.90 11.11 -26.93
CA PRO C 169 0.46 11.71 -26.86
C PRO C 169 0.55 12.88 -25.92
N ILE C 170 -0.46 13.76 -25.90
CA ILE C 170 -0.43 14.86 -24.95
C ILE C 170 -0.61 14.35 -23.53
N LYS C 171 -1.38 13.29 -23.34
CA LYS C 171 -1.55 12.73 -22.01
C LYS C 171 -0.23 12.25 -21.43
N SER C 172 0.58 11.56 -22.24
CA SER C 172 1.87 11.09 -21.77
C SER C 172 2.79 12.26 -21.44
N PHE C 173 2.82 13.28 -22.30
CA PHE C 173 3.69 14.42 -22.06
C PHE C 173 3.33 15.11 -20.72
N CYS C 174 2.04 15.38 -20.51
CA CYS C 174 1.63 16.07 -19.30
C CYS C 174 1.90 15.22 -18.07
N TYR C 175 1.67 13.90 -18.17
CA TYR C 175 1.95 13.03 -17.03
C TYR C 175 3.44 13.05 -16.68
N ARG C 176 4.31 13.09 -17.70
CA ARG C 176 5.74 13.17 -17.45
C ARG C 176 6.10 14.47 -16.74
N ARG C 177 5.50 15.60 -17.17
CA ARG C 177 5.78 16.87 -16.51
C ARG C 177 5.28 16.86 -15.07
N LEU C 178 4.12 16.26 -14.82
CA LEU C 178 3.61 16.18 -13.45
C LEU C 178 4.54 15.37 -12.56
N GLN C 179 5.07 14.25 -13.09
CA GLN C 179 6.06 13.50 -12.32
C GLN C 179 7.33 14.30 -12.12
N TYR C 180 7.71 15.11 -13.11
CA TYR C 180 8.88 15.96 -12.96
C TYR C 180 8.68 16.97 -11.83
N LEU C 181 7.49 17.56 -11.74
CA LEU C 181 7.23 18.53 -10.67
C LEU C 181 7.35 17.88 -9.30
N SER C 182 6.80 16.68 -9.15
CA SER C 182 6.91 15.97 -7.88
C SER C 182 8.37 15.67 -7.55
N SER C 183 9.15 15.22 -8.54
CA SER C 183 10.55 14.92 -8.31
C SER C 183 11.33 16.17 -7.91
N LYS C 184 11.09 17.29 -8.60
CA LYS C 184 11.80 18.51 -8.27
C LYS C 184 11.46 18.99 -6.86
N PHE C 185 10.17 18.92 -6.50
CA PHE C 185 9.79 19.34 -5.16
C PHE C 185 10.45 18.46 -4.11
N GLN C 186 10.50 17.15 -4.36
CA GLN C 186 11.18 16.25 -3.42
C GLN C 186 12.65 16.64 -3.24
N MET C 187 13.34 16.94 -4.34
CA MET C 187 14.72 17.42 -4.23
C MET C 187 14.79 18.75 -3.48
N HIS C 188 13.87 19.67 -3.78
CA HIS C 188 13.87 20.95 -3.08
C HIS C 188 13.75 20.77 -1.58
N VAL C 189 12.87 19.88 -1.14
CA VAL C 189 12.69 19.62 0.28
C VAL C 189 13.97 19.04 0.87
N LEU C 190 14.56 18.05 0.19
CA LEU C 190 15.74 17.38 0.72
C LEU C 190 16.91 18.34 0.89
N LEU C 191 16.98 19.38 0.06
CA LEU C 191 18.12 20.28 0.04
C LEU C 191 17.82 21.65 0.64
N ASN C 192 16.59 21.92 1.06
CA ASN C 192 16.24 23.25 1.55
C ASN C 192 15.25 23.26 2.70
N GLU C 193 14.77 22.11 3.17
CA GLU C 193 13.77 22.13 4.24
C GLU C 193 14.39 22.66 5.55
N MET C 194 15.65 22.34 5.81
CA MET C 194 16.31 22.89 6.99
C MET C 194 16.38 24.41 6.93
N LYS C 195 16.76 24.95 5.76
CA LYS C 195 16.78 26.40 5.60
C LYS C 195 15.38 26.99 5.73
N GLU C 196 14.38 26.32 5.14
CA GLU C 196 13.01 26.81 5.27
C GLU C 196 12.57 26.81 6.73
N LEU C 197 12.90 25.75 7.48
CA LEU C 197 12.53 25.70 8.88
C LEU C 197 13.22 26.81 9.68
N ALA C 198 14.49 27.08 9.36
CA ALA C 198 15.22 28.14 10.06
C ALA C 198 14.56 29.49 9.84
N ALA C 199 14.10 29.76 8.60
CA ALA C 199 13.42 31.03 8.35
C ALA C 199 12.15 31.15 9.16
N GLN C 200 11.38 30.06 9.24
CA GLN C 200 10.18 30.07 10.08
C GLN C 200 10.54 30.29 11.54
N LYS C 201 11.62 29.66 12.00
CA LYS C 201 12.04 29.83 13.40
C LYS C 201 12.45 31.26 13.68
N LYS C 202 13.17 31.89 12.75
CA LYS C 202 13.73 33.22 12.99
C LYS C 202 12.69 34.33 12.89
N VAL C 203 11.56 34.10 12.22
CA VAL C 203 10.58 35.17 12.08
C VAL C 203 10.00 35.51 13.45
N PRO C 204 9.80 36.79 13.77
CA PRO C 204 9.29 37.12 15.10
C PRO C 204 7.77 37.02 15.18
N HIS C 205 7.31 36.42 16.27
CA HIS C 205 5.90 36.44 16.66
C HIS C 205 5.01 35.52 15.82
N ARG C 206 5.42 35.21 14.60
CA ARG C 206 4.54 34.56 13.65
C ARG C 206 4.71 33.05 13.71
N ASP C 207 3.58 32.35 13.88
CA ASP C 207 3.55 30.90 13.89
C ASP C 207 2.21 30.45 13.29
N PHE C 208 2.01 29.13 13.21
CA PHE C 208 0.81 28.61 12.56
C PHE C 208 -0.46 29.04 13.27
N TYR C 209 -0.37 29.29 14.58
CA TYR C 209 -1.58 29.60 15.36
C TYR C 209 -2.03 31.05 15.21
N ASN C 210 -1.18 31.92 14.69
CA ASN C 210 -1.55 33.33 14.52
C ASN C 210 -1.47 33.77 13.06
N ILE C 211 -1.50 32.82 12.13
CA ILE C 211 -1.64 33.14 10.71
C ILE C 211 -3.11 32.97 10.34
N ARG C 212 -3.51 33.69 9.30
CA ARG C 212 -4.91 33.66 8.87
C ARG C 212 -5.20 32.35 8.14
N LYS C 213 -6.34 31.74 8.47
CA LYS C 213 -6.79 30.51 7.84
C LYS C 213 -8.27 30.66 7.48
N VAL C 214 -8.62 30.27 6.26
CA VAL C 214 -9.97 30.44 5.73
C VAL C 214 -10.52 29.06 5.39
N ASP C 215 -11.70 28.75 5.91
CA ASP C 215 -12.42 27.53 5.53
C ASP C 215 -13.06 27.81 4.16
N THR C 216 -12.29 27.54 3.11
CA THR C 216 -12.67 27.95 1.77
C THR C 216 -13.89 27.18 1.23
N HIS C 217 -14.33 26.12 1.90
CA HIS C 217 -15.41 25.30 1.39
C HIS C 217 -16.13 24.67 2.58
N ILE C 218 -17.25 25.26 2.97
CA ILE C 218 -18.03 24.77 4.11
C ILE C 218 -19.47 25.22 3.92
N HIS C 219 -20.42 24.36 4.30
CA HIS C 219 -21.84 24.61 4.15
C HIS C 219 -22.43 25.11 5.47
N ALA C 220 -23.29 26.12 5.38
CA ALA C 220 -23.91 26.68 6.58
C ALA C 220 -24.79 25.66 7.28
N SER C 221 -25.50 24.83 6.52
CA SER C 221 -26.40 23.85 7.12
C SER C 221 -25.67 22.83 7.96
N SER C 222 -24.34 22.69 7.78
CA SER C 222 -23.55 21.72 8.52
C SER C 222 -22.34 22.35 9.19
N CYS C 223 -22.33 23.67 9.34
CA CYS C 223 -21.17 24.36 9.89
C CYS C 223 -20.97 24.06 11.38
N MET C 224 -21.97 23.51 12.06
CA MET C 224 -21.88 23.20 13.48
C MET C 224 -21.59 21.72 13.67
N ASN C 225 -20.93 21.41 14.79
CA ASN C 225 -20.67 20.02 15.13
C ASN C 225 -21.92 19.39 15.74
N GLN C 226 -21.93 18.06 15.77
CA GLN C 226 -23.12 17.34 16.22
C GLN C 226 -23.46 17.67 17.67
N LYS C 227 -22.45 17.74 18.54
CA LYS C 227 -22.71 18.07 19.94
C LYS C 227 -23.25 19.49 20.08
N HIS C 228 -22.71 20.43 19.29
CA HIS C 228 -23.23 21.80 19.31
C HIS C 228 -24.69 21.82 18.88
N LEU C 229 -25.04 21.08 17.83
CA LEU C 229 -26.43 21.03 17.39
C LEU C 229 -27.32 20.42 18.47
N LEU C 230 -26.85 19.33 19.11
CA LEU C 230 -27.66 18.68 20.13
C LEU C 230 -27.91 19.61 21.31
N ARG C 231 -26.89 20.34 21.74
CA ARG C 231 -27.06 21.25 22.86
C ARG C 231 -28.01 22.40 22.52
N PHE C 232 -27.88 22.95 21.31
CA PHE C 232 -28.75 24.05 20.91
C PHE C 232 -30.21 23.62 20.91
N ILE C 233 -30.50 22.44 20.36
CA ILE C 233 -31.88 21.97 20.30
C ILE C 233 -32.45 21.78 21.70
N LYS C 234 -31.67 21.16 22.59
CA LYS C 234 -32.16 20.89 23.94
C LYS C 234 -32.28 22.15 24.77
N ARG C 235 -31.49 23.17 24.46
CA ARG C 235 -31.70 24.47 25.09
C ARG C 235 -32.98 25.13 24.59
N ALA C 236 -33.24 25.04 23.28
CA ALA C 236 -34.44 25.66 22.71
C ALA C 236 -35.70 25.02 23.25
N MET C 237 -35.64 23.76 23.65
CA MET C 237 -36.82 23.07 24.17
C MET C 237 -37.27 23.61 25.52
N LYS C 238 -36.48 24.47 26.15
CA LYS C 238 -36.78 25.01 27.47
C LYS C 238 -37.10 26.50 27.42
N ARG C 239 -36.22 27.31 26.81
CA ARG C 239 -36.33 28.77 26.83
C ARG C 239 -37.72 29.23 26.43
N HIS C 240 -38.08 29.08 25.16
CA HIS C 240 -39.41 29.42 24.68
C HIS C 240 -40.21 28.12 24.52
N LEU C 241 -41.40 28.09 25.12
CA LEU C 241 -42.20 26.88 25.23
C LEU C 241 -43.54 26.94 24.51
N GLU C 242 -44.07 28.14 24.26
CA GLU C 242 -45.39 28.28 23.67
C GLU C 242 -45.36 28.67 22.19
N GLU C 243 -44.21 29.11 21.68
CA GLU C 243 -44.12 29.51 20.28
C GLU C 243 -44.48 28.34 19.37
N ILE C 244 -45.26 28.62 18.34
CA ILE C 244 -45.60 27.63 17.33
C ILE C 244 -44.44 27.55 16.35
N VAL C 245 -43.86 26.35 16.21
CA VAL C 245 -42.68 26.15 15.40
C VAL C 245 -42.93 25.30 14.17
N HIS C 246 -44.04 24.56 14.12
CA HIS C 246 -44.30 23.66 13.01
C HIS C 246 -45.80 23.46 12.88
N VAL C 247 -46.24 23.26 11.64
CA VAL C 247 -47.65 22.95 11.34
C VAL C 247 -47.67 21.58 10.70
N GLU C 248 -48.35 20.63 11.34
CA GLU C 248 -48.45 19.25 10.86
C GLU C 248 -49.90 19.01 10.45
N GLN C 249 -50.11 18.84 9.14
CA GLN C 249 -51.45 18.59 8.61
C GLN C 249 -52.42 19.69 9.05
N GLY C 250 -51.94 20.93 9.04
CA GLY C 250 -52.73 22.04 9.48
C GLY C 250 -52.83 22.20 10.99
N ARG C 251 -52.08 21.42 11.75
CA ARG C 251 -52.11 21.47 13.21
C ARG C 251 -50.87 22.21 13.70
N GLU C 252 -51.07 23.42 14.22
CA GLU C 252 -49.96 24.18 14.77
C GLU C 252 -49.36 23.44 15.97
N GLN C 253 -48.04 23.36 16.01
CA GLN C 253 -47.34 22.60 17.03
C GLN C 253 -46.21 23.41 17.63
N THR C 254 -46.01 23.27 18.93
CA THR C 254 -44.84 23.82 19.60
C THR C 254 -43.70 22.82 19.54
N LEU C 255 -42.49 23.28 19.86
CA LEU C 255 -41.32 22.42 19.78
C LEU C 255 -41.49 21.20 20.70
N ARG C 256 -42.02 21.40 21.90
CA ARG C 256 -42.27 20.28 22.79
C ARG C 256 -43.23 19.29 22.15
N GLU C 257 -44.30 19.78 21.54
CA GLU C 257 -45.26 18.88 20.90
C GLU C 257 -44.65 18.17 19.71
N VAL C 258 -43.69 18.80 19.02
CA VAL C 258 -42.98 18.13 17.96
C VAL C 258 -42.20 16.94 18.51
N PHE C 259 -41.53 17.13 19.65
CA PHE C 259 -40.73 16.05 20.23
C PHE C 259 -41.60 15.00 20.88
N GLU C 260 -42.76 15.38 21.41
CA GLU C 260 -43.67 14.38 21.98
C GLU C 260 -44.29 13.52 20.89
N SER C 261 -44.52 14.09 19.70
CA SER C 261 -44.99 13.28 18.59
C SER C 261 -43.97 12.22 18.19
N MET C 262 -42.68 12.51 18.40
CA MET C 262 -41.61 11.56 18.12
C MET C 262 -41.29 10.66 19.32
N ASN C 263 -42.03 10.81 20.42
CA ASN C 263 -41.79 10.04 21.63
C ASN C 263 -40.33 10.18 22.09
N LEU C 264 -39.85 11.43 22.09
CA LEU C 264 -38.50 11.76 22.50
C LEU C 264 -38.54 12.83 23.58
N THR C 265 -37.71 12.65 24.61
CA THR C 265 -37.52 13.66 25.64
C THR C 265 -36.17 14.35 25.44
N ALA C 266 -35.99 15.47 26.13
CA ALA C 266 -34.72 16.16 26.08
C ALA C 266 -33.58 15.28 26.59
N TYR C 267 -33.83 14.56 27.69
CA TYR C 267 -32.81 13.66 28.22
C TYR C 267 -32.52 12.53 27.24
N ASP C 268 -33.55 11.98 26.61
CA ASP C 268 -33.35 10.85 25.71
C ASP C 268 -32.51 11.23 24.49
N LEU C 269 -32.59 12.49 24.07
CA LEU C 269 -31.85 12.91 22.87
C LEU C 269 -30.35 12.71 23.07
N SER C 270 -29.71 12.20 22.01
CA SER C 270 -28.27 12.00 22.00
C SER C 270 -27.77 12.27 20.58
N VAL C 271 -26.44 12.32 20.45
CA VAL C 271 -25.85 12.48 19.13
C VAL C 271 -26.27 11.33 18.21
N ASP C 272 -26.33 10.12 18.77
CA ASP C 272 -26.79 8.99 17.99
C ASP C 272 -28.23 9.17 17.55
N THR C 273 -29.07 9.72 18.43
CA THR C 273 -30.48 9.93 18.08
C THR C 273 -30.61 10.87 16.89
N LEU C 274 -29.83 11.95 16.87
CA LEU C 274 -29.86 12.86 15.73
C LEU C 274 -29.41 12.15 14.45
N ASP C 275 -28.41 11.28 14.57
CA ASP C 275 -27.95 10.46 13.44
C ASP C 275 -27.55 11.34 12.25
N VAL C 276 -26.88 12.46 12.55
CA VAL C 276 -26.46 13.39 11.52
C VAL C 276 -24.97 13.27 11.21
N HIS C 277 -24.31 12.22 11.71
CA HIS C 277 -22.89 12.00 11.47
C HIS C 277 -22.67 10.94 10.40
N ALA C 278 -21.79 11.26 9.43
CA ALA C 278 -21.44 10.30 8.40
C ALA C 278 -20.62 9.16 8.99
N ASP C 279 -20.97 7.93 8.63
CA ASP C 279 -20.29 6.73 9.10
C ASP C 279 -19.68 5.97 7.91
N ARG C 280 -19.05 4.84 8.21
CA ARG C 280 -18.47 4.03 7.17
C ARG C 280 -19.52 3.47 6.21
N ASN C 281 -20.78 3.37 6.65
CA ASN C 281 -21.86 2.92 5.79
C ASN C 281 -22.33 4.00 4.83
N THR C 282 -21.91 5.25 5.03
CA THR C 282 -22.21 6.33 4.09
C THR C 282 -21.29 6.32 2.88
N PHE C 283 -20.19 5.57 2.94
CA PHE C 283 -19.22 5.55 1.84
C PHE C 283 -19.89 5.06 0.55
N HIS C 284 -19.65 5.78 -0.54
CA HIS C 284 -20.26 5.48 -1.83
C HIS C 284 -21.79 5.43 -1.74
N ARG C 285 -22.37 6.28 -0.89
CA ARG C 285 -23.80 6.35 -0.67
C ARG C 285 -24.16 7.81 -0.38
N PHE C 286 -24.04 8.65 -1.41
CA PHE C 286 -24.35 10.07 -1.23
C PHE C 286 -25.81 10.28 -0.84
N ASP C 287 -26.69 9.37 -1.27
CA ASP C 287 -28.08 9.46 -0.85
C ASP C 287 -28.20 9.35 0.67
N LYS C 288 -27.45 8.44 1.27
CA LYS C 288 -27.47 8.31 2.73
C LYS C 288 -26.86 9.54 3.40
N PHE C 289 -25.91 10.21 2.73
CA PHE C 289 -25.39 11.46 3.27
C PHE C 289 -26.44 12.57 3.27
N ASN C 290 -27.25 12.64 2.20
CA ASN C 290 -28.32 13.63 2.16
C ASN C 290 -29.31 13.39 3.29
N ALA C 291 -29.56 12.13 3.63
CA ALA C 291 -30.46 11.82 4.74
C ALA C 291 -29.93 12.31 6.08
N LYS C 292 -28.62 12.51 6.20
CA LYS C 292 -28.05 12.98 7.46
C LYS C 292 -28.46 14.42 7.77
N TYR C 293 -28.93 15.18 6.78
CA TYR C 293 -29.37 16.54 7.02
C TYR C 293 -30.69 16.62 7.75
N ASN C 294 -31.39 15.48 7.92
CA ASN C 294 -32.61 15.44 8.70
C ASN C 294 -32.31 14.86 10.07
N PRO C 295 -32.27 15.66 11.14
CA PRO C 295 -31.99 15.08 12.46
C PRO C 295 -33.04 14.05 12.84
N ILE C 296 -32.57 12.96 13.45
CA ILE C 296 -33.46 11.88 13.91
C ILE C 296 -34.30 11.39 12.74
N GLY C 297 -33.78 11.55 11.52
CA GLY C 297 -34.56 11.22 10.34
C GLY C 297 -35.83 12.02 10.24
N GLU C 298 -35.78 13.30 10.61
CA GLU C 298 -36.95 14.16 10.67
C GLU C 298 -36.73 15.37 9.78
N SER C 299 -37.56 15.52 8.74
CA SER C 299 -37.53 16.73 7.95
C SER C 299 -38.03 17.93 8.74
N VAL C 300 -38.90 17.70 9.73
CA VAL C 300 -39.38 18.79 10.57
C VAL C 300 -38.24 19.40 11.37
N LEU C 301 -37.37 18.56 11.95
CA LEU C 301 -36.24 19.07 12.71
C LEU C 301 -35.29 19.84 11.80
N ARG C 302 -35.07 19.35 10.57
CA ARG C 302 -34.28 20.10 9.61
C ARG C 302 -34.94 21.43 9.30
N GLU C 303 -36.26 21.44 9.13
CA GLU C 303 -36.98 22.68 8.85
C GLU C 303 -36.84 23.67 10.00
N ILE C 304 -36.97 23.19 11.24
CA ILE C 304 -36.99 24.08 12.38
C ILE C 304 -35.60 24.69 12.62
N PHE C 305 -34.55 23.86 12.55
CA PHE C 305 -33.22 24.27 13.00
C PHE C 305 -32.21 24.52 11.89
N ILE C 306 -32.39 23.95 10.71
CA ILE C 306 -31.37 23.98 9.67
C ILE C 306 -31.85 24.67 8.41
N LYS C 307 -33.02 25.32 8.44
CA LYS C 307 -33.58 26.01 7.27
C LYS C 307 -33.74 27.49 7.58
N THR C 308 -33.40 28.32 6.59
CA THR C 308 -33.51 29.76 6.76
C THR C 308 -34.97 30.23 6.69
N ASP C 309 -35.82 29.50 5.97
CA ASP C 309 -37.21 29.90 5.74
C ASP C 309 -38.12 28.85 6.38
N ASN C 310 -38.82 29.26 7.45
CA ASN C 310 -39.74 28.38 8.15
C ASN C 310 -40.70 29.26 8.96
N ARG C 311 -41.50 28.63 9.81
CA ARG C 311 -42.48 29.37 10.59
C ARG C 311 -41.80 30.36 11.55
N VAL C 312 -40.59 30.06 12.00
CA VAL C 312 -39.88 30.93 12.92
C VAL C 312 -38.97 31.90 12.19
N SER C 313 -39.16 32.06 10.88
CA SER C 313 -38.35 32.98 10.09
C SER C 313 -36.87 32.67 10.20
N GLY C 314 -36.55 31.37 10.24
CA GLY C 314 -35.16 30.96 10.38
C GLY C 314 -34.53 31.42 11.67
N LYS C 315 -35.31 31.50 12.74
CA LYS C 315 -34.79 31.98 14.01
C LYS C 315 -33.67 31.06 14.51
N TYR C 316 -33.93 29.76 14.57
CA TYR C 316 -32.95 28.83 15.12
C TYR C 316 -31.70 28.75 14.25
N PHE C 317 -31.86 28.70 12.94
CA PHE C 317 -30.71 28.57 12.05
C PHE C 317 -29.81 29.80 12.17
N ALA C 318 -30.41 30.99 12.27
CA ALA C 318 -29.62 32.21 12.42
C ALA C 318 -28.85 32.20 13.74
N HIS C 319 -29.49 31.75 14.82
CA HIS C 319 -28.82 31.73 16.12
C HIS C 319 -27.64 30.79 16.11
N ILE C 320 -27.79 29.60 15.51
CA ILE C 320 -26.68 28.64 15.47
C ILE C 320 -25.53 29.21 14.67
N ILE C 321 -25.82 29.84 13.53
CA ILE C 321 -24.76 30.40 12.70
C ILE C 321 -24.01 31.48 13.47
N LYS C 322 -24.75 32.36 14.14
CA LYS C 322 -24.11 33.43 14.90
C LYS C 322 -23.26 32.88 16.05
N GLU C 323 -23.69 31.76 16.64
CA GLU C 323 -22.84 31.10 17.62
C GLU C 323 -21.54 30.61 16.97
N VAL C 324 -21.63 30.06 15.76
CA VAL C 324 -20.42 29.68 15.02
C VAL C 324 -19.59 30.92 14.73
N MET C 325 -20.26 32.02 14.36
CA MET C 325 -19.53 33.26 14.11
C MET C 325 -18.80 33.73 15.36
N SER C 326 -19.42 33.58 16.52
CA SER C 326 -18.76 33.98 17.77
C SER C 326 -17.46 33.20 17.97
N ASP C 327 -17.49 31.88 17.72
CA ASP C 327 -16.27 31.09 17.85
C ASP C 327 -15.21 31.53 16.85
N LEU C 328 -15.64 31.84 15.61
CA LEU C 328 -14.68 32.33 14.62
C LEU C 328 -14.05 33.64 15.05
N GLU C 329 -14.86 34.56 15.58
CA GLU C 329 -14.33 35.85 16.04
C GLU C 329 -13.46 35.67 17.29
N GLU C 330 -13.81 34.74 18.16
CA GLU C 330 -12.96 34.47 19.32
C GLU C 330 -11.59 33.96 18.89
N SER C 331 -11.55 33.08 17.90
CA SER C 331 -10.27 32.58 17.41
C SER C 331 -9.48 33.64 16.67
N LYS C 332 -10.15 34.70 16.20
CA LYS C 332 -9.51 35.82 15.53
C LYS C 332 -8.99 35.45 14.15
N TYR C 333 -8.12 34.43 14.06
CA TYR C 333 -7.41 34.14 12.83
C TYR C 333 -8.13 33.16 11.91
N GLN C 334 -9.22 32.54 12.36
CA GLN C 334 -9.94 31.56 11.55
C GLN C 334 -11.15 32.21 10.89
N ASN C 335 -11.31 31.95 9.61
CA ASN C 335 -12.43 32.49 8.83
C ASN C 335 -13.06 31.37 8.00
N ALA C 336 -14.29 31.61 7.55
CA ALA C 336 -15.04 30.62 6.81
C ALA C 336 -15.83 31.30 5.70
N GLU C 337 -16.10 30.53 4.64
CA GLU C 337 -16.91 30.98 3.51
C GLU C 337 -18.11 30.03 3.45
N LEU C 338 -19.15 30.36 4.21
CA LEU C 338 -20.31 29.48 4.32
C LEU C 338 -21.13 29.48 3.03
N ARG C 339 -21.78 28.35 2.77
CA ARG C 339 -22.63 28.20 1.61
C ARG C 339 -24.09 28.25 2.06
N LEU C 340 -24.83 29.22 1.55
CA LEU C 340 -26.27 29.31 1.76
C LEU C 340 -26.99 28.90 0.49
N SER C 341 -28.19 28.35 0.64
CA SER C 341 -28.91 27.72 -0.44
C SER C 341 -29.95 28.67 -1.04
N ILE C 342 -29.86 28.88 -2.35
CA ILE C 342 -30.92 29.49 -3.15
C ILE C 342 -31.35 28.43 -4.16
N TYR C 343 -32.52 27.83 -3.93
CA TYR C 343 -32.93 26.68 -4.73
C TYR C 343 -33.46 27.05 -6.10
N GLY C 344 -33.81 28.31 -6.33
CA GLY C 344 -34.40 28.70 -7.58
C GLY C 344 -35.82 28.21 -7.77
N ARG C 345 -36.44 27.66 -6.72
CA ARG C 345 -37.79 27.17 -6.83
C ARG C 345 -38.82 28.30 -6.81
N SER C 346 -38.54 29.36 -6.05
CA SER C 346 -39.47 30.47 -5.89
C SER C 346 -38.75 31.78 -6.18
N ARG C 347 -39.52 32.74 -6.74
CA ARG C 347 -38.96 34.03 -7.09
C ARG C 347 -38.57 34.86 -5.88
N ASP C 348 -39.13 34.54 -4.71
CA ASP C 348 -38.94 35.35 -3.51
C ASP C 348 -37.80 34.82 -2.62
N GLU C 349 -37.07 33.80 -3.05
CA GLU C 349 -36.06 33.22 -2.19
C GLU C 349 -34.96 34.23 -1.84
N TRP C 350 -34.51 35.01 -2.82
CA TRP C 350 -33.43 35.95 -2.57
C TRP C 350 -33.85 37.00 -1.55
N ASP C 351 -35.06 37.58 -1.72
CA ASP C 351 -35.53 38.57 -0.77
C ASP C 351 -35.70 37.98 0.62
N LYS C 352 -36.28 36.78 0.71
CA LYS C 352 -36.48 36.16 2.00
C LYS C 352 -35.15 35.81 2.67
N LEU C 353 -34.17 35.35 1.88
CA LEU C 353 -32.85 35.10 2.45
C LEU C 353 -32.22 36.39 2.95
N ALA C 354 -32.32 37.47 2.17
CA ALA C 354 -31.74 38.74 2.60
C ALA C 354 -32.41 39.26 3.87
N ARG C 355 -33.74 39.20 3.92
CA ARG C 355 -34.45 39.61 5.13
C ARG C 355 -34.06 38.75 6.31
N TRP C 356 -33.88 37.45 6.08
CA TRP C 356 -33.47 36.54 7.14
C TRP C 356 -32.14 36.97 7.76
N ALA C 357 -31.18 37.30 6.91
CA ALA C 357 -29.88 37.75 7.42
C ALA C 357 -29.99 39.10 8.11
N VAL C 358 -30.77 40.01 7.54
CA VAL C 358 -30.87 41.37 8.10
C VAL C 358 -31.60 41.33 9.45
N MET C 359 -32.74 40.66 9.51
CA MET C 359 -33.55 40.67 10.72
C MET C 359 -32.81 40.03 11.89
N HIS C 360 -32.11 38.93 11.64
CA HIS C 360 -31.38 38.22 12.67
C HIS C 360 -29.93 38.69 12.79
N ARG C 361 -29.53 39.68 12.00
CA ARG C 361 -28.17 40.23 12.08
C ARG C 361 -27.13 39.12 11.91
N VAL C 362 -27.36 38.23 10.95
CA VAL C 362 -26.43 37.15 10.67
C VAL C 362 -25.26 37.71 9.87
N HIS C 363 -24.25 38.23 10.57
CA HIS C 363 -23.09 38.83 9.93
C HIS C 363 -21.89 38.69 10.83
N SER C 364 -20.71 38.57 10.22
CA SER C 364 -19.47 38.50 10.96
C SER C 364 -18.33 38.91 10.06
N PRO C 365 -17.34 39.65 10.57
CA PRO C 365 -16.19 40.01 9.72
C PRO C 365 -15.39 38.80 9.25
N ASN C 366 -15.53 37.65 9.90
CA ASN C 366 -14.80 36.44 9.55
C ASN C 366 -15.58 35.51 8.64
N VAL C 367 -16.77 35.93 8.17
CA VAL C 367 -17.64 35.08 7.38
C VAL C 367 -17.95 35.79 6.06
N ARG C 368 -17.77 35.06 4.96
CA ARG C 368 -18.21 35.48 3.65
C ARG C 368 -19.24 34.48 3.15
N TRP C 369 -20.21 34.97 2.40
CA TRP C 369 -21.32 34.15 1.92
C TRP C 369 -21.10 33.75 0.46
N LEU C 370 -21.36 32.49 0.15
CA LEU C 370 -21.47 32.00 -1.21
C LEU C 370 -22.81 31.30 -1.35
N VAL C 371 -23.50 31.53 -2.47
CA VAL C 371 -24.85 31.01 -2.68
C VAL C 371 -24.74 29.74 -3.52
N GLN C 372 -25.24 28.63 -2.98
CA GLN C 372 -25.20 27.35 -3.66
C GLN C 372 -26.57 27.04 -4.25
N VAL C 373 -26.58 26.53 -5.48
CA VAL C 373 -27.80 26.16 -6.17
C VAL C 373 -27.82 24.64 -6.35
N PRO C 374 -28.56 23.90 -5.53
CA PRO C 374 -28.66 22.46 -5.76
C PRO C 374 -29.24 22.17 -7.14
N ARG C 375 -28.68 21.14 -7.80
CA ARG C 375 -29.12 20.75 -9.13
C ARG C 375 -30.29 19.76 -9.00
N LEU C 376 -31.42 20.31 -8.57
CA LEU C 376 -32.62 19.53 -8.27
C LEU C 376 -33.80 19.93 -9.14
N PHE C 377 -33.53 20.36 -10.38
CA PHE C 377 -34.62 20.74 -11.28
C PHE C 377 -35.56 19.56 -11.53
N ASP C 378 -34.99 18.37 -11.74
CA ASP C 378 -35.83 17.21 -12.02
C ASP C 378 -36.84 16.97 -10.90
N VAL C 379 -36.41 17.14 -9.65
CA VAL C 379 -37.33 16.96 -8.52
C VAL C 379 -38.44 18.00 -8.59
N TYR C 380 -38.08 19.26 -8.84
CA TYR C 380 -39.08 20.32 -8.89
C TYR C 380 -40.04 20.12 -10.06
N ARG C 381 -39.50 19.82 -11.25
CA ARG C 381 -40.35 19.62 -12.41
C ARG C 381 -41.28 18.44 -12.22
N THR C 382 -40.77 17.35 -11.66
CA THR C 382 -41.59 16.16 -11.46
C THR C 382 -42.78 16.45 -10.55
N LYS C 383 -42.62 17.38 -9.61
CA LYS C 383 -43.69 17.75 -8.69
C LYS C 383 -44.59 18.85 -9.24
N GLY C 384 -44.30 19.37 -10.43
CA GLY C 384 -45.09 20.44 -11.00
C GLY C 384 -44.85 21.81 -10.40
N GLN C 385 -43.75 21.98 -9.67
CA GLN C 385 -43.43 23.24 -9.02
C GLN C 385 -42.70 24.21 -9.93
N LEU C 386 -42.21 23.75 -11.08
CA LEU C 386 -41.60 24.61 -12.08
C LEU C 386 -42.11 24.20 -13.46
N ALA C 387 -42.19 25.19 -14.36
CA ALA C 387 -42.65 24.94 -15.72
C ALA C 387 -41.51 24.58 -16.66
N ASN C 388 -40.37 25.23 -16.52
CA ASN C 388 -39.21 24.98 -17.36
C ASN C 388 -37.94 25.43 -16.62
N PHE C 389 -36.80 25.01 -17.15
CA PHE C 389 -35.54 25.39 -16.55
C PHE C 389 -35.34 26.90 -16.55
N GLN C 390 -35.96 27.59 -17.50
CA GLN C 390 -35.85 29.05 -17.55
C GLN C 390 -36.44 29.69 -16.30
N GLU C 391 -37.56 29.15 -15.81
CA GLU C 391 -38.15 29.70 -14.60
C GLU C 391 -37.19 29.58 -13.42
N MET C 392 -36.48 28.46 -13.32
CA MET C 392 -35.50 28.30 -12.26
C MET C 392 -34.39 29.35 -12.36
N LEU C 393 -33.91 29.60 -13.58
CA LEU C 393 -32.88 30.62 -13.78
C LEU C 393 -33.41 32.00 -13.41
N GLU C 394 -34.67 32.28 -13.77
CA GLU C 394 -35.25 33.58 -13.45
C GLU C 394 -35.31 33.80 -11.94
N ASN C 395 -35.71 32.77 -11.19
CA ASN C 395 -35.78 32.91 -9.73
C ASN C 395 -34.41 33.10 -9.11
N ILE C 396 -33.34 32.77 -9.81
CA ILE C 396 -32.00 32.88 -9.26
C ILE C 396 -31.37 34.23 -9.58
N PHE C 397 -31.56 34.73 -10.79
CA PHE C 397 -30.82 35.89 -11.27
C PHE C 397 -31.65 37.16 -11.41
N LEU C 398 -32.92 37.06 -11.80
CA LEU C 398 -33.71 38.27 -11.99
C LEU C 398 -33.77 39.12 -10.74
N PRO C 399 -34.01 38.58 -9.55
CA PRO C 399 -33.94 39.43 -8.34
C PRO C 399 -32.61 40.13 -8.19
N LEU C 400 -31.51 39.45 -8.54
CA LEU C 400 -30.20 40.08 -8.47
C LEU C 400 -30.09 41.23 -9.46
N PHE C 401 -30.53 41.01 -10.70
CA PHE C 401 -30.49 42.08 -11.69
C PHE C 401 -31.38 43.24 -11.28
N GLU C 402 -32.57 42.94 -10.74
CA GLU C 402 -33.47 44.00 -10.30
C GLU C 402 -32.86 44.81 -9.17
N ALA C 403 -32.17 44.16 -8.24
CA ALA C 403 -31.55 44.87 -7.13
C ALA C 403 -30.48 45.82 -7.63
N THR C 404 -29.69 45.40 -8.61
CA THR C 404 -28.62 46.25 -9.13
C THR C 404 -29.20 47.50 -9.80
N VAL C 405 -30.21 47.33 -10.65
CA VAL C 405 -30.78 48.47 -11.37
C VAL C 405 -31.55 49.37 -10.42
N HIS C 406 -32.31 48.79 -9.50
CA HIS C 406 -33.18 49.52 -8.57
C HIS C 406 -32.93 49.00 -7.17
N PRO C 407 -31.86 49.45 -6.52
CA PRO C 407 -31.56 48.93 -5.18
C PRO C 407 -32.69 49.11 -4.19
N ALA C 408 -33.43 50.21 -4.26
CA ALA C 408 -34.56 50.40 -3.36
C ALA C 408 -35.69 49.42 -3.64
N SER C 409 -35.68 48.77 -4.80
CA SER C 409 -36.68 47.72 -5.07
C SER C 409 -36.50 46.53 -4.15
N HIS C 410 -35.24 46.17 -3.86
CA HIS C 410 -34.92 45.05 -2.97
C HIS C 410 -33.90 45.54 -1.94
N PRO C 411 -34.34 46.40 -1.02
CA PRO C 411 -33.36 47.03 -0.10
C PRO C 411 -32.61 46.03 0.75
N GLU C 412 -33.27 45.00 1.27
CA GLU C 412 -32.55 44.01 2.08
C GLU C 412 -31.53 43.26 1.25
N LEU C 413 -31.87 42.89 0.02
CA LEU C 413 -30.95 42.17 -0.83
C LEU C 413 -29.72 43.02 -1.14
N HIS C 414 -29.91 44.31 -1.39
CA HIS C 414 -28.79 45.19 -1.70
C HIS C 414 -27.75 45.17 -0.60
N LEU C 415 -28.19 45.28 0.66
CA LEU C 415 -27.26 45.21 1.78
C LEU C 415 -26.63 43.82 1.90
N PHE C 416 -27.44 42.77 1.73
CA PHE C 416 -26.93 41.41 1.92
C PHE C 416 -25.88 41.07 0.88
N LEU C 417 -26.07 41.50 -0.36
CA LEU C 417 -25.12 41.16 -1.42
C LEU C 417 -23.74 41.74 -1.17
N GLU C 418 -23.62 42.71 -0.28
CA GLU C 418 -22.30 43.22 0.09
C GLU C 418 -21.39 42.14 0.64
N HIS C 419 -21.97 41.08 1.20
CA HIS C 419 -21.21 39.98 1.78
C HIS C 419 -21.32 38.69 0.99
N VAL C 420 -22.00 38.71 -0.17
CA VAL C 420 -22.13 37.54 -1.03
C VAL C 420 -21.09 37.65 -2.14
N ASP C 421 -20.27 36.62 -2.28
CA ASP C 421 -19.12 36.68 -3.17
C ASP C 421 -19.31 35.91 -4.48
N GLY C 422 -20.17 34.90 -4.51
CA GLY C 422 -20.27 34.10 -5.72
C GLY C 422 -21.31 33.00 -5.60
N PHE C 423 -21.31 32.13 -6.59
CA PHE C 423 -22.28 31.06 -6.73
C PHE C 423 -21.59 29.70 -6.62
N ASP C 424 -22.34 28.70 -6.19
CA ASP C 424 -21.86 27.34 -6.07
C ASP C 424 -22.90 26.40 -6.65
N SER C 425 -22.45 25.23 -7.11
CA SER C 425 -23.32 24.20 -7.65
C SER C 425 -23.04 22.88 -6.94
N VAL C 426 -24.08 22.27 -6.39
CA VAL C 426 -23.95 21.08 -5.56
C VAL C 426 -25.00 20.05 -5.96
N ASP C 427 -24.63 18.78 -5.92
CA ASP C 427 -25.51 17.65 -6.14
C ASP C 427 -24.66 16.40 -6.06
N ASP C 428 -25.32 15.24 -6.02
CA ASP C 428 -24.58 13.98 -6.06
C ASP C 428 -23.84 13.87 -7.39
N GLU C 429 -22.57 14.27 -7.39
CA GLU C 429 -21.79 14.32 -8.62
C GLU C 429 -21.50 12.95 -9.20
N SER C 430 -21.73 11.88 -8.44
CA SER C 430 -21.53 10.53 -8.95
C SER C 430 -22.65 10.07 -9.88
N LYS C 431 -23.79 10.76 -9.90
CA LYS C 431 -24.89 10.35 -10.73
C LYS C 431 -24.48 10.42 -12.20
N PRO C 432 -24.92 9.45 -13.02
CA PRO C 432 -24.51 9.46 -14.43
C PRO C 432 -25.22 10.56 -15.20
N GLU C 433 -24.63 10.92 -16.34
CA GLU C 433 -25.20 11.88 -17.27
C GLU C 433 -25.43 11.21 -18.61
N ASN C 434 -26.67 11.29 -19.10
CA ASN C 434 -27.02 10.71 -20.39
C ASN C 434 -27.28 11.77 -21.45
N HIS C 435 -27.15 13.05 -21.12
CA HIS C 435 -27.39 14.14 -22.06
C HIS C 435 -26.12 14.98 -22.19
N VAL C 436 -25.71 15.24 -23.42
CA VAL C 436 -24.54 16.05 -23.72
C VAL C 436 -25.01 17.46 -23.99
N PHE C 437 -24.38 18.44 -23.33
CA PHE C 437 -24.74 19.84 -23.50
C PHE C 437 -24.11 20.36 -24.79
N ASN C 438 -24.95 20.68 -25.77
CA ASN C 438 -24.48 21.20 -27.05
C ASN C 438 -25.60 22.03 -27.67
N LEU C 439 -25.44 22.39 -28.95
CA LEU C 439 -26.42 23.24 -29.61
C LEU C 439 -27.75 22.55 -29.79
N GLU C 440 -27.77 21.21 -29.85
CA GLU C 440 -29.01 20.48 -30.00
C GLU C 440 -29.77 20.32 -28.69
N SER C 441 -29.18 20.74 -27.58
CA SER C 441 -29.89 20.67 -26.30
C SER C 441 -31.04 21.68 -26.29
N PRO C 442 -32.16 21.35 -25.66
CA PRO C 442 -33.23 22.33 -25.51
C PRO C 442 -32.75 23.55 -24.74
N LEU C 443 -33.22 24.73 -25.14
CA LEU C 443 -32.97 25.92 -24.39
C LEU C 443 -33.72 25.85 -23.06
N PRO C 444 -33.30 26.61 -22.07
CA PRO C 444 -33.98 26.52 -20.75
C PRO C 444 -35.48 26.75 -20.83
N GLU C 445 -35.93 27.68 -21.67
CA GLU C 445 -37.36 27.90 -21.83
C GLU C 445 -38.05 26.67 -22.43
N ALA C 446 -37.35 25.94 -23.30
CA ALA C 446 -37.91 24.75 -23.93
C ALA C 446 -37.68 23.47 -23.12
N TRP C 447 -36.87 23.54 -22.05
CA TRP C 447 -36.59 22.34 -21.25
C TRP C 447 -37.75 22.13 -20.28
N VAL C 448 -38.71 21.30 -20.69
CA VAL C 448 -39.89 21.02 -19.89
C VAL C 448 -39.95 19.58 -19.42
N GLU C 449 -39.05 18.72 -19.89
CA GLU C 449 -39.02 17.34 -19.41
C GLU C 449 -38.55 17.30 -17.96
N GLU C 450 -38.88 16.20 -17.29
CA GLU C 450 -38.50 15.99 -15.89
C GLU C 450 -37.07 15.50 -15.74
N ASP C 451 -36.27 15.56 -16.80
CA ASP C 451 -34.87 15.12 -16.75
C ASP C 451 -34.00 16.25 -16.24
N ASN C 452 -33.04 15.91 -15.38
CA ASN C 452 -32.14 16.91 -14.84
C ASN C 452 -31.09 17.28 -15.89
N PRO C 453 -30.94 18.55 -16.25
CA PRO C 453 -29.90 18.91 -17.22
C PRO C 453 -28.53 18.55 -16.69
N PRO C 454 -27.59 18.23 -17.57
CA PRO C 454 -26.25 17.81 -17.12
C PRO C 454 -25.49 18.91 -16.41
N TYR C 455 -24.30 18.57 -15.90
CA TYR C 455 -23.51 19.52 -15.11
C TYR C 455 -23.14 20.75 -15.93
N ALA C 456 -22.69 20.53 -17.17
CA ALA C 456 -22.28 21.67 -18.00
C ALA C 456 -23.46 22.58 -18.30
N TYR C 457 -24.66 22.03 -18.40
CA TYR C 457 -25.84 22.85 -18.64
C TYR C 457 -26.07 23.84 -17.50
N TYR C 458 -26.01 23.35 -16.26
CA TYR C 458 -26.15 24.24 -15.11
C TYR C 458 -25.04 25.29 -15.09
N LEU C 459 -23.80 24.85 -15.31
CA LEU C 459 -22.67 25.74 -15.14
C LEU C 459 -22.69 26.87 -16.18
N TYR C 460 -22.97 26.55 -17.43
CA TYR C 460 -22.89 27.57 -18.48
C TYR C 460 -23.90 28.68 -18.22
N TYR C 461 -25.14 28.31 -17.88
CA TYR C 461 -26.16 29.34 -17.70
C TYR C 461 -25.99 30.09 -16.40
N THR C 462 -25.46 29.44 -15.36
CA THR C 462 -25.03 30.18 -14.18
C THR C 462 -23.90 31.15 -14.53
N PHE C 463 -22.93 30.67 -15.32
CA PHE C 463 -21.83 31.54 -15.73
C PHE C 463 -22.34 32.69 -16.62
N ALA C 464 -23.15 32.37 -17.62
CA ALA C 464 -23.59 33.39 -18.56
C ALA C 464 -24.38 34.50 -17.86
N ASN C 465 -25.34 34.12 -17.01
CA ASN C 465 -26.09 35.13 -16.27
C ASN C 465 -25.20 35.88 -15.29
N MET C 466 -24.30 35.18 -14.59
CA MET C 466 -23.41 35.85 -13.66
C MET C 466 -22.52 36.85 -14.37
N ALA C 467 -22.01 36.50 -15.55
CA ALA C 467 -21.13 37.41 -16.27
C ALA C 467 -21.84 38.71 -16.62
N MET C 468 -23.07 38.61 -17.12
CA MET C 468 -23.83 39.82 -17.42
C MET C 468 -24.14 40.61 -16.16
N LEU C 469 -24.47 39.92 -15.07
CA LEU C 469 -24.73 40.60 -13.81
C LEU C 469 -23.50 41.36 -13.34
N ASN C 470 -22.32 40.74 -13.43
CA ASN C 470 -21.11 41.40 -12.97
C ASN C 470 -20.82 42.65 -13.80
N HIS C 471 -21.03 42.59 -15.11
CA HIS C 471 -20.84 43.78 -15.94
C HIS C 471 -21.77 44.90 -15.50
N LEU C 472 -23.03 44.58 -15.23
CA LEU C 472 -23.98 45.59 -14.79
C LEU C 472 -23.59 46.17 -13.43
N ARG C 473 -23.22 45.30 -12.48
CA ARG C 473 -22.85 45.76 -11.15
C ARG C 473 -21.54 46.55 -11.18
N ARG C 474 -20.61 46.16 -12.05
CA ARG C 474 -19.35 46.89 -12.15
C ARG C 474 -19.59 48.35 -12.54
N GLN C 475 -20.50 48.58 -13.49
CA GLN C 475 -20.76 49.94 -13.94
C GLN C 475 -21.26 50.83 -12.81
N ARG C 476 -22.01 50.27 -11.87
CA ARG C 476 -22.51 51.02 -10.72
C ARG C 476 -21.54 51.02 -9.55
N GLY C 477 -20.40 50.34 -9.66
CA GLY C 477 -19.45 50.27 -8.57
C GLY C 477 -19.78 49.26 -7.50
N PHE C 478 -20.70 48.34 -7.76
CA PHE C 478 -21.09 47.34 -6.77
C PHE C 478 -20.17 46.13 -6.87
N HIS C 479 -20.23 45.29 -5.83
CA HIS C 479 -19.37 44.11 -5.75
C HIS C 479 -19.76 43.10 -6.83
N THR C 480 -18.75 42.52 -7.48
CA THR C 480 -18.98 41.50 -8.49
C THR C 480 -18.91 40.11 -7.85
N PHE C 481 -19.33 39.11 -8.61
CA PHE C 481 -19.42 37.73 -8.13
C PHE C 481 -18.45 36.84 -8.89
N VAL C 482 -18.25 35.63 -8.34
CA VAL C 482 -17.41 34.62 -8.95
C VAL C 482 -18.16 33.30 -8.91
N LEU C 483 -17.73 32.38 -9.77
CA LEU C 483 -18.33 31.04 -9.87
C LEU C 483 -17.35 30.04 -9.26
N ARG C 484 -17.77 29.38 -8.19
CA ARG C 484 -16.92 28.45 -7.43
C ARG C 484 -17.70 27.16 -7.17
N PRO C 485 -17.74 26.27 -8.15
CA PRO C 485 -18.58 25.08 -8.03
C PRO C 485 -17.85 23.88 -7.44
N HIS C 486 -18.64 22.95 -6.92
CA HIS C 486 -18.13 21.63 -6.61
C HIS C 486 -17.84 20.91 -7.93
N CYS C 487 -16.64 20.35 -8.04
CA CYS C 487 -16.23 19.75 -9.31
C CYS C 487 -15.13 18.73 -9.06
N GLY C 488 -15.20 17.61 -9.78
CA GLY C 488 -14.18 16.60 -9.72
C GLY C 488 -14.27 15.65 -8.54
N GLU C 489 -15.28 15.80 -7.68
CA GLU C 489 -15.42 14.87 -6.56
C GLU C 489 -15.67 13.45 -7.06
N ALA C 490 -16.54 13.29 -8.05
CA ALA C 490 -16.84 12.01 -8.63
C ALA C 490 -17.54 12.25 -9.97
N GLY C 491 -17.91 11.16 -10.64
CA GLY C 491 -18.62 11.26 -11.89
C GLY C 491 -17.70 11.52 -13.06
N PRO C 492 -18.27 11.97 -14.19
CA PRO C 492 -17.46 12.13 -15.41
C PRO C 492 -16.33 13.12 -15.21
N ILE C 493 -15.20 12.82 -15.84
CA ILE C 493 -14.03 13.70 -15.75
C ILE C 493 -14.29 15.02 -16.45
N HIS C 494 -15.14 15.04 -17.49
CA HIS C 494 -15.32 16.25 -18.28
C HIS C 494 -15.98 17.37 -17.49
N HIS C 495 -16.52 17.10 -16.30
CA HIS C 495 -16.97 18.18 -15.44
C HIS C 495 -15.83 19.17 -15.17
N LEU C 496 -14.60 18.66 -15.06
CA LEU C 496 -13.44 19.53 -14.84
C LEU C 496 -13.10 20.36 -16.07
N VAL C 497 -13.48 19.89 -17.26
CA VAL C 497 -13.36 20.73 -18.46
C VAL C 497 -14.26 21.95 -18.32
N SER C 498 -15.50 21.75 -17.86
CA SER C 498 -16.43 22.84 -17.71
C SER C 498 -15.91 23.89 -16.74
N ALA C 499 -15.42 23.45 -15.58
CA ALA C 499 -14.93 24.39 -14.58
C ALA C 499 -13.69 25.13 -15.06
N PHE C 500 -12.80 24.42 -15.77
CA PHE C 500 -11.61 25.09 -16.30
C PHE C 500 -11.96 26.27 -17.18
N MET C 501 -13.09 26.18 -17.92
CA MET C 501 -13.48 27.27 -18.80
C MET C 501 -14.17 28.40 -18.04
N LEU C 502 -14.96 28.08 -17.02
CA LEU C 502 -15.90 29.03 -16.45
C LEU C 502 -15.71 29.32 -14.96
N ALA C 503 -14.95 28.53 -14.24
CA ALA C 503 -14.91 28.61 -12.77
C ALA C 503 -13.69 29.40 -12.30
N GLU C 504 -13.95 30.33 -11.38
CA GLU C 504 -12.84 31.01 -10.70
C GLU C 504 -11.96 30.01 -9.96
N ASN C 505 -12.58 29.13 -9.18
CA ASN C 505 -11.89 28.01 -8.53
C ASN C 505 -12.95 26.96 -8.23
N ILE C 506 -12.48 25.78 -7.83
CA ILE C 506 -13.36 24.64 -7.59
C ILE C 506 -13.06 24.06 -6.20
N SER C 507 -13.97 23.20 -5.75
CA SER C 507 -13.80 22.40 -4.55
C SER C 507 -13.64 20.94 -4.93
N HIS C 508 -13.04 20.17 -4.01
CA HIS C 508 -12.74 18.77 -4.26
C HIS C 508 -11.72 18.63 -5.39
N GLY C 509 -12.17 18.38 -6.60
CA GLY C 509 -11.27 18.18 -7.73
C GLY C 509 -10.46 16.91 -7.64
N LEU C 510 -11.04 15.84 -7.10
CA LEU C 510 -10.30 14.59 -6.93
C LEU C 510 -9.96 13.95 -8.27
N LEU C 511 -10.86 14.05 -9.25
CA LEU C 511 -10.68 13.35 -10.51
C LEU C 511 -9.59 13.96 -11.38
N LEU C 512 -8.99 15.08 -10.97
CA LEU C 512 -7.83 15.59 -11.71
C LEU C 512 -6.69 14.57 -11.74
N ARG C 513 -6.66 13.64 -10.78
CA ARG C 513 -5.62 12.60 -10.78
C ARG C 513 -5.79 11.63 -11.95
N LYS C 514 -6.98 11.55 -12.52
CA LYS C 514 -7.23 10.67 -13.66
C LYS C 514 -7.09 11.35 -15.02
N ALA C 515 -6.82 12.66 -15.03
CA ALA C 515 -6.69 13.44 -16.26
C ALA C 515 -5.40 14.26 -16.18
N PRO C 516 -4.28 13.69 -16.63
CA PRO C 516 -3.01 14.45 -16.51
C PRO C 516 -3.03 15.80 -17.18
N VAL C 517 -3.67 15.92 -18.35
CA VAL C 517 -3.69 17.20 -19.05
C VAL C 517 -4.49 18.22 -18.25
N LEU C 518 -5.63 17.82 -17.69
CA LEU C 518 -6.41 18.75 -16.89
C LEU C 518 -5.65 19.17 -15.63
N GLN C 519 -5.03 18.23 -14.94
CA GLN C 519 -4.23 18.58 -13.77
C GLN C 519 -3.09 19.51 -14.16
N TYR C 520 -2.45 19.24 -15.29
CA TYR C 520 -1.38 20.10 -15.78
C TYR C 520 -1.89 21.49 -16.07
N LEU C 521 -3.07 21.59 -16.71
CA LEU C 521 -3.66 22.91 -17.00
C LEU C 521 -4.03 23.65 -15.71
N TYR C 522 -4.60 22.94 -14.74
CA TYR C 522 -4.94 23.58 -13.48
C TYR C 522 -3.70 24.13 -12.78
N TYR C 523 -2.57 23.42 -12.89
CA TYR C 523 -1.33 23.94 -12.35
C TYR C 523 -0.88 25.18 -13.11
N LEU C 524 -0.87 25.11 -14.44
CA LEU C 524 -0.41 26.25 -15.23
C LEU C 524 -1.31 27.47 -15.02
N ALA C 525 -2.62 27.25 -14.92
CA ALA C 525 -3.56 28.34 -14.66
C ALA C 525 -3.67 28.69 -13.19
N GLN C 526 -3.04 27.91 -12.30
CA GLN C 526 -3.09 28.17 -10.87
C GLN C 526 -4.52 28.28 -10.38
N ILE C 527 -5.34 27.33 -10.80
CA ILE C 527 -6.75 27.31 -10.42
C ILE C 527 -6.85 26.80 -8.98
N GLY C 528 -7.47 27.59 -8.12
CA GLY C 528 -7.62 27.17 -6.73
C GLY C 528 -8.45 25.92 -6.60
N ILE C 529 -8.08 25.08 -5.62
CA ILE C 529 -8.79 23.84 -5.33
C ILE C 529 -8.98 23.77 -3.83
N ALA C 530 -10.23 23.88 -3.38
CA ALA C 530 -10.57 23.77 -1.96
C ALA C 530 -10.93 22.32 -1.68
N MET C 531 -10.01 21.59 -1.04
CA MET C 531 -10.15 20.16 -0.83
C MET C 531 -10.59 19.87 0.60
N SER C 532 -11.31 18.77 0.77
CA SER C 532 -11.82 18.33 2.06
C SER C 532 -11.50 16.85 2.24
N PRO C 533 -10.25 16.53 2.58
CA PRO C 533 -9.87 15.09 2.68
C PRO C 533 -10.73 14.30 3.64
N LEU C 534 -11.14 14.88 4.77
CA LEU C 534 -11.96 14.17 5.74
C LEU C 534 -13.33 13.87 5.14
N SER C 535 -13.91 14.82 4.40
CA SER C 535 -15.19 14.57 3.74
C SER C 535 -15.04 13.47 2.70
N ASN C 536 -13.98 13.51 1.90
CA ASN C 536 -13.78 12.49 0.88
C ASN C 536 -13.60 11.11 1.51
N ASN C 537 -12.89 11.03 2.65
CA ASN C 537 -12.60 9.75 3.28
C ASN C 537 -13.88 9.07 3.72
N SER C 538 -14.92 9.85 4.01
CA SER C 538 -16.18 9.33 4.51
C SER C 538 -17.23 9.16 3.41
N LEU C 539 -16.88 9.45 2.15
CA LEU C 539 -17.88 9.41 1.08
C LEU C 539 -17.36 8.72 -0.18
N PHE C 540 -16.24 9.18 -0.72
CA PHE C 540 -15.80 8.75 -2.04
C PHE C 540 -14.40 8.14 -2.05
N LEU C 541 -13.38 8.87 -1.59
CA LEU C 541 -12.00 8.45 -1.74
C LEU C 541 -11.31 8.35 -0.38
N SER C 542 -10.59 7.26 -0.17
CA SER C 542 -9.91 7.03 1.10
C SER C 542 -8.82 8.08 1.33
N TYR C 543 -8.51 8.30 2.61
CA TYR C 543 -7.54 9.33 2.97
C TYR C 543 -6.17 9.03 2.37
N HIS C 544 -5.72 7.76 2.49
CA HIS C 544 -4.41 7.39 1.99
C HIS C 544 -4.31 7.49 0.47
N ARG C 545 -5.43 7.40 -0.26
CA ARG C 545 -5.44 7.55 -1.70
C ARG C 545 -5.81 8.96 -2.16
N ASN C 546 -6.01 9.89 -1.24
CA ASN C 546 -6.37 11.24 -1.64
C ASN C 546 -5.22 11.87 -2.42
N PRO C 547 -5.51 12.55 -3.54
CA PRO C 547 -4.41 13.11 -4.36
C PRO C 547 -3.88 14.44 -3.86
N LEU C 548 -4.39 14.98 -2.74
CA LEU C 548 -3.92 16.27 -2.26
C LEU C 548 -2.42 16.34 -2.10
N PRO C 549 -1.73 15.33 -1.55
CA PRO C 549 -0.27 15.44 -1.42
C PRO C 549 0.44 15.69 -2.73
N GLU C 550 0.00 15.04 -3.80
CA GLU C 550 0.64 15.25 -5.10
C GLU C 550 0.33 16.65 -5.65
N TYR C 551 -0.90 17.11 -5.49
CA TYR C 551 -1.23 18.46 -5.95
C TYR C 551 -0.38 19.51 -5.25
N LEU C 552 -0.25 19.38 -3.92
CA LEU C 552 0.52 20.34 -3.15
C LEU C 552 1.99 20.31 -3.54
N SER C 553 2.55 19.11 -3.70
CA SER C 553 3.96 19.00 -4.07
C SER C 553 4.22 19.59 -5.46
N ARG C 554 3.32 19.36 -6.40
CA ARG C 554 3.50 19.78 -7.77
C ARG C 554 3.21 21.28 -7.96
N GLY C 555 2.65 21.95 -6.98
CA GLY C 555 2.47 23.39 -7.05
C GLY C 555 1.07 23.89 -7.32
N LEU C 556 0.07 23.00 -7.32
CA LEU C 556 -1.31 23.44 -7.49
C LEU C 556 -1.77 24.23 -6.27
N MET C 557 -2.58 25.25 -6.50
CA MET C 557 -3.07 26.11 -5.42
C MET C 557 -4.19 25.37 -4.70
N VAL C 558 -3.79 24.57 -3.71
CA VAL C 558 -4.73 23.76 -2.94
C VAL C 558 -4.88 24.36 -1.56
N SER C 559 -6.08 24.22 -1.00
CA SER C 559 -6.39 24.65 0.36
C SER C 559 -7.25 23.59 1.02
N LEU C 560 -7.19 23.56 2.35
CA LEU C 560 -7.94 22.58 3.14
C LEU C 560 -9.25 23.18 3.61
N SER C 561 -10.27 22.33 3.68
CA SER C 561 -11.61 22.76 4.05
C SER C 561 -12.32 21.63 4.76
N THR C 562 -13.36 21.99 5.52
CA THR C 562 -14.11 21.02 6.31
C THR C 562 -15.33 20.47 5.59
N ASP C 563 -15.89 21.22 4.65
CA ASP C 563 -17.09 20.82 3.92
C ASP C 563 -18.31 20.82 4.81
N ASP C 564 -18.53 19.73 5.55
CA ASP C 564 -19.70 19.56 6.41
C ASP C 564 -19.23 19.10 7.79
N PRO C 565 -18.83 20.04 8.65
CA PRO C 565 -18.38 19.65 9.99
C PRO C 565 -19.40 18.84 10.77
N LEU C 566 -20.69 19.07 10.53
CA LEU C 566 -21.72 18.33 11.26
C LEU C 566 -21.62 16.84 11.00
N GLN C 567 -21.41 16.44 9.75
CA GLN C 567 -21.41 15.05 9.36
C GLN C 567 -20.07 14.35 9.53
N PHE C 568 -19.01 15.07 9.88
CA PHE C 568 -17.68 14.48 9.83
C PHE C 568 -16.82 14.71 11.07
N HIS C 569 -16.65 15.95 11.49
CA HIS C 569 -15.69 16.26 12.53
C HIS C 569 -16.25 15.96 13.92
N PHE C 570 -15.34 15.83 14.89
CA PHE C 570 -15.68 15.47 16.27
C PHE C 570 -15.26 16.53 17.28
N THR C 571 -14.29 17.38 16.95
CA THR C 571 -13.78 18.36 17.90
C THR C 571 -14.54 19.68 17.78
N LYS C 572 -14.25 20.59 18.71
CA LYS C 572 -14.87 21.90 18.74
C LYS C 572 -14.29 22.85 17.69
N GLU C 573 -13.19 22.50 17.04
CA GLU C 573 -12.56 23.32 16.00
C GLU C 573 -12.31 22.44 14.78
N PRO C 574 -13.33 22.23 13.96
CA PRO C 574 -13.19 21.31 12.82
C PRO C 574 -12.05 21.65 11.88
N LEU C 575 -11.77 22.93 11.65
CA LEU C 575 -10.73 23.30 10.69
C LEU C 575 -9.34 22.91 11.20
N MET C 576 -9.08 23.12 12.50
CA MET C 576 -7.81 22.69 13.09
C MET C 576 -7.69 21.17 13.05
N GLU C 577 -8.80 20.47 13.30
CA GLU C 577 -8.82 19.02 13.21
C GLU C 577 -8.53 18.59 11.77
N GLU C 578 -9.09 19.30 10.79
CA GLU C 578 -8.82 19.00 9.38
C GLU C 578 -7.33 19.16 9.07
N TYR C 579 -6.74 20.26 9.54
CA TYR C 579 -5.30 20.48 9.35
C TYR C 579 -4.49 19.39 10.05
N SER C 580 -4.93 18.97 11.24
CA SER C 580 -4.20 17.96 12.02
C SER C 580 -4.10 16.64 11.25
N ILE C 581 -5.23 16.05 10.87
CA ILE C 581 -5.22 14.71 10.22
C ILE C 581 -4.30 14.72 8.99
N ALA C 582 -4.42 15.74 8.15
CA ALA C 582 -3.62 15.88 6.93
C ALA C 582 -2.12 15.99 7.26
N THR C 583 -1.77 16.80 8.25
CA THR C 583 -0.37 17.06 8.65
C THR C 583 0.26 15.78 9.20
N GLN C 584 -0.54 14.90 9.82
CA GLN C 584 0.01 13.67 10.42
C GLN C 584 0.09 12.59 9.34
N VAL C 585 -1.00 12.32 8.63
CA VAL C 585 -1.06 11.19 7.69
C VAL C 585 -0.05 11.37 6.56
N TRP C 586 0.15 12.59 6.10
CA TRP C 586 1.03 12.88 4.97
C TRP C 586 2.30 13.53 5.48
N LYS C 587 2.43 13.63 6.82
CA LYS C 587 3.61 14.19 7.48
C LYS C 587 4.01 15.49 6.81
N LEU C 588 3.07 16.44 6.80
CA LEU C 588 3.34 17.75 6.24
C LEU C 588 4.18 18.58 7.20
N SER C 589 5.16 19.29 6.64
CA SER C 589 6.01 20.15 7.44
C SER C 589 5.29 21.43 7.80
N SER C 590 5.87 22.17 8.76
CA SER C 590 5.29 23.44 9.16
C SER C 590 5.19 24.40 7.99
N CYS C 591 6.18 24.39 7.11
CA CYS C 591 6.13 25.22 5.91
C CYS C 591 4.95 24.83 5.02
N ASP C 592 4.71 23.52 4.89
CA ASP C 592 3.57 23.06 4.11
C ASP C 592 2.26 23.53 4.70
N MET C 593 2.13 23.47 6.03
CA MET C 593 0.89 23.90 6.67
C MET C 593 0.63 25.37 6.42
N CYS C 594 1.64 26.22 6.63
CA CYS C 594 1.45 27.65 6.43
C CYS C 594 1.19 27.97 4.97
N GLU C 595 1.83 27.24 4.05
CA GLU C 595 1.58 27.45 2.63
C GLU C 595 0.12 27.18 2.29
N LEU C 596 -0.45 26.12 2.88
CA LEU C 596 -1.87 25.84 2.67
C LEU C 596 -2.72 26.97 3.21
N ALA C 597 -2.38 27.49 4.39
CA ALA C 597 -3.15 28.61 4.96
C ALA C 597 -3.08 29.84 4.07
N ARG C 598 -1.89 30.14 3.54
CA ARG C 598 -1.75 31.27 2.64
C ARG C 598 -2.59 31.08 1.38
N ASN C 599 -2.61 29.86 0.84
CA ASN C 599 -3.42 29.59 -0.35
C ASN C 599 -4.91 29.79 -0.05
N SER C 600 -5.34 29.38 1.15
CA SER C 600 -6.76 29.53 1.49
C SER C 600 -7.18 31.00 1.46
N VAL C 601 -6.33 31.89 1.99
CA VAL C 601 -6.64 33.32 1.95
C VAL C 601 -6.68 33.82 0.51
N LEU C 602 -5.72 33.40 -0.31
CA LEU C 602 -5.59 33.94 -1.66
C LEU C 602 -6.81 33.58 -2.52
N MET C 603 -7.35 32.37 -2.34
CA MET C 603 -8.50 31.95 -3.13
C MET C 603 -9.83 32.30 -2.48
N SER C 604 -9.81 33.00 -1.34
CA SER C 604 -11.04 33.38 -0.66
C SER C 604 -11.65 34.63 -1.31
N GLY C 605 -12.89 34.91 -0.94
CA GLY C 605 -13.61 36.07 -1.41
C GLY C 605 -13.47 37.32 -0.55
N PHE C 606 -12.57 37.31 0.44
CA PHE C 606 -12.40 38.46 1.30
C PHE C 606 -11.84 39.64 0.52
N SER C 607 -12.15 40.84 1.00
CA SER C 607 -11.83 42.06 0.26
C SER C 607 -10.31 42.29 0.23
N HIS C 608 -9.91 43.17 -0.70
CA HIS C 608 -8.50 43.54 -0.80
C HIS C 608 -8.01 44.20 0.48
N LYS C 609 -8.84 45.05 1.09
CA LYS C 609 -8.44 45.72 2.32
C LYS C 609 -8.16 44.70 3.43
N VAL C 610 -9.04 43.71 3.58
CA VAL C 610 -8.84 42.69 4.61
C VAL C 610 -7.57 41.89 4.32
N LYS C 611 -7.38 41.49 3.06
CA LYS C 611 -6.20 40.71 2.72
C LYS C 611 -4.92 41.52 2.89
N SER C 612 -4.98 42.83 2.66
CA SER C 612 -3.79 43.66 2.85
C SER C 612 -3.31 43.59 4.30
N HIS C 613 -4.24 43.67 5.26
CA HIS C 613 -3.87 43.49 6.66
C HIS C 613 -3.41 42.06 6.92
N TRP C 614 -4.07 41.09 6.30
CA TRP C 614 -3.76 39.68 6.58
C TRP C 614 -2.40 39.29 6.01
N LEU C 615 -2.11 39.65 4.76
CA LEU C 615 -0.89 39.24 4.09
C LEU C 615 0.08 40.37 3.82
N GLY C 616 -0.30 41.62 4.12
CA GLY C 616 0.54 42.76 3.82
C GLY C 616 0.02 43.52 2.60
N PRO C 617 0.35 44.80 2.51
CA PRO C 617 -0.15 45.61 1.40
C PRO C 617 0.33 45.14 0.04
N ASN C 618 1.44 44.42 -0.04
CA ASN C 618 2.02 43.99 -1.30
C ASN C 618 1.63 42.56 -1.70
N TYR C 619 0.60 42.00 -1.06
CA TYR C 619 0.25 40.61 -1.31
C TYR C 619 -0.15 40.36 -2.76
N THR C 620 -0.60 41.38 -3.48
CA THR C 620 -1.04 41.19 -4.86
C THR C 620 0.13 40.96 -5.82
N LYS C 621 1.36 41.21 -5.39
CA LYS C 621 2.51 41.03 -6.27
C LYS C 621 2.75 39.53 -6.50
N GLU C 622 3.40 39.23 -7.62
CA GLU C 622 3.71 37.85 -7.96
C GLU C 622 5.01 37.41 -7.30
N GLY C 623 5.08 36.13 -6.95
CA GLY C 623 6.29 35.55 -6.43
C GLY C 623 6.60 35.99 -5.01
N PRO C 624 7.87 35.89 -4.61
CA PRO C 624 8.23 36.25 -3.23
C PRO C 624 7.86 37.68 -2.86
N GLU C 625 7.85 38.61 -3.82
CA GLU C 625 7.54 39.99 -3.50
C GLU C 625 6.19 40.11 -2.80
N GLY C 626 5.24 39.25 -3.16
CA GLY C 626 3.93 39.27 -2.54
C GLY C 626 3.83 38.53 -1.23
N ASN C 627 4.92 37.92 -0.76
CA ASN C 627 4.91 37.14 0.46
C ASN C 627 5.73 37.86 1.53
N ASP C 628 5.14 37.98 2.72
CA ASP C 628 5.83 38.52 3.90
C ASP C 628 5.78 37.45 4.98
N ILE C 629 6.94 36.89 5.32
CA ILE C 629 6.98 35.83 6.32
C ILE C 629 6.49 36.34 7.67
N ARG C 630 6.64 37.65 7.92
CA ARG C 630 6.17 38.23 9.17
C ARG C 630 4.66 38.08 9.32
N ARG C 631 3.93 37.99 8.21
CA ARG C 631 2.49 37.85 8.24
C ARG C 631 1.98 36.48 7.85
N THR C 632 2.78 35.69 7.11
CA THR C 632 2.35 34.39 6.60
C THR C 632 3.10 33.22 7.20
N ASN C 633 4.29 33.44 7.76
CA ASN C 633 5.14 32.37 8.28
C ASN C 633 5.60 31.41 7.18
N VAL C 634 5.49 31.83 5.92
CA VAL C 634 5.94 31.04 4.77
C VAL C 634 7.28 31.62 4.31
N PRO C 635 8.37 30.87 4.38
CA PRO C 635 9.65 31.41 3.91
C PRO C 635 9.59 31.79 2.44
N ASP C 636 10.30 32.87 2.09
CA ASP C 636 10.40 33.25 0.69
C ASP C 636 11.11 32.19 -0.14
N ILE C 637 11.87 31.30 0.50
CA ILE C 637 12.49 30.19 -0.22
C ILE C 637 11.42 29.29 -0.83
N ARG C 638 10.38 28.97 -0.05
CA ARG C 638 9.30 28.15 -0.56
C ARG C 638 8.53 28.88 -1.66
N VAL C 639 8.13 30.12 -1.40
CA VAL C 639 7.42 30.89 -2.40
C VAL C 639 8.28 31.08 -3.63
N GLY C 640 9.56 31.39 -3.43
CA GLY C 640 10.46 31.55 -4.56
C GLY C 640 10.54 30.30 -5.41
N TYR C 641 10.61 29.13 -4.78
CA TYR C 641 10.67 27.89 -5.54
C TYR C 641 9.40 27.69 -6.37
N ARG C 642 8.23 27.95 -5.78
CA ARG C 642 6.98 27.79 -6.52
C ARG C 642 6.94 28.74 -7.72
N TYR C 643 7.31 30.00 -7.50
CA TYR C 643 7.25 30.98 -8.58
C TYR C 643 8.21 30.62 -9.71
N GLU C 644 9.44 30.24 -9.35
CA GLU C 644 10.40 29.85 -10.38
C GLU C 644 9.93 28.61 -11.12
N THR C 645 9.40 27.62 -10.39
CA THR C 645 8.93 26.41 -11.04
C THR C 645 7.79 26.71 -12.01
N LEU C 646 6.84 27.55 -11.60
CA LEU C 646 5.76 27.92 -12.50
C LEU C 646 6.29 28.70 -13.71
N CYS C 647 7.21 29.63 -13.46
CA CYS C 647 7.78 30.40 -14.58
C CYS C 647 8.54 29.51 -15.54
N GLN C 648 9.33 28.57 -15.01
CA GLN C 648 10.05 27.65 -15.87
C GLN C 648 9.08 26.83 -16.72
N GLU C 649 8.01 26.33 -16.11
CA GLU C 649 7.05 25.52 -16.86
C GLU C 649 6.35 26.35 -17.94
N LEU C 650 5.92 27.55 -17.60
CA LEU C 650 5.27 28.41 -18.58
C LEU C 650 6.25 28.82 -19.68
N ALA C 651 7.51 29.08 -19.32
CA ALA C 651 8.51 29.43 -20.32
C ALA C 651 8.74 28.28 -21.28
N LEU C 652 8.74 27.04 -20.76
CA LEU C 652 8.95 25.89 -21.63
C LEU C 652 7.86 25.79 -22.68
N ILE C 653 6.60 25.93 -22.27
CA ILE C 653 5.48 25.79 -23.21
C ILE C 653 5.46 26.93 -24.21
N THR C 654 5.57 28.17 -23.73
CA THR C 654 5.47 29.32 -24.63
C THR C 654 6.65 29.39 -25.59
N GLN C 655 7.87 29.14 -25.09
CA GLN C 655 9.04 29.20 -25.97
C GLN C 655 8.98 28.13 -27.05
N ALA C 656 8.39 26.98 -26.74
CA ALA C 656 8.25 25.92 -27.75
C ALA C 656 7.38 26.38 -28.90
N VAL C 657 6.29 27.09 -28.61
CA VAL C 657 5.39 27.56 -29.66
C VAL C 657 6.11 28.53 -30.59
N GLN C 658 6.87 29.46 -30.02
CA GLN C 658 7.59 30.43 -30.84
C GLN C 658 8.78 29.81 -31.58
N SER C 659 9.21 28.62 -31.18
CA SER C 659 10.35 27.98 -31.81
C SER C 659 9.98 27.19 -33.06
N GLU C 660 8.70 27.05 -33.37
CA GLU C 660 8.29 26.29 -34.54
C GLU C 660 8.79 26.96 -35.81
N MET C 661 9.26 26.14 -36.76
CA MET C 661 9.71 26.60 -38.06
C MET C 661 8.83 25.96 -39.12
N LEU C 662 7.99 26.74 -39.77
CA LEU C 662 7.17 26.27 -40.88
C LEU C 662 7.95 26.35 -42.19
N GLU C 663 7.60 25.47 -43.12
CA GLU C 663 8.23 25.41 -44.43
C GLU C 663 7.19 25.70 -45.51
N THR C 664 7.51 26.63 -46.40
CA THR C 664 6.60 27.01 -47.47
C THR C 664 6.34 25.84 -48.41
N GLU D 17 -30.10 -9.95 20.56
CA GLU D 17 -29.50 -11.13 19.88
C GLU D 17 -28.62 -10.68 18.71
N PHE D 18 -27.65 -11.52 18.34
CA PHE D 18 -26.77 -11.21 17.23
C PHE D 18 -26.37 -12.50 16.53
N GLN D 19 -25.98 -12.37 15.26
CA GLN D 19 -25.57 -13.53 14.49
C GLN D 19 -24.21 -14.02 14.97
N ARG D 20 -24.09 -15.34 15.15
CA ARG D 20 -22.87 -15.96 15.62
C ARG D 20 -22.28 -16.86 14.54
N VAL D 21 -20.96 -16.80 14.38
CA VAL D 21 -20.24 -17.63 13.43
C VAL D 21 -19.72 -18.85 14.16
N THR D 22 -20.03 -20.04 13.63
CA THR D 22 -19.68 -21.30 14.27
C THR D 22 -18.96 -22.19 13.27
N ILE D 23 -18.00 -23.00 13.75
CA ILE D 23 -17.26 -23.92 12.87
C ILE D 23 -17.85 -25.31 13.07
N SER D 24 -17.84 -26.13 12.02
CA SER D 24 -18.39 -27.51 12.07
C SER D 24 -17.39 -28.48 11.41
N GLY D 25 -16.87 -29.46 12.16
CA GLY D 25 -15.88 -30.41 11.63
C GLY D 25 -15.18 -31.16 12.74
N GLU D 26 -14.08 -31.86 12.41
CA GLU D 26 -13.32 -32.68 13.40
C GLU D 26 -12.20 -31.87 14.07
N GLU D 27 -11.35 -31.17 13.30
CA GLU D 27 -10.30 -30.28 13.84
C GLU D 27 -10.67 -28.85 13.44
N LYS D 28 -11.11 -28.03 14.40
CA LYS D 28 -11.63 -26.67 14.09
C LYS D 28 -10.63 -25.56 14.39
N CYS D 29 -9.37 -25.90 14.63
CA CYS D 29 -8.31 -24.89 14.82
C CYS D 29 -7.58 -24.67 13.51
N GLY D 30 -7.60 -25.68 12.64
CA GLY D 30 -6.95 -25.63 11.34
C GLY D 30 -5.67 -26.45 11.31
N VAL D 31 -5.22 -26.93 12.45
CA VAL D 31 -3.93 -27.61 12.55
C VAL D 31 -4.13 -29.04 13.05
N PRO D 32 -3.18 -29.94 12.78
CA PRO D 32 -3.23 -31.31 13.33
C PRO D 32 -3.12 -31.23 14.86
N PHE D 33 -3.70 -32.22 15.57
CA PHE D 33 -3.74 -32.19 17.04
C PHE D 33 -2.35 -32.05 17.66
N THR D 34 -1.32 -32.57 17.02
CA THR D 34 0.05 -32.45 17.51
C THR D 34 0.48 -31.00 17.56
N ASP D 35 0.18 -30.23 16.52
CA ASP D 35 0.52 -28.80 16.53
C ASP D 35 -0.26 -28.06 17.62
N LEU D 36 -1.55 -28.35 17.76
CA LEU D 36 -2.34 -27.69 18.80
C LEU D 36 -1.81 -28.03 20.18
N LEU D 37 -1.48 -29.30 20.43
CA LEU D 37 -1.03 -29.70 21.75
C LEU D 37 0.28 -29.01 22.12
N ASP D 38 1.23 -28.95 21.18
CA ASP D 38 2.51 -28.33 21.48
C ASP D 38 2.34 -26.86 21.85
N ALA D 39 1.55 -26.12 21.07
CA ALA D 39 1.33 -24.71 21.35
C ALA D 39 0.53 -24.52 22.64
N ALA D 40 -0.49 -25.35 22.85
CA ALA D 40 -1.35 -25.19 24.02
C ALA D 40 -0.55 -25.37 25.31
N LYS D 41 0.33 -26.37 25.35
CA LYS D 41 1.11 -26.63 26.56
C LYS D 41 1.97 -25.43 26.91
N SER D 42 2.65 -24.85 25.92
CA SER D 42 3.50 -23.69 26.16
C SER D 42 2.67 -22.47 26.55
N VAL D 43 1.53 -22.27 25.87
CA VAL D 43 0.70 -21.12 26.17
C VAL D 43 0.17 -21.19 27.60
N VAL D 44 -0.31 -22.36 28.01
CA VAL D 44 -0.81 -22.52 29.37
C VAL D 44 0.32 -22.33 30.38
N ARG D 45 1.49 -22.90 30.09
CA ARG D 45 2.62 -22.71 30.98
C ARG D 45 3.00 -21.24 31.09
N ALA D 46 2.98 -20.51 29.96
CA ALA D 46 3.28 -19.08 29.99
C ALA D 46 2.25 -18.32 30.81
N LEU D 47 0.97 -18.67 30.66
CA LEU D 47 -0.07 -17.97 31.42
C LEU D 47 0.09 -18.21 32.92
N PHE D 48 0.47 -19.43 33.30
CA PHE D 48 0.70 -19.70 34.72
C PHE D 48 1.82 -18.83 35.28
N ILE D 49 2.87 -18.60 34.49
CA ILE D 49 3.98 -17.77 34.94
C ILE D 49 3.48 -16.37 35.25
N ARG D 50 2.68 -15.79 34.36
CA ARG D 50 2.15 -14.45 34.59
C ARG D 50 1.24 -14.43 35.82
N GLU D 51 0.39 -15.44 35.96
CA GLU D 51 -0.54 -15.48 37.09
C GLU D 51 0.23 -15.53 38.41
N LYS D 52 1.33 -16.28 38.44
CA LYS D 52 2.13 -16.37 39.65
C LYS D 52 2.65 -15.00 40.07
N TYR D 53 3.18 -14.24 39.11
CA TYR D 53 3.78 -12.95 39.45
C TYR D 53 2.75 -11.87 39.71
N MET D 54 1.61 -11.90 39.00
CA MET D 54 0.53 -10.98 39.35
C MET D 54 0.06 -11.21 40.78
N ALA D 55 -0.12 -12.48 41.16
CA ALA D 55 -0.50 -12.79 42.54
C ALA D 55 0.57 -12.34 43.52
N LEU D 56 1.84 -12.55 43.16
CA LEU D 56 2.93 -12.17 44.05
C LEU D 56 2.91 -10.67 44.36
N SER D 57 2.66 -9.84 43.34
CA SER D 57 2.69 -8.40 43.47
C SER D 57 1.33 -7.79 43.72
N LEU D 58 0.31 -8.61 43.95
CA LEU D 58 -1.05 -8.11 44.19
C LEU D 58 -1.54 -7.28 43.00
N GLN D 59 -1.14 -7.68 41.80
CA GLN D 59 -1.58 -7.04 40.57
C GLN D 59 -2.70 -7.86 39.94
N SER D 60 -3.50 -7.19 39.11
CA SER D 60 -4.67 -7.81 38.51
C SER D 60 -4.27 -8.90 37.53
N PHE D 61 -5.09 -9.96 37.48
CA PHE D 61 -4.97 -11.03 36.49
C PHE D 61 -6.36 -11.31 35.92
N CYS D 62 -6.42 -11.51 34.61
CA CYS D 62 -7.71 -11.68 33.93
C CYS D 62 -8.53 -12.77 34.59
N PRO D 63 -9.68 -12.44 35.18
CA PRO D 63 -10.49 -13.49 35.84
C PRO D 63 -10.89 -14.60 34.89
N THR D 64 -11.21 -14.27 33.63
CA THR D 64 -11.59 -15.29 32.67
C THR D 64 -10.45 -16.27 32.43
N THR D 65 -9.22 -15.74 32.29
CA THR D 65 -8.07 -16.61 32.09
C THR D 65 -7.82 -17.50 33.31
N ARG D 66 -7.95 -16.93 34.51
CA ARG D 66 -7.70 -17.71 35.72
C ARG D 66 -8.67 -18.88 35.84
N ARG D 67 -9.95 -18.65 35.52
CA ARG D 67 -10.94 -19.70 35.68
C ARG D 67 -10.63 -20.90 34.79
N TYR D 68 -10.17 -20.64 33.55
CA TYR D 68 -9.77 -21.75 32.69
C TYR D 68 -8.49 -22.41 33.18
N LEU D 69 -7.56 -21.63 33.75
CA LEU D 69 -6.33 -22.21 34.27
C LEU D 69 -6.59 -23.08 35.50
N GLN D 70 -7.58 -22.73 36.32
CA GLN D 70 -7.84 -23.49 37.53
C GLN D 70 -8.16 -24.95 37.22
N GLN D 71 -8.78 -25.20 36.07
CA GLN D 71 -9.10 -26.58 35.70
C GLN D 71 -7.84 -27.41 35.47
N LEU D 72 -6.77 -26.79 35.01
CA LEU D 72 -5.51 -27.47 34.74
C LEU D 72 -4.52 -27.37 35.90
N ALA D 73 -4.89 -26.70 36.99
CA ALA D 73 -3.97 -26.44 38.09
C ALA D 73 -4.32 -27.30 39.29
N GLU D 74 -3.32 -27.99 39.84
CA GLU D 74 -3.51 -28.71 41.08
C GLU D 74 -3.64 -27.78 42.29
N LYS D 75 -3.30 -26.50 42.13
CA LYS D 75 -3.40 -25.50 43.19
C LYS D 75 -4.59 -24.60 42.96
N PRO D 76 -5.29 -24.15 44.01
CA PRO D 76 -6.41 -23.21 43.84
C PRO D 76 -5.95 -21.80 43.50
N GLN D 103 -13.71 19.28 50.71
CA GLN D 103 -12.52 18.86 51.43
C GLN D 103 -11.38 18.51 50.48
N HIS D 104 -10.59 19.51 50.11
CA HIS D 104 -9.45 19.28 49.24
C HIS D 104 -8.48 18.33 49.92
N PRO D 105 -7.98 17.30 49.22
CA PRO D 105 -7.11 16.33 49.90
C PRO D 105 -5.86 16.95 50.49
N TYR D 106 -5.35 18.04 49.91
CA TYR D 106 -4.14 18.71 50.39
C TYR D 106 -4.46 19.96 51.19
N GLU D 107 -5.71 20.11 51.65
CA GLU D 107 -6.08 21.30 52.41
C GLU D 107 -5.30 21.38 53.71
N HIS D 108 -5.16 20.27 54.42
CA HIS D 108 -4.49 20.22 55.72
C HIS D 108 -3.46 19.10 55.71
N CYS D 109 -2.43 19.28 56.53
CA CYS D 109 -1.35 18.29 56.70
C CYS D 109 -1.04 18.21 58.19
N GLU D 110 -1.76 17.34 58.90
CA GLU D 110 -1.58 17.18 60.34
C GLU D 110 -1.06 15.79 60.64
N PRO D 111 0.25 15.62 60.87
CA PRO D 111 0.77 14.27 61.14
C PRO D 111 0.14 13.60 62.35
N SER D 112 -0.32 14.37 63.34
CA SER D 112 -0.86 13.77 64.55
C SER D 112 -2.10 12.91 64.24
N THR D 113 -2.97 13.40 63.36
CA THR D 113 -4.18 12.66 63.01
C THR D 113 -3.90 11.47 62.10
N MET D 114 -2.70 11.37 61.53
CA MET D 114 -2.39 10.29 60.60
C MET D 114 -2.18 8.98 61.35
N PRO D 115 -2.22 7.85 60.65
CA PRO D 115 -2.02 6.56 61.32
C PRO D 115 -0.66 6.50 62.01
N GLY D 116 -0.63 5.78 63.13
CA GLY D 116 0.55 5.74 63.96
C GLY D 116 1.67 4.90 63.37
N ASP D 117 2.81 4.92 64.06
CA ASP D 117 3.99 4.22 63.61
C ASP D 117 3.94 2.77 64.05
N LEU D 118 4.26 1.86 63.12
CA LEU D 118 4.33 0.45 63.43
C LEU D 118 5.70 0.00 63.92
N GLY D 119 6.70 0.88 63.86
CA GLY D 119 8.03 0.53 64.35
C GLY D 119 8.68 -0.60 63.61
N LEU D 120 8.62 -0.59 62.28
CA LEU D 120 9.21 -1.63 61.44
C LEU D 120 10.51 -1.15 60.84
N GLY D 121 11.53 -2.01 60.88
CA GLY D 121 12.80 -1.70 60.26
C GLY D 121 12.83 -2.02 58.79
N LEU D 122 13.69 -1.33 58.06
CA LEU D 122 13.81 -1.48 56.61
C LEU D 122 15.27 -1.62 56.21
N ARG D 123 15.55 -2.57 55.33
CA ARG D 123 16.89 -2.78 54.80
C ARG D 123 16.77 -3.45 53.44
N MET D 124 17.43 -2.86 52.44
CA MET D 124 17.44 -3.45 51.11
C MET D 124 18.49 -4.54 51.05
N VAL D 125 18.06 -5.74 50.69
CA VAL D 125 18.94 -6.92 50.62
C VAL D 125 18.88 -7.46 49.19
N ARG D 126 20.03 -7.47 48.51
CA ARG D 126 20.13 -7.95 47.15
C ARG D 126 19.12 -7.24 46.24
N GLY D 127 18.97 -5.94 46.45
CA GLY D 127 18.15 -5.12 45.59
C GLY D 127 16.67 -5.11 45.90
N VAL D 128 16.24 -5.76 46.97
CA VAL D 128 14.83 -5.82 47.34
C VAL D 128 14.69 -5.48 48.82
N VAL D 129 13.73 -4.61 49.13
CA VAL D 129 13.53 -4.19 50.51
C VAL D 129 12.99 -5.34 51.34
N HIS D 130 13.54 -5.49 52.55
CA HIS D 130 13.05 -6.45 53.53
C HIS D 130 12.49 -5.69 54.72
N VAL D 131 11.37 -6.19 55.26
CA VAL D 131 10.71 -5.56 56.40
C VAL D 131 11.04 -6.37 57.65
N TYR D 132 11.28 -5.67 58.76
CA TYR D 132 11.71 -6.30 60.00
C TYR D 132 10.83 -5.82 61.16
N THR D 133 10.70 -6.68 62.16
CA THR D 133 9.78 -6.39 63.26
C THR D 133 10.18 -5.13 64.03
N ARG D 134 11.46 -4.78 64.03
CA ARG D 134 11.96 -3.65 64.79
C ARG D 134 12.86 -2.80 63.92
N ARG D 135 12.94 -1.52 64.26
CA ARG D 135 13.78 -0.57 63.54
C ARG D 135 15.14 -0.42 64.22
N CYS D 141 14.36 -8.08 66.86
CA CYS D 141 14.25 -7.83 65.42
C CYS D 141 14.24 -9.15 64.66
N SER D 142 13.20 -9.33 63.84
CA SER D 142 13.06 -10.51 63.01
C SER D 142 12.57 -10.09 61.62
N GLU D 143 12.87 -10.93 60.64
CA GLU D 143 12.45 -10.67 59.27
C GLU D 143 10.97 -10.99 59.10
N VAL D 144 10.21 -10.04 58.57
CA VAL D 144 8.78 -10.25 58.36
C VAL D 144 8.59 -11.19 57.19
N GLU D 145 7.81 -12.25 57.40
CA GLU D 145 7.62 -13.27 56.38
C GLU D 145 6.83 -12.72 55.20
N LEU D 146 7.53 -12.16 54.22
CA LEU D 146 6.92 -11.68 52.99
C LEU D 146 7.46 -12.49 51.82
N PRO D 147 6.69 -12.61 50.73
CA PRO D 147 7.14 -13.44 49.61
C PRO D 147 8.25 -12.78 48.81
N TYR D 148 9.47 -12.76 49.36
CA TYR D 148 10.57 -12.08 48.69
C TYR D 148 10.91 -12.83 47.40
N PRO D 149 10.93 -12.16 46.24
CA PRO D 149 11.16 -12.88 44.99
C PRO D 149 12.51 -13.57 44.97
N ASP D 150 12.56 -14.73 44.33
CA ASP D 150 13.79 -15.47 44.11
C ASP D 150 14.25 -15.22 42.67
N LEU D 151 15.45 -14.64 42.52
CA LEU D 151 15.92 -14.29 41.20
C LEU D 151 16.14 -15.53 40.34
N GLN D 152 16.67 -16.60 40.93
CA GLN D 152 16.90 -17.82 40.16
C GLN D 152 15.58 -18.35 39.57
N GLU D 153 14.51 -18.30 40.35
CA GLU D 153 13.20 -18.70 39.83
C GLU D 153 12.77 -17.77 38.70
N PHE D 154 12.98 -16.47 38.84
CA PHE D 154 12.61 -15.54 37.79
C PHE D 154 13.39 -15.80 36.52
N VAL D 155 14.70 -16.03 36.62
CA VAL D 155 15.51 -16.30 35.45
C VAL D 155 15.05 -17.58 34.77
N ALA D 156 14.70 -18.59 35.56
CA ALA D 156 14.25 -19.85 34.98
C ALA D 156 12.98 -19.66 34.16
N ASP D 157 12.03 -18.88 34.67
CA ASP D 157 10.82 -18.59 33.91
C ASP D 157 11.14 -17.82 32.64
N VAL D 158 12.08 -16.87 32.72
CA VAL D 158 12.44 -16.08 31.54
C VAL D 158 12.98 -16.99 30.44
N ASN D 159 13.85 -17.92 30.81
CA ASN D 159 14.45 -18.79 29.80
C ASN D 159 13.39 -19.59 29.05
N VAL D 160 12.35 -20.03 29.74
CA VAL D 160 11.28 -20.77 29.08
C VAL D 160 10.58 -19.88 28.05
N LEU D 161 10.27 -18.64 28.43
CA LEU D 161 9.59 -17.75 27.51
C LEU D 161 10.50 -17.34 26.35
N MET D 162 11.79 -17.13 26.62
CA MET D 162 12.71 -16.78 25.55
C MET D 162 12.78 -17.88 24.51
N ALA D 163 12.80 -19.14 24.94
CA ALA D 163 12.75 -20.25 23.99
C ALA D 163 11.41 -20.29 23.28
N LEU D 164 10.33 -19.91 23.96
CA LEU D 164 9.01 -19.96 23.38
C LEU D 164 8.86 -18.98 22.21
N ILE D 165 9.39 -17.76 22.38
CA ILE D 165 9.18 -16.72 21.38
C ILE D 165 9.91 -16.98 20.06
N ILE D 166 10.81 -17.97 20.03
CA ILE D 166 11.51 -18.36 18.80
C ILE D 166 11.10 -19.75 18.34
N ASN D 167 10.03 -20.31 18.91
CA ASN D 167 9.56 -21.64 18.52
C ASN D 167 8.73 -21.50 17.24
N GLY D 168 9.28 -21.97 16.13
CA GLY D 168 8.66 -21.80 14.84
C GLY D 168 7.28 -22.43 14.74
N PRO D 169 7.19 -23.72 15.07
CA PRO D 169 5.87 -24.38 15.03
C PRO D 169 4.82 -23.68 15.86
N ILE D 170 5.18 -23.25 17.09
CA ILE D 170 4.21 -22.53 17.92
C ILE D 170 3.91 -21.16 17.32
N LYS D 171 4.92 -20.52 16.72
CA LYS D 171 4.72 -19.20 16.12
C LYS D 171 3.67 -19.27 15.01
N SER D 172 3.77 -20.27 14.13
CA SER D 172 2.80 -20.40 13.06
C SER D 172 1.40 -20.67 13.60
N PHE D 173 1.30 -21.53 14.61
CA PHE D 173 0.00 -21.82 15.20
C PHE D 173 -0.67 -20.54 15.70
N CYS D 174 0.06 -19.75 16.50
CA CYS D 174 -0.52 -18.51 17.03
C CYS D 174 -0.85 -17.53 15.91
N TYR D 175 0.02 -17.42 14.90
CA TYR D 175 -0.25 -16.53 13.79
C TYR D 175 -1.56 -16.93 13.08
N ARG D 176 -1.78 -18.23 12.89
CA ARG D 176 -3.03 -18.67 12.29
C ARG D 176 -4.22 -18.30 13.16
N ARG D 177 -4.10 -18.47 14.49
CA ARG D 177 -5.19 -18.09 15.38
C ARG D 177 -5.45 -16.60 15.33
N LEU D 178 -4.39 -15.78 15.28
CA LEU D 178 -4.58 -14.34 15.16
C LEU D 178 -5.32 -14.00 13.87
N GLN D 179 -4.96 -14.64 12.76
CA GLN D 179 -5.70 -14.44 11.51
C GLN D 179 -7.15 -14.86 11.67
N TYR D 180 -7.39 -15.97 12.37
CA TYR D 180 -8.77 -16.40 12.62
C TYR D 180 -9.52 -15.36 13.44
N LEU D 181 -8.87 -14.79 14.46
CA LEU D 181 -9.53 -13.76 15.27
C LEU D 181 -9.91 -12.56 14.42
N SER D 182 -9.02 -12.12 13.54
CA SER D 182 -9.34 -11.02 12.64
C SER D 182 -10.48 -11.41 11.70
N SER D 183 -10.44 -12.62 11.16
CA SER D 183 -11.47 -13.05 10.21
C SER D 183 -12.84 -13.14 10.88
N LYS D 184 -12.89 -13.68 12.10
CA LYS D 184 -14.17 -13.81 12.79
C LYS D 184 -14.77 -12.45 13.09
N PHE D 185 -13.94 -11.49 13.51
CA PHE D 185 -14.45 -10.16 13.79
C PHE D 185 -14.99 -9.50 12.52
N GLN D 186 -14.28 -9.67 11.39
CA GLN D 186 -14.76 -9.09 10.14
C GLN D 186 -16.14 -9.64 9.77
N MET D 187 -16.33 -10.95 9.90
CA MET D 187 -17.64 -11.52 9.63
C MET D 187 -18.67 -11.06 10.65
N HIS D 188 -18.26 -10.94 11.92
CA HIS D 188 -19.18 -10.45 12.94
C HIS D 188 -19.63 -9.04 12.62
N VAL D 189 -18.70 -8.18 12.20
CA VAL D 189 -19.05 -6.80 11.87
C VAL D 189 -20.02 -6.77 10.69
N LEU D 190 -19.75 -7.57 9.66
CA LEU D 190 -20.61 -7.57 8.49
C LEU D 190 -22.03 -8.01 8.83
N LEU D 191 -22.16 -8.98 9.74
CA LEU D 191 -23.45 -9.58 10.05
C LEU D 191 -24.12 -8.99 11.29
N ASN D 192 -23.50 -8.00 11.95
CA ASN D 192 -24.06 -7.46 13.18
C ASN D 192 -23.86 -5.97 13.37
N GLU D 193 -23.14 -5.28 12.49
CA GLU D 193 -22.87 -3.87 12.73
C GLU D 193 -24.16 -3.06 12.74
N MET D 194 -25.11 -3.39 11.86
CA MET D 194 -26.37 -2.66 11.84
C MET D 194 -27.13 -2.83 13.14
N LYS D 195 -27.15 -4.05 13.69
CA LYS D 195 -27.80 -4.27 14.98
C LYS D 195 -27.05 -3.55 16.10
N GLU D 196 -25.71 -3.55 16.04
CA GLU D 196 -24.95 -2.81 17.04
C GLU D 196 -25.27 -1.32 16.98
N LEU D 197 -25.35 -0.76 15.78
CA LEU D 197 -25.66 0.66 15.64
C LEU D 197 -27.07 0.97 16.15
N ALA D 198 -28.03 0.08 15.88
CA ALA D 198 -29.39 0.32 16.32
C ALA D 198 -29.48 0.41 17.84
N ALA D 199 -28.74 -0.44 18.55
CA ALA D 199 -28.75 -0.39 20.01
C ALA D 199 -28.22 0.95 20.51
N GLN D 200 -27.15 1.45 19.89
CA GLN D 200 -26.62 2.75 20.28
C GLN D 200 -27.65 3.85 20.05
N LYS D 201 -28.41 3.77 18.96
CA LYS D 201 -29.47 4.74 18.70
C LYS D 201 -30.57 4.63 19.74
N LYS D 202 -30.84 3.43 20.24
CA LYS D 202 -31.98 3.22 21.12
C LYS D 202 -31.73 3.77 22.52
N VAL D 203 -30.51 3.61 23.04
CA VAL D 203 -30.25 3.99 24.44
C VAL D 203 -30.41 5.49 24.59
N PRO D 204 -31.08 5.97 25.65
CA PRO D 204 -31.27 7.42 25.81
C PRO D 204 -30.10 8.12 26.47
N HIS D 205 -29.85 9.36 25.99
CA HIS D 205 -28.90 10.27 26.61
C HIS D 205 -27.44 9.90 26.34
N ARG D 206 -27.17 8.63 26.09
CA ARG D 206 -25.79 8.14 26.03
C ARG D 206 -25.24 8.24 24.61
N ASP D 207 -24.09 8.91 24.48
CA ASP D 207 -23.38 9.01 23.22
C ASP D 207 -21.89 9.12 23.52
N PHE D 208 -21.09 9.26 22.46
CA PHE D 208 -19.64 9.31 22.63
C PHE D 208 -19.21 10.51 23.47
N TYR D 209 -19.97 11.60 23.45
CA TYR D 209 -19.56 12.83 24.13
C TYR D 209 -19.84 12.81 25.61
N ASN D 210 -20.71 11.92 26.10
CA ASN D 210 -21.02 11.85 27.52
C ASN D 210 -20.63 10.50 28.13
N ILE D 211 -19.74 9.76 27.48
CA ILE D 211 -19.16 8.55 28.06
C ILE D 211 -17.78 8.90 28.58
N ARG D 212 -17.34 8.14 29.59
CA ARG D 212 -16.07 8.42 30.24
C ARG D 212 -14.91 7.96 29.36
N LYS D 213 -13.92 8.84 29.19
CA LYS D 213 -12.72 8.54 28.43
C LYS D 213 -11.51 8.93 29.28
N VAL D 214 -10.52 8.02 29.34
CA VAL D 214 -9.34 8.23 30.16
C VAL D 214 -8.13 8.20 29.24
N ASP D 215 -7.33 9.28 29.28
CA ASP D 215 -6.04 9.27 28.61
C ASP D 215 -5.09 8.40 29.42
N THR D 216 -5.07 7.10 29.12
CA THR D 216 -4.37 6.12 29.95
C THR D 216 -2.85 6.27 29.92
N HIS D 217 -2.31 7.08 29.01
CA HIS D 217 -0.86 7.19 28.87
C HIS D 217 -0.54 8.60 28.39
N ILE D 218 -0.16 9.47 29.32
CA ILE D 218 0.17 10.85 29.04
C ILE D 218 1.16 11.35 30.08
N HIS D 219 2.18 12.07 29.65
CA HIS D 219 3.24 12.58 30.52
C HIS D 219 2.93 14.02 30.96
N ALA D 220 3.07 14.30 32.27
CA ALA D 220 2.77 15.64 32.81
C ALA D 220 3.65 16.72 32.18
N SER D 221 4.90 16.41 31.91
CA SER D 221 5.82 17.39 31.34
C SER D 221 5.40 17.81 29.91
N SER D 222 4.51 17.06 29.27
CA SER D 222 4.06 17.38 27.92
C SER D 222 2.54 17.37 27.79
N CYS D 223 1.82 17.46 28.92
CA CYS D 223 0.36 17.37 28.88
C CYS D 223 -0.30 18.62 28.31
N MET D 224 0.44 19.71 28.12
CA MET D 224 -0.11 20.95 27.57
C MET D 224 0.31 21.10 26.11
N ASN D 225 -0.59 21.62 25.29
CA ASN D 225 -0.28 21.84 23.89
C ASN D 225 0.70 22.99 23.74
N GLN D 226 1.34 23.06 22.56
CA GLN D 226 2.38 24.05 22.34
C GLN D 226 1.85 25.46 22.47
N LYS D 227 0.67 25.74 21.93
CA LYS D 227 0.09 27.08 22.05
C LYS D 227 -0.20 27.42 23.50
N HIS D 228 -0.67 26.44 24.27
CA HIS D 228 -0.93 26.68 25.69
C HIS D 228 0.35 27.06 26.43
N LEU D 229 1.44 26.34 26.17
CA LEU D 229 2.69 26.65 26.83
C LEU D 229 3.20 28.03 26.45
N LEU D 230 3.09 28.39 25.18
CA LEU D 230 3.55 29.71 24.74
C LEU D 230 2.79 30.82 25.45
N ARG D 231 1.47 30.68 25.56
CA ARG D 231 0.69 31.69 26.25
C ARG D 231 1.08 31.81 27.71
N PHE D 232 1.32 30.67 28.37
CA PHE D 232 1.74 30.71 29.77
C PHE D 232 3.08 31.40 29.93
N ILE D 233 4.03 31.11 29.04
CA ILE D 233 5.34 31.75 29.11
C ILE D 233 5.22 33.26 28.91
N LYS D 234 4.43 33.67 27.92
CA LYS D 234 4.27 35.10 27.65
C LYS D 234 3.63 35.81 28.84
N ARG D 235 2.65 35.17 29.48
CA ARG D 235 2.02 35.77 30.65
C ARG D 235 3.01 35.92 31.79
N ALA D 236 3.84 34.90 32.03
CA ALA D 236 4.77 34.94 33.15
C ALA D 236 5.76 36.09 33.02
N MET D 237 6.24 36.33 31.79
CA MET D 237 7.21 37.41 31.60
C MET D 237 6.63 38.76 32.01
N LYS D 238 5.33 38.96 31.78
CA LYS D 238 4.70 40.23 32.13
C LYS D 238 4.54 40.38 33.63
N ARG D 239 4.06 39.33 34.30
CA ARG D 239 3.54 39.46 35.66
C ARG D 239 4.58 39.93 36.66
N HIS D 240 5.55 39.09 36.99
CA HIS D 240 6.47 39.35 38.09
C HIS D 240 7.91 39.41 37.58
N LEU D 241 8.55 40.56 37.76
CA LEU D 241 10.00 40.66 37.73
C LEU D 241 10.63 40.29 39.07
N GLU D 242 9.81 40.15 40.11
CA GLU D 242 10.33 39.84 41.43
C GLU D 242 10.97 38.46 41.48
N GLU D 243 10.40 37.50 40.74
CA GLU D 243 10.84 36.12 40.85
C GLU D 243 12.29 35.95 40.42
N ILE D 244 13.03 35.16 41.20
CA ILE D 244 14.33 34.65 40.79
C ILE D 244 14.13 33.23 40.30
N VAL D 245 14.49 32.97 39.05
CA VAL D 245 14.19 31.70 38.42
C VAL D 245 15.43 30.86 38.14
N HIS D 246 16.57 31.48 37.85
CA HIS D 246 17.77 30.75 37.48
C HIS D 246 19.00 31.51 37.96
N VAL D 247 20.04 30.75 38.31
CA VAL D 247 21.33 31.30 38.70
C VAL D 247 22.36 30.75 37.72
N GLU D 248 23.07 31.65 37.04
CA GLU D 248 24.08 31.29 36.05
C GLU D 248 25.45 31.70 36.60
N GLN D 249 26.29 30.70 36.87
CA GLN D 249 27.63 30.96 37.41
C GLN D 249 27.56 31.77 38.69
N GLY D 250 26.58 31.46 39.54
CA GLY D 250 26.40 32.18 40.78
C GLY D 250 25.77 33.56 40.64
N ARG D 251 25.27 33.90 39.46
CA ARG D 251 24.64 35.20 39.21
C ARG D 251 23.13 35.01 39.18
N GLU D 252 22.44 35.58 40.16
CA GLU D 252 20.99 35.49 40.19
C GLU D 252 20.38 36.19 38.99
N GLN D 253 19.38 35.56 38.40
CA GLN D 253 18.72 36.10 37.21
C GLN D 253 17.21 35.96 37.36
N THR D 254 16.48 36.95 36.86
CA THR D 254 15.03 36.90 36.79
C THR D 254 14.59 36.35 35.44
N LEU D 255 13.28 36.12 35.31
CA LEU D 255 12.76 35.54 34.09
C LEU D 255 13.05 36.42 32.89
N ARG D 256 12.83 37.74 33.03
CA ARG D 256 13.10 38.64 31.92
C ARG D 256 14.59 38.70 31.62
N GLU D 257 15.44 38.72 32.66
CA GLU D 257 16.87 38.72 32.43
C GLU D 257 17.33 37.49 31.68
N VAL D 258 16.74 36.33 32.01
CA VAL D 258 17.08 35.10 31.29
C VAL D 258 16.72 35.24 29.81
N PHE D 259 15.53 35.76 29.53
CA PHE D 259 15.14 35.98 28.13
C PHE D 259 15.96 37.09 27.49
N GLU D 260 16.38 38.09 28.26
CA GLU D 260 17.22 39.15 27.71
C GLU D 260 18.58 38.62 27.29
N SER D 261 19.11 37.63 28.01
CA SER D 261 20.39 37.05 27.62
C SER D 261 20.31 36.42 26.24
N MET D 262 19.19 35.74 25.95
CA MET D 262 18.94 35.23 24.60
C MET D 262 18.47 36.30 23.65
N ASN D 263 18.25 37.52 24.13
CA ASN D 263 17.75 38.62 23.31
C ASN D 263 16.41 38.25 22.67
N LEU D 264 15.55 37.61 23.44
CA LEU D 264 14.21 37.23 23.00
C LEU D 264 13.19 38.07 23.78
N THR D 265 12.34 38.78 23.05
CA THR D 265 11.27 39.55 23.66
C THR D 265 9.99 38.71 23.68
N ALA D 266 9.04 39.14 24.50
CA ALA D 266 7.77 38.42 24.60
C ALA D 266 7.04 38.43 23.26
N TYR D 267 7.01 39.57 22.57
CA TYR D 267 6.33 39.65 21.30
C TYR D 267 7.01 38.77 20.26
N ASP D 268 8.34 38.77 20.21
CA ASP D 268 9.05 37.99 19.20
C ASP D 268 8.84 36.49 19.40
N LEU D 269 8.55 36.06 20.62
CA LEU D 269 8.42 34.64 20.89
C LEU D 269 7.24 34.06 20.13
N SER D 270 7.43 32.85 19.60
CA SER D 270 6.39 32.15 18.88
C SER D 270 6.57 30.65 19.09
N VAL D 271 5.59 29.87 18.62
CA VAL D 271 5.66 28.42 18.76
C VAL D 271 6.87 27.88 18.02
N ASP D 272 7.18 28.46 16.85
CA ASP D 272 8.37 28.04 16.13
C ASP D 272 9.63 28.31 16.96
N THR D 273 9.67 29.43 17.67
CA THR D 273 10.82 29.73 18.52
C THR D 273 10.96 28.69 19.62
N LEU D 274 9.85 28.24 20.21
CA LEU D 274 9.92 27.22 21.25
C LEU D 274 10.54 25.93 20.71
N ASP D 275 10.16 25.53 19.51
CA ASP D 275 10.69 24.33 18.87
C ASP D 275 10.50 23.10 19.76
N VAL D 276 9.32 23.00 20.37
CA VAL D 276 8.99 21.87 21.21
C VAL D 276 8.03 20.91 20.49
N HIS D 277 7.96 20.98 19.16
CA HIS D 277 7.05 20.16 18.37
C HIS D 277 7.84 19.14 17.57
N ALA D 278 7.37 17.89 17.56
CA ALA D 278 8.03 16.81 16.84
C ALA D 278 7.63 16.87 15.36
N ASP D 279 8.62 17.12 14.50
CA ASP D 279 8.41 17.14 13.06
C ASP D 279 8.89 15.82 12.45
N ARG D 280 8.83 15.74 11.12
CA ARG D 280 9.28 14.54 10.44
C ARG D 280 10.78 14.30 10.64
N ASN D 281 11.55 15.35 10.93
CA ASN D 281 12.97 15.17 11.19
C ASN D 281 13.23 14.39 12.48
N THR D 282 12.23 14.30 13.36
CA THR D 282 12.34 13.52 14.58
C THR D 282 12.13 12.03 14.34
N PHE D 283 11.70 11.64 13.15
CA PHE D 283 11.39 10.23 12.89
C PHE D 283 12.66 9.38 12.99
N HIS D 284 12.57 8.30 13.76
CA HIS D 284 13.72 7.43 14.03
C HIS D 284 14.90 8.23 14.58
N ARG D 285 14.60 9.24 15.40
CA ARG D 285 15.61 10.09 16.02
C ARG D 285 15.10 10.48 17.42
N PHE D 286 15.16 9.51 18.33
CA PHE D 286 14.66 9.76 19.68
C PHE D 286 15.49 10.83 20.40
N ASP D 287 16.78 10.93 20.06
CA ASP D 287 17.61 11.96 20.67
C ASP D 287 17.10 13.36 20.32
N LYS D 288 16.66 13.56 19.07
CA LYS D 288 16.05 14.83 18.70
C LYS D 288 14.76 15.07 19.47
N PHE D 289 13.98 14.01 19.69
CA PHE D 289 12.77 14.15 20.51
C PHE D 289 13.13 14.54 21.93
N ASN D 290 14.24 13.99 22.46
CA ASN D 290 14.69 14.41 23.78
C ASN D 290 14.98 15.91 23.82
N ALA D 291 15.55 16.45 22.74
CA ALA D 291 15.83 17.87 22.67
C ALA D 291 14.55 18.71 22.63
N LYS D 292 13.44 18.14 22.19
CA LYS D 292 12.19 18.88 22.14
C LYS D 292 11.66 19.22 23.53
N TYR D 293 12.15 18.54 24.58
CA TYR D 293 11.74 18.84 25.94
C TYR D 293 12.27 20.18 26.44
N ASN D 294 13.21 20.80 25.72
CA ASN D 294 13.78 22.07 26.13
C ASN D 294 13.11 23.19 25.34
N PRO D 295 12.30 24.04 25.98
CA PRO D 295 11.74 25.19 25.24
C PRO D 295 12.84 26.07 24.69
N ILE D 296 12.66 26.50 23.44
CA ILE D 296 13.63 27.35 22.76
C ILE D 296 15.01 26.70 22.83
N GLY D 297 15.04 25.37 22.94
CA GLY D 297 16.30 24.66 23.04
C GLY D 297 17.15 25.09 24.22
N GLU D 298 16.52 25.33 25.37
CA GLU D 298 17.21 25.74 26.57
C GLU D 298 16.80 24.86 27.73
N SER D 299 17.78 24.28 28.42
CA SER D 299 17.48 23.47 29.59
C SER D 299 16.98 24.32 30.75
N VAL D 300 17.45 25.56 30.86
CA VAL D 300 17.00 26.43 31.96
C VAL D 300 15.51 26.68 31.87
N LEU D 301 15.01 26.96 30.66
CA LEU D 301 13.58 27.18 30.50
C LEU D 301 12.78 25.94 30.89
N ARG D 302 13.31 24.75 30.57
CA ARG D 302 12.65 23.52 30.98
C ARG D 302 12.55 23.42 32.49
N GLU D 303 13.62 23.78 33.20
CA GLU D 303 13.61 23.74 34.65
C GLU D 303 12.57 24.72 35.22
N ILE D 304 12.50 25.92 34.65
CA ILE D 304 11.62 26.94 35.19
C ILE D 304 10.16 26.55 35.02
N PHE D 305 9.78 26.09 33.82
CA PHE D 305 8.38 25.91 33.47
C PHE D 305 7.91 24.46 33.51
N ILE D 306 8.79 23.50 33.25
CA ILE D 306 8.38 22.12 33.02
C ILE D 306 8.78 21.18 34.15
N LYS D 307 9.56 21.64 35.12
CA LYS D 307 10.07 20.78 36.18
C LYS D 307 9.46 21.14 37.52
N THR D 308 9.32 20.13 38.39
CA THR D 308 8.68 20.30 39.69
C THR D 308 9.62 20.87 40.75
N ASP D 309 10.93 20.69 40.59
CA ASP D 309 11.91 21.13 41.57
C ASP D 309 12.81 22.17 40.93
N ASN D 310 12.74 23.40 41.43
CA ASN D 310 13.52 24.49 40.87
C ASN D 310 13.55 25.63 41.90
N ARG D 311 14.07 26.79 41.47
CA ARG D 311 14.20 27.92 42.38
C ARG D 311 12.84 28.39 42.89
N VAL D 312 11.78 28.22 42.10
CA VAL D 312 10.46 28.72 42.46
C VAL D 312 9.59 27.59 43.01
N SER D 313 10.18 26.47 43.42
CA SER D 313 9.44 25.34 43.98
C SER D 313 8.49 24.73 42.95
N GLY D 314 8.81 24.87 41.67
CA GLY D 314 7.98 24.30 40.62
C GLY D 314 6.59 24.89 40.56
N LYS D 315 6.43 26.17 40.89
CA LYS D 315 5.11 26.79 40.89
C LYS D 315 4.56 26.89 39.46
N TYR D 316 5.41 27.27 38.50
CA TYR D 316 4.94 27.41 37.13
C TYR D 316 4.41 26.09 36.58
N PHE D 317 5.14 24.99 36.80
CA PHE D 317 4.70 23.70 36.29
C PHE D 317 3.37 23.30 36.93
N ALA D 318 3.21 23.55 38.23
CA ALA D 318 1.96 23.21 38.90
C ALA D 318 0.79 23.98 38.31
N HIS D 319 0.96 25.27 38.05
CA HIS D 319 -0.13 26.06 37.48
C HIS D 319 -0.51 25.57 36.09
N ILE D 320 0.49 25.23 35.27
CA ILE D 320 0.20 24.72 33.93
C ILE D 320 -0.60 23.42 34.02
N ILE D 321 -0.20 22.52 34.92
CA ILE D 321 -0.94 21.29 35.12
C ILE D 321 -2.35 21.60 35.61
N LYS D 322 -2.46 22.50 36.59
CA LYS D 322 -3.77 22.82 37.14
C LYS D 322 -4.65 23.54 36.12
N GLU D 323 -4.05 24.31 35.21
CA GLU D 323 -4.83 24.86 34.12
C GLU D 323 -5.35 23.75 33.21
N VAL D 324 -4.51 22.75 32.92
CA VAL D 324 -4.97 21.60 32.15
C VAL D 324 -6.05 20.85 32.92
N MET D 325 -5.84 20.67 34.23
CA MET D 325 -6.83 19.97 35.05
C MET D 325 -8.19 20.65 34.97
N SER D 326 -8.21 21.98 34.90
CA SER D 326 -9.48 22.70 34.80
C SER D 326 -10.24 22.30 33.55
N ASP D 327 -9.53 22.18 32.42
CA ASP D 327 -10.20 21.80 31.18
C ASP D 327 -10.82 20.40 31.29
N LEU D 328 -10.10 19.46 31.91
CA LEU D 328 -10.66 18.13 32.09
C LEU D 328 -11.92 18.17 32.93
N GLU D 329 -11.92 18.97 34.00
CA GLU D 329 -13.11 19.12 34.82
C GLU D 329 -14.24 19.78 34.02
N GLU D 330 -13.91 20.77 33.20
CA GLU D 330 -14.93 21.41 32.37
C GLU D 330 -15.53 20.41 31.39
N SER D 331 -14.69 19.57 30.76
CA SER D 331 -15.20 18.54 29.87
C SER D 331 -15.93 17.44 30.62
N LYS D 332 -15.70 17.33 31.93
CA LYS D 332 -16.40 16.37 32.77
C LYS D 332 -15.99 14.92 32.47
N TYR D 333 -16.22 14.46 31.24
CA TYR D 333 -16.09 13.06 30.90
C TYR D 333 -14.68 12.66 30.50
N GLN D 334 -13.74 13.60 30.41
CA GLN D 334 -12.37 13.31 30.01
C GLN D 334 -11.48 13.27 31.25
N ASN D 335 -10.61 12.26 31.31
CA ASN D 335 -9.70 12.06 32.43
C ASN D 335 -8.32 11.71 31.89
N ALA D 336 -7.31 11.90 32.75
CA ALA D 336 -5.94 11.66 32.36
C ALA D 336 -5.19 10.94 33.47
N GLU D 337 -4.14 10.21 33.08
CA GLU D 337 -3.24 9.54 34.01
C GLU D 337 -1.83 10.10 33.77
N LEU D 338 -1.59 11.29 34.31
CA LEU D 338 -0.33 11.98 34.04
C LEU D 338 0.85 11.25 34.67
N ARG D 339 1.98 11.26 33.99
CA ARG D 339 3.17 10.60 34.49
C ARG D 339 4.06 11.65 35.16
N LEU D 340 4.35 11.49 36.47
CA LEU D 340 5.28 12.38 37.16
C LEU D 340 6.62 11.63 37.30
N SER D 341 7.74 12.34 37.16
CA SER D 341 9.07 11.74 37.18
C SER D 341 9.72 11.68 38.57
N ILE D 342 10.12 10.49 39.00
CA ILE D 342 10.94 10.29 40.21
C ILE D 342 12.21 9.61 39.67
N TYR D 343 13.31 10.37 39.60
CA TYR D 343 14.53 9.90 38.95
C TYR D 343 15.36 8.96 39.81
N GLY D 344 15.04 8.81 41.09
CA GLY D 344 15.88 8.02 41.98
C GLY D 344 17.25 8.61 42.22
N ARG D 345 17.45 9.86 41.84
CA ARG D 345 18.75 10.50 41.97
C ARG D 345 19.01 10.94 43.41
N SER D 346 17.97 11.41 44.11
CA SER D 346 18.11 11.91 45.47
C SER D 346 17.08 11.24 46.37
N ARG D 347 17.48 11.00 47.63
CA ARG D 347 16.60 10.35 48.59
C ARG D 347 15.39 11.20 48.94
N ASP D 348 15.46 12.51 48.72
CA ASP D 348 14.39 13.42 49.10
C ASP D 348 13.44 13.74 47.94
N GLU D 349 13.59 13.05 46.80
CA GLU D 349 12.73 13.36 45.65
C GLU D 349 11.26 13.09 45.97
N TRP D 350 10.97 11.97 46.64
CA TRP D 350 9.59 11.64 46.95
C TRP D 350 8.97 12.69 47.87
N ASP D 351 9.71 13.13 48.89
CA ASP D 351 9.23 14.22 49.74
C ASP D 351 9.14 15.52 48.95
N LYS D 352 10.11 15.78 48.07
CA LYS D 352 10.10 16.99 47.28
C LYS D 352 8.94 17.01 46.29
N LEU D 353 8.53 15.84 45.81
CA LEU D 353 7.42 15.74 44.86
C LEU D 353 6.10 15.87 45.61
N ALA D 354 6.05 15.32 46.81
CA ALA D 354 4.83 15.39 47.63
C ALA D 354 4.58 16.81 48.10
N ARG D 355 5.62 17.50 48.58
CA ARG D 355 5.44 18.89 49.01
C ARG D 355 5.01 19.76 47.84
N TRP D 356 5.53 19.48 46.65
CA TRP D 356 5.16 20.26 45.47
C TRP D 356 3.67 20.15 45.19
N ALA D 357 3.13 18.93 45.28
CA ALA D 357 1.71 18.74 45.06
C ALA D 357 0.88 19.37 46.18
N VAL D 358 1.30 19.19 47.43
CA VAL D 358 0.52 19.68 48.56
C VAL D 358 0.53 21.20 48.60
N MET D 359 1.70 21.81 48.47
CA MET D 359 1.79 23.27 48.57
C MET D 359 1.05 23.95 47.43
N HIS D 360 1.18 23.42 46.21
CA HIS D 360 0.53 24.00 45.05
C HIS D 360 -0.85 23.40 44.78
N ARG D 361 -1.32 22.49 45.64
CA ARG D 361 -2.67 21.95 45.55
C ARG D 361 -2.94 21.35 44.16
N VAL D 362 -1.96 20.61 43.64
CA VAL D 362 -2.08 19.98 42.34
C VAL D 362 -2.88 18.70 42.47
N HIS D 363 -4.20 18.80 42.38
CA HIS D 363 -5.08 17.64 42.45
C HIS D 363 -6.31 17.90 41.59
N SER D 364 -6.89 16.81 41.07
CA SER D 364 -8.11 16.88 40.29
C SER D 364 -8.81 15.54 40.39
N PRO D 365 -10.14 15.51 40.49
CA PRO D 365 -10.85 14.21 40.46
C PRO D 365 -10.68 13.47 39.14
N ASN D 366 -10.30 14.16 38.07
CA ASN D 366 -10.14 13.54 36.75
C ASN D 366 -8.69 13.19 36.43
N VAL D 367 -7.79 13.27 37.41
CA VAL D 367 -6.37 13.01 37.19
C VAL D 367 -5.90 11.97 38.19
N ARG D 368 -5.21 10.95 37.68
CA ARG D 368 -4.52 9.96 38.50
C ARG D 368 -3.03 10.02 38.18
N TRP D 369 -2.20 9.78 39.20
CA TRP D 369 -0.76 9.92 39.08
C TRP D 369 -0.08 8.56 38.93
N LEU D 370 0.81 8.46 37.94
CA LEU D 370 1.67 7.29 37.76
C LEU D 370 3.09 7.84 37.76
N VAL D 371 3.99 7.30 38.61
CA VAL D 371 5.35 7.83 38.74
C VAL D 371 6.29 7.09 37.79
N GLN D 372 7.00 7.82 36.94
CA GLN D 372 7.91 7.23 35.97
C GLN D 372 9.36 7.31 36.46
N VAL D 373 10.12 6.24 36.24
CA VAL D 373 11.54 6.21 36.60
C VAL D 373 12.33 6.13 35.29
N PRO D 374 12.84 7.26 34.80
CA PRO D 374 13.71 7.24 33.62
C PRO D 374 14.92 6.35 33.89
N ARG D 375 15.30 5.55 32.89
CA ARG D 375 16.42 4.61 32.99
C ARG D 375 17.72 5.34 32.65
N LEU D 376 18.11 6.23 33.57
CA LEU D 376 19.26 7.10 33.40
C LEU D 376 20.31 6.87 34.50
N PHE D 377 20.43 5.64 34.99
CA PHE D 377 21.44 5.36 36.00
C PHE D 377 22.84 5.65 35.46
N ASP D 378 23.08 5.32 34.19
CA ASP D 378 24.40 5.57 33.61
C ASP D 378 24.75 7.05 33.64
N VAL D 379 23.77 7.91 33.33
CA VAL D 379 24.02 9.35 33.35
C VAL D 379 24.38 9.79 34.77
N TYR D 380 23.61 9.32 35.76
CA TYR D 380 23.88 9.71 37.13
C TYR D 380 25.22 9.17 37.62
N ARG D 381 25.51 7.90 37.34
CA ARG D 381 26.76 7.32 37.79
C ARG D 381 27.96 8.02 37.15
N THR D 382 27.86 8.32 35.84
CA THR D 382 28.98 8.95 35.16
C THR D 382 29.30 10.32 35.76
N LYS D 383 28.30 11.01 36.30
CA LYS D 383 28.49 12.31 36.91
C LYS D 383 28.81 12.23 38.39
N GLY D 384 28.97 11.03 38.94
CA GLY D 384 29.24 10.88 40.36
C GLY D 384 28.12 11.30 41.26
N GLN D 385 26.87 11.04 40.84
CA GLN D 385 25.70 11.42 41.62
C GLN D 385 25.06 10.25 42.36
N LEU D 386 25.40 9.02 42.00
CA LEU D 386 24.94 7.83 42.70
C LEU D 386 26.11 6.88 42.88
N ALA D 387 26.19 6.24 44.04
CA ALA D 387 27.27 5.29 44.30
C ALA D 387 27.07 3.99 43.51
N ASN D 388 25.84 3.48 43.50
CA ASN D 388 25.54 2.22 42.85
C ASN D 388 24.05 2.17 42.53
N PHE D 389 23.68 1.19 41.70
CA PHE D 389 22.27 1.08 41.31
C PHE D 389 21.38 0.81 42.52
N GLN D 390 21.93 0.20 43.58
CA GLN D 390 21.14 -0.02 44.78
C GLN D 390 20.67 1.30 45.38
N GLU D 391 21.51 2.34 45.32
CA GLU D 391 21.13 3.64 45.85
C GLU D 391 19.94 4.21 45.10
N MET D 392 19.90 4.02 43.78
CA MET D 392 18.77 4.49 42.99
C MET D 392 17.48 3.81 43.43
N LEU D 393 17.53 2.49 43.62
CA LEU D 393 16.34 1.78 44.09
C LEU D 393 15.92 2.27 45.46
N GLU D 394 16.89 2.48 46.36
CA GLU D 394 16.57 2.97 47.69
C GLU D 394 15.94 4.35 47.64
N ASN D 395 16.46 5.22 46.78
CA ASN D 395 15.87 6.55 46.63
C ASN D 395 14.44 6.49 46.11
N ILE D 396 14.07 5.43 45.41
CA ILE D 396 12.72 5.32 44.87
C ILE D 396 11.77 4.59 45.82
N PHE D 397 12.28 3.65 46.61
CA PHE D 397 11.44 2.74 47.38
C PHE D 397 11.55 2.91 48.89
N LEU D 398 12.72 3.22 49.43
CA LEU D 398 12.82 3.38 50.88
C LEU D 398 11.86 4.44 51.40
N PRO D 399 11.76 5.64 50.82
CA PRO D 399 10.77 6.60 51.34
C PRO D 399 9.36 6.07 51.33
N LEU D 400 8.99 5.26 50.32
CA LEU D 400 7.64 4.71 50.25
C LEU D 400 7.41 3.72 51.38
N PHE D 401 8.37 2.84 51.65
CA PHE D 401 8.22 1.91 52.77
C PHE D 401 8.14 2.66 54.10
N GLU D 402 9.00 3.66 54.28
CA GLU D 402 8.98 4.43 55.53
C GLU D 402 7.66 5.15 55.71
N ALA D 403 7.12 5.72 54.61
CA ALA D 403 5.84 6.42 54.70
C ALA D 403 4.73 5.47 55.10
N THR D 404 4.72 4.26 54.54
CA THR D 404 3.71 3.28 54.91
C THR D 404 3.83 2.89 56.38
N VAL D 405 5.06 2.66 56.85
CA VAL D 405 5.26 2.25 58.23
C VAL D 405 4.94 3.40 59.20
N HIS D 406 5.46 4.59 58.90
CA HIS D 406 5.33 5.76 59.78
C HIS D 406 4.83 6.93 58.94
N PRO D 407 3.53 7.02 58.72
CA PRO D 407 3.01 8.14 57.90
C PRO D 407 3.41 9.50 58.41
N ALA D 408 3.47 9.69 59.73
CA ALA D 408 3.87 10.97 60.28
C ALA D 408 5.30 11.33 59.94
N SER D 409 6.11 10.35 59.56
CA SER D 409 7.48 10.64 59.12
C SER D 409 7.50 11.36 57.78
N HIS D 410 6.57 11.00 56.89
CA HIS D 410 6.41 11.64 55.58
C HIS D 410 4.95 12.05 55.41
N PRO D 411 4.48 13.01 56.22
CA PRO D 411 3.05 13.34 56.19
C PRO D 411 2.54 13.79 54.83
N GLU D 412 3.34 14.58 54.10
CA GLU D 412 2.90 15.03 52.79
C GLU D 412 2.98 13.91 51.76
N LEU D 413 3.94 13.00 51.90
CA LEU D 413 4.01 11.86 51.00
C LEU D 413 2.83 10.92 51.21
N HIS D 414 2.40 10.75 52.46
CA HIS D 414 1.25 9.89 52.73
C HIS D 414 0.00 10.42 52.03
N LEU D 415 -0.23 11.74 52.09
CA LEU D 415 -1.38 12.32 51.40
C LEU D 415 -1.23 12.20 49.88
N PHE D 416 -0.03 12.46 49.36
CA PHE D 416 0.17 12.45 47.92
C PHE D 416 -0.05 11.06 47.33
N LEU D 417 0.39 10.01 48.03
CA LEU D 417 0.27 8.66 47.52
C LEU D 417 -1.17 8.19 47.42
N GLU D 418 -2.12 8.90 48.02
CA GLU D 418 -3.52 8.55 47.84
C GLU D 418 -3.93 8.62 46.38
N HIS D 419 -3.23 9.43 45.58
CA HIS D 419 -3.55 9.62 44.18
C HIS D 419 -2.48 9.03 43.25
N VAL D 420 -1.49 8.33 43.80
CA VAL D 420 -0.47 7.65 43.02
C VAL D 420 -0.86 6.19 42.92
N ASP D 421 -0.95 5.68 41.69
CA ASP D 421 -1.47 4.35 41.44
C ASP D 421 -0.43 3.32 41.06
N GLY D 422 0.73 3.73 40.57
CA GLY D 422 1.71 2.75 40.11
C GLY D 422 2.96 3.42 39.58
N PHE D 423 3.84 2.60 39.01
CA PHE D 423 5.14 3.04 38.53
C PHE D 423 5.27 2.82 37.02
N ASP D 424 6.17 3.57 36.36
CA ASP D 424 6.42 3.48 34.92
C ASP D 424 7.93 3.51 34.70
N SER D 425 8.41 2.99 33.57
CA SER D 425 9.83 3.04 33.19
C SER D 425 9.88 3.62 31.76
N VAL D 426 10.54 4.75 31.59
CA VAL D 426 10.62 5.43 30.29
C VAL D 426 12.07 5.65 29.88
N ASP D 427 12.36 5.44 28.61
CA ASP D 427 13.67 5.71 28.02
C ASP D 427 13.56 5.37 26.53
N ASP D 428 14.56 5.79 25.77
CA ASP D 428 14.62 5.41 24.36
C ASP D 428 14.71 3.90 24.24
N GLU D 429 13.56 3.24 24.01
CA GLU D 429 13.54 1.79 23.91
C GLU D 429 14.27 1.28 22.68
N SER D 430 14.61 2.17 21.73
CA SER D 430 15.40 1.76 20.58
C SER D 430 16.88 1.55 20.94
N LYS D 431 17.31 2.05 22.10
CA LYS D 431 18.72 1.92 22.45
C LYS D 431 19.10 0.44 22.56
N PRO D 432 20.25 0.04 22.02
CA PRO D 432 20.65 -1.37 22.09
C PRO D 432 21.02 -1.78 23.51
N GLU D 433 20.88 -3.08 23.77
CA GLU D 433 21.26 -3.68 25.04
C GLU D 433 22.40 -4.66 24.82
N ASN D 434 23.49 -4.46 25.55
CA ASN D 434 24.63 -5.35 25.47
C ASN D 434 24.72 -6.32 26.65
N HIS D 435 23.88 -6.15 27.67
CA HIS D 435 23.89 -6.99 28.87
C HIS D 435 22.58 -7.77 29.01
N VAL D 436 22.66 -9.09 29.13
CA VAL D 436 21.49 -9.93 29.36
C VAL D 436 21.33 -10.10 30.88
N PHE D 437 20.16 -9.76 31.44
CA PHE D 437 19.87 -9.89 32.88
C PHE D 437 19.80 -11.38 33.24
N ASN D 438 20.77 -11.85 34.03
CA ASN D 438 20.87 -13.25 34.45
C ASN D 438 21.49 -13.26 35.85
N LEU D 439 21.67 -14.46 36.42
CA LEU D 439 22.28 -14.61 37.75
C LEU D 439 23.74 -14.17 37.74
N GLU D 440 24.39 -14.17 36.57
CA GLU D 440 25.78 -13.71 36.43
C GLU D 440 25.81 -12.18 36.42
N SER D 441 24.66 -11.54 36.24
CA SER D 441 24.58 -10.09 36.23
C SER D 441 24.88 -9.58 37.64
N PRO D 442 25.63 -8.49 37.78
CA PRO D 442 25.88 -7.90 39.08
C PRO D 442 24.58 -7.54 39.82
N LEU D 443 24.57 -7.75 41.14
CA LEU D 443 23.45 -7.34 41.97
C LEU D 443 23.49 -5.80 42.05
N PRO D 444 22.37 -5.14 42.34
CA PRO D 444 22.33 -3.65 42.32
C PRO D 444 23.39 -2.99 43.19
N GLU D 445 23.66 -3.55 44.37
CA GLU D 445 24.69 -2.98 45.24
C GLU D 445 26.08 -3.14 44.63
N ALA D 446 26.28 -4.18 43.83
CA ALA D 446 27.56 -4.41 43.17
C ALA D 446 27.68 -3.71 41.82
N TRP D 447 26.61 -3.08 41.33
CA TRP D 447 26.61 -2.45 40.00
C TRP D 447 27.16 -1.04 40.14
N VAL D 448 28.46 -0.90 39.94
CA VAL D 448 29.13 0.40 40.03
C VAL D 448 29.61 0.92 38.69
N GLU D 449 29.62 0.09 37.66
CA GLU D 449 30.02 0.54 36.34
C GLU D 449 29.03 1.58 35.82
N GLU D 450 29.52 2.46 34.95
CA GLU D 450 28.69 3.52 34.38
C GLU D 450 27.73 3.00 33.31
N ASP D 451 27.76 1.72 33.00
CA ASP D 451 26.85 1.16 32.01
C ASP D 451 25.43 1.09 32.59
N ASN D 452 24.45 1.39 31.74
CA ASN D 452 23.05 1.35 32.18
C ASN D 452 22.56 -0.10 32.21
N PRO D 453 21.87 -0.53 33.26
CA PRO D 453 21.34 -1.88 33.28
C PRO D 453 20.31 -2.07 32.18
N PRO D 454 20.13 -3.30 31.69
CA PRO D 454 19.15 -3.54 30.63
C PRO D 454 17.71 -3.32 31.09
N TYR D 455 16.77 -3.43 30.15
CA TYR D 455 15.36 -3.18 30.46
C TYR D 455 14.83 -4.16 31.51
N ALA D 456 15.15 -5.44 31.34
CA ALA D 456 14.68 -6.45 32.30
C ALA D 456 15.27 -6.23 33.69
N TYR D 457 16.51 -5.73 33.77
CA TYR D 457 17.10 -5.42 35.08
C TYR D 457 16.24 -4.37 35.79
N TYR D 458 15.91 -3.26 35.11
CA TYR D 458 15.09 -2.22 35.74
C TYR D 458 13.73 -2.79 36.17
N LEU D 459 13.07 -3.52 35.27
CA LEU D 459 11.70 -3.95 35.53
C LEU D 459 11.63 -4.92 36.70
N TYR D 460 12.56 -5.87 36.77
CA TYR D 460 12.51 -6.88 37.84
C TYR D 460 12.64 -6.23 39.21
N TYR D 461 13.60 -5.34 39.37
CA TYR D 461 13.84 -4.75 40.69
C TYR D 461 12.79 -3.71 41.05
N THR D 462 12.23 -3.02 40.04
CA THR D 462 11.04 -2.21 40.30
C THR D 462 9.88 -3.11 40.74
N PHE D 463 9.71 -4.25 40.06
CA PHE D 463 8.66 -5.18 40.42
C PHE D 463 8.87 -5.75 41.82
N ALA D 464 10.08 -6.21 42.11
CA ALA D 464 10.35 -6.88 43.38
C ALA D 464 10.07 -5.95 44.56
N ASN D 465 10.58 -4.71 44.49
CA ASN D 465 10.33 -3.77 45.57
C ASN D 465 8.87 -3.37 45.64
N MET D 466 8.21 -3.19 44.49
CA MET D 466 6.81 -2.82 44.49
C MET D 466 5.96 -3.90 45.15
N ALA D 467 6.24 -5.17 44.84
CA ALA D 467 5.43 -6.25 45.39
C ALA D 467 5.50 -6.26 46.93
N MET D 468 6.71 -6.11 47.49
CA MET D 468 6.84 -6.06 48.93
C MET D 468 6.13 -4.85 49.51
N LEU D 469 6.24 -3.70 48.83
CA LEU D 469 5.53 -2.50 49.27
C LEU D 469 4.02 -2.73 49.28
N ASN D 470 3.50 -3.38 48.24
CA ASN D 470 2.06 -3.63 48.18
C ASN D 470 1.60 -4.51 49.33
N HIS D 471 2.37 -5.56 49.65
CA HIS D 471 2.01 -6.43 50.75
C HIS D 471 1.95 -5.67 52.07
N LEU D 472 2.95 -4.82 52.33
CA LEU D 472 2.94 -4.03 53.55
C LEU D 472 1.79 -3.05 53.56
N ARG D 473 1.53 -2.38 52.43
CA ARG D 473 0.44 -1.42 52.36
C ARG D 473 -0.93 -2.10 52.52
N ARG D 474 -1.07 -3.31 51.99
CA ARG D 474 -2.32 -4.04 52.18
C ARG D 474 -2.58 -4.34 53.65
N GLN D 475 -1.53 -4.70 54.39
CA GLN D 475 -1.70 -4.99 55.81
C GLN D 475 -2.33 -3.81 56.54
N ARG D 476 -1.91 -2.58 56.22
CA ARG D 476 -2.46 -1.39 56.83
C ARG D 476 -3.72 -0.89 56.13
N GLY D 477 -4.15 -1.55 55.05
CA GLY D 477 -5.33 -1.13 54.34
C GLY D 477 -5.11 0.00 53.36
N PHE D 478 -3.87 0.34 53.05
CA PHE D 478 -3.58 1.42 52.13
C PHE D 478 -3.67 0.93 50.67
N HIS D 479 -3.77 1.89 49.76
CA HIS D 479 -3.86 1.57 48.35
C HIS D 479 -2.56 0.94 47.85
N THR D 480 -2.69 -0.10 47.03
CA THR D 480 -1.54 -0.78 46.45
C THR D 480 -1.22 -0.19 45.08
N PHE D 481 -0.07 -0.59 44.54
CA PHE D 481 0.45 -0.04 43.30
C PHE D 481 0.53 -1.11 42.23
N VAL D 482 0.66 -0.66 40.97
CA VAL D 482 0.79 -1.55 39.83
C VAL D 482 1.98 -1.07 39.00
N LEU D 483 2.50 -1.97 38.17
CA LEU D 483 3.65 -1.70 37.32
C LEU D 483 3.14 -1.57 35.86
N ARG D 484 3.17 -0.35 35.32
CA ARG D 484 2.64 -0.07 33.96
C ARG D 484 3.76 0.57 33.14
N PRO D 485 4.69 -0.23 32.61
CA PRO D 485 5.82 0.32 31.85
C PRO D 485 5.60 0.51 30.34
N HIS D 486 6.43 1.40 29.76
CA HIS D 486 6.51 1.59 28.31
C HIS D 486 7.19 0.32 27.77
N CYS D 487 6.56 -0.37 26.82
CA CYS D 487 7.10 -1.64 26.34
C CYS D 487 6.64 -1.89 24.91
N GLY D 488 7.54 -2.42 24.08
CA GLY D 488 7.21 -2.80 22.73
C GLY D 488 7.17 -1.67 21.72
N GLU D 489 7.48 -0.44 22.13
CA GLU D 489 7.53 0.66 21.18
C GLU D 489 8.63 0.43 20.15
N ALA D 490 9.79 -0.04 20.60
CA ALA D 490 10.93 -0.31 19.73
C ALA D 490 11.92 -1.15 20.51
N GLY D 491 12.98 -1.58 19.82
CA GLY D 491 14.04 -2.33 20.44
C GLY D 491 13.77 -3.81 20.48
N PRO D 492 14.45 -4.52 21.38
CA PRO D 492 14.33 -5.99 21.41
C PRO D 492 12.91 -6.45 21.68
N ILE D 493 12.56 -7.59 21.06
CA ILE D 493 11.24 -8.17 21.27
C ILE D 493 11.10 -8.66 22.71
N HIS D 494 12.17 -9.11 23.33
CA HIS D 494 12.07 -9.73 24.65
C HIS D 494 11.64 -8.74 25.73
N HIS D 495 11.63 -7.44 25.45
CA HIS D 495 11.05 -6.50 26.40
C HIS D 495 9.60 -6.87 26.70
N LEU D 496 8.86 -7.29 25.67
CA LEU D 496 7.47 -7.71 25.87
C LEU D 496 7.38 -8.98 26.70
N VAL D 497 8.43 -9.81 26.68
CA VAL D 497 8.47 -10.97 27.56
C VAL D 497 8.52 -10.53 29.01
N SER D 498 9.36 -9.52 29.31
CA SER D 498 9.51 -9.07 30.69
C SER D 498 8.21 -8.50 31.22
N ALA D 499 7.54 -7.65 30.43
CA ALA D 499 6.29 -7.03 30.89
C ALA D 499 5.19 -8.07 31.05
N PHE D 500 5.15 -9.05 30.16
CA PHE D 500 4.14 -10.11 30.28
C PHE D 500 4.22 -10.81 31.63
N MET D 501 5.43 -10.90 32.20
CA MET D 501 5.59 -11.56 33.49
C MET D 501 5.24 -10.64 34.65
N LEU D 502 5.58 -9.36 34.55
CA LEU D 502 5.59 -8.48 35.71
C LEU D 502 4.68 -7.26 35.62
N ALA D 503 4.16 -6.93 34.44
CA ALA D 503 3.44 -5.68 34.25
C ALA D 503 1.93 -5.90 34.27
N GLU D 504 1.22 -5.07 35.03
CA GLU D 504 -0.24 -5.06 34.98
C GLU D 504 -0.74 -4.76 33.57
N ASN D 505 -0.18 -3.73 32.95
CA ASN D 505 -0.44 -3.40 31.55
C ASN D 505 0.76 -2.62 31.03
N ILE D 506 0.77 -2.36 29.74
CA ILE D 506 1.89 -1.69 29.08
C ILE D 506 1.37 -0.49 28.28
N SER D 507 2.31 0.28 27.77
CA SER D 507 2.03 1.35 26.82
C SER D 507 2.76 1.05 25.51
N HIS D 508 2.27 1.63 24.42
CA HIS D 508 2.79 1.38 23.08
C HIS D 508 2.54 -0.08 22.69
N GLY D 509 3.54 -0.92 22.86
CA GLY D 509 3.41 -2.32 22.48
C GLY D 509 3.30 -2.56 21.00
N LEU D 510 4.06 -1.79 20.19
CA LEU D 510 4.00 -1.95 18.75
C LEU D 510 4.61 -3.27 18.29
N LEU D 511 5.65 -3.75 18.99
CA LEU D 511 6.39 -4.91 18.53
C LEU D 511 5.65 -6.22 18.73
N LEU D 512 4.48 -6.21 19.37
CA LEU D 512 3.68 -7.42 19.45
C LEU D 512 3.31 -7.94 18.07
N ARG D 513 3.27 -7.05 17.08
CA ARG D 513 2.98 -7.46 15.70
C ARG D 513 4.09 -8.33 15.11
N LYS D 514 5.29 -8.29 15.70
CA LYS D 514 6.42 -9.05 15.21
C LYS D 514 6.63 -10.35 15.98
N ALA D 515 5.78 -10.66 16.95
CA ALA D 515 5.90 -11.87 17.76
C ALA D 515 4.51 -12.45 17.96
N PRO D 516 4.07 -13.34 17.07
CA PRO D 516 2.69 -13.86 17.19
C PRO D 516 2.40 -14.49 18.54
N VAL D 517 3.35 -15.23 19.11
CA VAL D 517 3.10 -15.90 20.39
C VAL D 517 2.83 -14.88 21.48
N LEU D 518 3.63 -13.82 21.53
CA LEU D 518 3.41 -12.78 22.55
C LEU D 518 2.08 -12.08 22.34
N GLN D 519 1.76 -11.71 21.10
CA GLN D 519 0.46 -11.08 20.85
C GLN D 519 -0.68 -12.02 21.20
N TYR D 520 -0.53 -13.31 20.90
CA TYR D 520 -1.55 -14.29 21.27
C TYR D 520 -1.68 -14.37 22.80
N LEU D 521 -0.56 -14.38 23.52
CA LEU D 521 -0.61 -14.43 24.97
C LEU D 521 -1.24 -13.17 25.54
N TYR D 522 -0.89 -12.00 25.00
CA TYR D 522 -1.46 -10.75 25.52
C TYR D 522 -2.97 -10.74 25.34
N TYR D 523 -3.47 -11.32 24.24
CA TYR D 523 -4.91 -11.43 24.05
C TYR D 523 -5.53 -12.37 25.08
N LEU D 524 -4.94 -13.55 25.25
CA LEU D 524 -5.50 -14.52 26.20
C LEU D 524 -5.46 -13.99 27.63
N ALA D 525 -4.38 -13.32 28.00
CA ALA D 525 -4.28 -12.71 29.32
C ALA D 525 -4.99 -11.37 29.42
N GLN D 526 -5.50 -10.84 28.31
CA GLN D 526 -6.23 -9.57 28.30
C GLN D 526 -5.39 -8.46 28.93
N ILE D 527 -4.10 -8.44 28.60
CA ILE D 527 -3.21 -7.42 29.12
C ILE D 527 -3.50 -6.10 28.43
N GLY D 528 -3.82 -5.08 29.21
CA GLY D 528 -4.13 -3.78 28.62
C GLY D 528 -2.93 -3.23 27.87
N ILE D 529 -3.22 -2.54 26.76
CA ILE D 529 -2.20 -1.88 25.95
C ILE D 529 -2.66 -0.45 25.70
N ALA D 530 -1.88 0.51 26.14
CA ALA D 530 -2.15 1.92 25.92
C ALA D 530 -1.33 2.36 24.70
N MET D 531 -2.04 2.66 23.60
CA MET D 531 -1.40 2.97 22.32
C MET D 531 -1.58 4.44 21.98
N SER D 532 -0.52 5.03 21.44
CA SER D 532 -0.45 6.44 21.08
C SER D 532 -0.06 6.56 19.60
N PRO D 533 -1.02 6.30 18.68
CA PRO D 533 -0.72 6.29 17.23
C PRO D 533 -0.09 7.56 16.62
N LEU D 534 -0.49 8.73 17.13
CA LEU D 534 0.10 10.00 16.66
C LEU D 534 1.58 10.08 17.06
N SER D 535 1.92 9.74 18.30
CA SER D 535 3.30 9.71 18.81
C SER D 535 4.12 8.75 17.93
N ASN D 536 3.55 7.59 17.64
CA ASN D 536 4.24 6.55 16.84
C ASN D 536 4.48 7.11 15.43
N ASN D 537 3.51 7.86 14.90
CA ASN D 537 3.59 8.38 13.52
C ASN D 537 4.82 9.32 13.38
N SER D 538 5.12 10.08 14.41
CA SER D 538 6.21 11.08 14.36
C SER D 538 7.54 10.52 14.90
N LEU D 539 7.56 9.30 15.45
CA LEU D 539 8.76 8.77 16.12
C LEU D 539 9.23 7.42 15.58
N PHE D 540 8.33 6.47 15.32
CA PHE D 540 8.78 5.13 14.94
C PHE D 540 7.98 4.52 13.79
N LEU D 541 6.66 4.43 13.92
CA LEU D 541 5.84 3.70 12.97
C LEU D 541 4.71 4.59 12.46
N SER D 542 4.50 4.58 11.15
CA SER D 542 3.48 5.41 10.50
C SER D 542 2.09 4.90 10.85
N TYR D 543 1.10 5.77 10.66
CA TYR D 543 -0.30 5.45 10.97
C TYR D 543 -0.77 4.22 10.18
N HIS D 544 -0.45 4.12 8.90
CA HIS D 544 -0.96 3.02 8.08
C HIS D 544 -0.28 1.70 8.39
N ARG D 545 0.89 1.72 9.02
CA ARG D 545 1.56 0.51 9.47
C ARG D 545 1.27 0.18 10.93
N ASN D 546 0.59 1.06 11.65
CA ASN D 546 0.36 0.84 13.08
C ASN D 546 -0.54 -0.37 13.28
N PRO D 547 -0.19 -1.29 14.19
CA PRO D 547 -1.00 -2.51 14.38
C PRO D 547 -2.25 -2.33 15.23
N LEU D 548 -2.57 -1.10 15.65
CA LEU D 548 -3.73 -0.90 16.52
C LEU D 548 -5.02 -1.48 15.95
N PRO D 549 -5.39 -1.25 14.68
CA PRO D 549 -6.63 -1.86 14.18
C PRO D 549 -6.62 -3.38 14.26
N GLU D 550 -5.48 -4.02 14.03
CA GLU D 550 -5.40 -5.47 14.16
C GLU D 550 -5.59 -5.89 15.62
N TYR D 551 -4.98 -5.16 16.55
CA TYR D 551 -5.16 -5.50 17.98
C TYR D 551 -6.62 -5.38 18.39
N LEU D 552 -7.25 -4.26 18.02
CA LEU D 552 -8.64 -4.03 18.43
C LEU D 552 -9.58 -5.07 17.80
N SER D 553 -9.37 -5.38 16.52
CA SER D 553 -10.24 -6.35 15.86
C SER D 553 -10.11 -7.72 16.50
N ARG D 554 -8.89 -8.12 16.83
CA ARG D 554 -8.63 -9.45 17.37
C ARG D 554 -9.04 -9.60 18.82
N GLY D 555 -9.39 -8.51 19.51
CA GLY D 555 -9.90 -8.58 20.85
C GLY D 555 -8.93 -8.21 21.96
N LEU D 556 -7.73 -7.74 21.62
CA LEU D 556 -6.81 -7.28 22.64
C LEU D 556 -7.35 -6.03 23.31
N MET D 557 -7.14 -5.93 24.63
CA MET D 557 -7.60 -4.76 25.37
C MET D 557 -6.74 -3.56 25.04
N VAL D 558 -7.15 -2.76 24.08
CA VAL D 558 -6.40 -1.60 23.63
C VAL D 558 -7.18 -0.34 23.98
N SER D 559 -6.43 0.73 24.27
CA SER D 559 -7.00 2.03 24.53
C SER D 559 -6.14 3.09 23.83
N LEU D 560 -6.73 4.23 23.57
CA LEU D 560 -6.04 5.33 22.92
C LEU D 560 -5.48 6.29 23.94
N SER D 561 -4.33 6.88 23.63
CA SER D 561 -3.63 7.78 24.55
C SER D 561 -2.91 8.85 23.71
N THR D 562 -2.60 9.99 24.31
CA THR D 562 -1.93 11.10 23.61
C THR D 562 -0.41 11.06 23.78
N ASP D 563 0.10 10.44 24.84
CA ASP D 563 1.53 10.37 25.13
C ASP D 563 2.08 11.75 25.50
N ASP D 564 2.44 12.56 24.51
CA ASP D 564 3.01 13.89 24.72
C ASP D 564 2.27 14.89 23.85
N PRO D 565 1.14 15.42 24.35
CA PRO D 565 0.40 16.41 23.55
C PRO D 565 1.22 17.63 23.17
N LEU D 566 2.21 18.00 23.98
CA LEU D 566 3.01 19.18 23.68
C LEU D 566 3.76 19.00 22.36
N GLN D 567 4.30 17.81 22.11
CA GLN D 567 5.14 17.55 20.97
C GLN D 567 4.38 17.07 19.72
N PHE D 568 3.08 16.73 19.83
CA PHE D 568 2.37 16.08 18.71
C PHE D 568 1.04 16.71 18.28
N HIS D 569 0.17 17.09 19.22
CA HIS D 569 -1.21 17.55 18.92
C HIS D 569 -1.26 19.04 18.54
N PHE D 570 -2.32 19.42 17.84
CA PHE D 570 -2.47 20.80 17.34
C PHE D 570 -3.74 21.45 17.89
N THR D 571 -4.73 20.68 18.32
CA THR D 571 -6.00 21.23 18.82
C THR D 571 -5.96 21.37 20.35
N LYS D 572 -6.98 22.04 20.89
CA LYS D 572 -7.09 22.26 22.33
C LYS D 572 -7.62 21.06 23.09
N GLU D 573 -8.04 20.01 22.40
CA GLU D 573 -8.55 18.78 23.02
C GLU D 573 -7.77 17.61 22.42
N PRO D 574 -6.53 17.40 22.88
CA PRO D 574 -5.67 16.39 22.23
C PRO D 574 -6.28 15.00 22.20
N LEU D 575 -6.95 14.58 23.26
CA LEU D 575 -7.52 13.23 23.29
C LEU D 575 -8.60 13.07 22.23
N MET D 576 -9.47 14.09 22.09
CA MET D 576 -10.47 14.08 21.02
C MET D 576 -9.79 14.06 19.65
N GLU D 577 -8.71 14.81 19.49
CA GLU D 577 -7.94 14.82 18.23
C GLU D 577 -7.40 13.41 17.96
N GLU D 578 -6.89 12.75 19.00
CA GLU D 578 -6.34 11.39 18.85
C GLU D 578 -7.46 10.44 18.38
N TYR D 579 -8.62 10.49 19.03
CA TYR D 579 -9.72 9.61 18.66
C TYR D 579 -10.17 9.89 17.22
N SER D 580 -10.23 11.17 16.84
CA SER D 580 -10.65 11.57 15.50
C SER D 580 -9.76 10.90 14.45
N ILE D 581 -8.45 11.17 14.51
CA ILE D 581 -7.50 10.66 13.48
C ILE D 581 -7.66 9.14 13.32
N ALA D 582 -7.71 8.41 14.43
CA ALA D 582 -7.82 6.94 14.43
C ALA D 582 -9.14 6.50 13.80
N THR D 583 -10.22 7.20 14.11
CA THR D 583 -11.56 6.88 13.59
C THR D 583 -11.58 7.13 12.08
N GLN D 584 -10.91 8.18 11.60
CA GLN D 584 -10.92 8.53 10.17
C GLN D 584 -10.01 7.58 9.37
N VAL D 585 -8.76 7.39 9.83
CA VAL D 585 -7.77 6.57 9.09
C VAL D 585 -8.21 5.11 9.02
N TRP D 586 -8.80 4.59 10.08
CA TRP D 586 -9.17 3.17 10.14
C TRP D 586 -10.68 3.00 10.05
N LYS D 587 -11.40 4.08 9.77
CA LYS D 587 -12.86 4.08 9.61
C LYS D 587 -13.51 3.28 10.73
N LEU D 588 -13.19 3.68 11.97
CA LEU D 588 -13.79 3.05 13.13
C LEU D 588 -15.25 3.47 13.29
N SER D 589 -16.08 2.52 13.67
CA SER D 589 -17.49 2.80 13.91
C SER D 589 -17.69 3.41 15.29
N SER D 590 -18.92 3.88 15.53
CA SER D 590 -19.26 4.40 16.85
C SER D 590 -19.06 3.32 17.92
N CYS D 591 -19.42 2.08 17.60
CA CYS D 591 -19.21 0.99 18.55
C CYS D 591 -17.74 0.80 18.87
N ASP D 592 -16.88 0.88 17.85
CA ASP D 592 -15.44 0.75 18.07
C ASP D 592 -14.91 1.88 18.94
N MET D 593 -15.36 3.11 18.68
CA MET D 593 -14.90 4.25 19.47
C MET D 593 -15.29 4.08 20.93
N CYS D 594 -16.53 3.69 21.19
CA CYS D 594 -16.99 3.52 22.56
C CYS D 594 -16.31 2.33 23.24
N GLU D 595 -16.02 1.27 22.47
CA GLU D 595 -15.33 0.12 23.04
C GLU D 595 -13.92 0.51 23.51
N LEU D 596 -13.23 1.35 22.74
CA LEU D 596 -11.94 1.85 23.16
C LEU D 596 -12.05 2.69 24.43
N ALA D 597 -13.07 3.55 24.49
CA ALA D 597 -13.27 4.36 25.69
C ALA D 597 -13.55 3.47 26.91
N ARG D 598 -14.34 2.42 26.73
CA ARG D 598 -14.61 1.49 27.82
C ARG D 598 -13.32 0.80 28.26
N ASN D 599 -12.48 0.41 27.31
CA ASN D 599 -11.20 -0.22 27.67
C ASN D 599 -10.32 0.74 28.45
N SER D 600 -10.31 2.02 28.06
CA SER D 600 -9.47 2.99 28.75
C SER D 600 -9.84 3.09 30.23
N VAL D 601 -11.14 3.12 30.52
CA VAL D 601 -11.56 3.16 31.92
C VAL D 601 -11.13 1.90 32.65
N LEU D 602 -11.32 0.74 32.01
CA LEU D 602 -10.96 -0.52 32.66
C LEU D 602 -9.47 -0.61 32.93
N MET D 603 -8.65 -0.12 32.02
CA MET D 603 -7.20 -0.10 32.22
C MET D 603 -6.76 0.94 33.25
N SER D 604 -7.63 1.87 33.63
CA SER D 604 -7.22 2.99 34.46
C SER D 604 -7.04 2.56 35.92
N GLY D 605 -6.41 3.44 36.68
CA GLY D 605 -6.22 3.26 38.10
C GLY D 605 -7.30 3.89 38.96
N PHE D 606 -8.40 4.36 38.36
CA PHE D 606 -9.46 4.99 39.14
C PHE D 606 -10.10 3.98 40.08
N SER D 607 -10.61 4.49 41.20
CA SER D 607 -11.09 3.64 42.28
C SER D 607 -12.29 2.81 41.82
N HIS D 608 -12.60 1.79 42.61
CA HIS D 608 -13.78 0.96 42.34
C HIS D 608 -15.05 1.78 42.45
N LYS D 609 -15.15 2.64 43.47
CA LYS D 609 -16.33 3.47 43.62
C LYS D 609 -16.49 4.41 42.43
N VAL D 610 -15.39 5.00 41.96
CA VAL D 610 -15.45 5.89 40.81
C VAL D 610 -15.94 5.14 39.58
N LYS D 611 -15.40 3.95 39.35
CA LYS D 611 -15.80 3.16 38.19
C LYS D 611 -17.23 2.66 38.32
N SER D 612 -17.71 2.49 39.56
CA SER D 612 -19.10 2.06 39.75
C SER D 612 -20.06 3.08 39.16
N HIS D 613 -19.83 4.36 39.43
CA HIS D 613 -20.65 5.40 38.82
C HIS D 613 -20.42 5.47 37.32
N TRP D 614 -19.17 5.37 36.89
CA TRP D 614 -18.85 5.52 35.47
C TRP D 614 -19.46 4.38 34.64
N LEU D 615 -19.19 3.13 35.02
CA LEU D 615 -19.56 1.97 34.23
C LEU D 615 -20.74 1.21 34.81
N GLY D 616 -21.24 1.60 35.98
CA GLY D 616 -22.33 0.89 36.62
C GLY D 616 -21.84 0.07 37.80
N PRO D 617 -22.76 -0.24 38.72
CA PRO D 617 -22.35 -1.00 39.93
C PRO D 617 -21.78 -2.37 39.62
N ASN D 618 -22.22 -3.00 38.52
CA ASN D 618 -21.82 -4.36 38.18
C ASN D 618 -20.70 -4.40 37.13
N TYR D 619 -19.90 -3.34 37.03
CA TYR D 619 -18.85 -3.32 36.03
C TYR D 619 -17.78 -4.38 36.28
N THR D 620 -17.68 -4.90 37.51
CA THR D 620 -16.69 -5.92 37.81
C THR D 620 -17.03 -7.26 37.19
N LYS D 621 -18.30 -7.47 36.81
CA LYS D 621 -18.69 -8.74 36.20
C LYS D 621 -18.01 -8.90 34.84
N GLU D 622 -17.74 -10.16 34.49
CA GLU D 622 -17.14 -10.49 33.21
C GLU D 622 -18.22 -10.65 32.14
N GLY D 623 -17.87 -10.29 30.91
CA GLY D 623 -18.75 -10.46 29.78
C GLY D 623 -19.87 -9.45 29.76
N PRO D 624 -20.95 -9.77 29.03
CA PRO D 624 -22.06 -8.80 28.91
C PRO D 624 -22.66 -8.38 30.22
N GLU D 625 -22.69 -9.27 31.23
CA GLU D 625 -23.30 -8.91 32.51
C GLU D 625 -22.68 -7.66 33.10
N GLY D 626 -21.40 -7.41 32.82
CA GLY D 626 -20.71 -6.25 33.33
C GLY D 626 -20.82 -5.00 32.49
N ASN D 627 -21.59 -5.05 31.40
CA ASN D 627 -21.74 -3.90 30.51
C ASN D 627 -23.15 -3.34 30.60
N ASP D 628 -23.24 -2.02 30.65
CA ASP D 628 -24.50 -1.31 30.63
C ASP D 628 -24.40 -0.23 29.56
N ILE D 629 -25.19 -0.39 28.48
CA ILE D 629 -25.15 0.59 27.39
C ILE D 629 -25.56 1.97 27.90
N ARG D 630 -26.40 2.03 28.92
CA ARG D 630 -26.86 3.30 29.46
C ARG D 630 -25.73 4.12 30.06
N ARG D 631 -24.58 3.49 30.35
CA ARG D 631 -23.40 4.19 30.83
C ARG D 631 -22.22 4.10 29.90
N THR D 632 -22.15 3.06 29.05
CA THR D 632 -21.01 2.83 28.18
C THR D 632 -21.27 3.19 26.72
N ASN D 633 -22.52 3.08 26.25
CA ASN D 633 -22.88 3.20 24.85
C ASN D 633 -22.32 2.06 24.02
N VAL D 634 -21.85 0.99 24.66
CA VAL D 634 -21.29 -0.17 23.98
C VAL D 634 -22.37 -1.25 23.95
N PRO D 635 -22.86 -1.65 22.77
CA PRO D 635 -23.92 -2.69 22.75
C PRO D 635 -23.44 -3.99 23.36
N ASP D 636 -24.36 -4.67 24.04
CA ASP D 636 -24.04 -5.98 24.59
C ASP D 636 -23.69 -6.98 23.48
N ILE D 637 -24.09 -6.71 22.25
CA ILE D 637 -23.70 -7.55 21.13
C ILE D 637 -22.18 -7.57 20.99
N ARG D 638 -21.55 -6.39 21.08
CA ARG D 638 -20.10 -6.32 20.96
C ARG D 638 -19.42 -7.02 22.12
N VAL D 639 -19.83 -6.70 23.35
CA VAL D 639 -19.22 -7.34 24.52
C VAL D 639 -19.45 -8.84 24.48
N GLY D 640 -20.66 -9.25 24.10
CA GLY D 640 -20.94 -10.68 24.02
C GLY D 640 -20.04 -11.40 23.05
N TYR D 641 -19.82 -10.79 21.87
CA TYR D 641 -18.93 -11.40 20.89
C TYR D 641 -17.52 -11.55 21.43
N ARG D 642 -17.01 -10.50 22.08
CA ARG D 642 -15.66 -10.56 22.64
C ARG D 642 -15.56 -11.65 23.70
N TYR D 643 -16.53 -11.69 24.62
CA TYR D 643 -16.47 -12.64 25.73
C TYR D 643 -16.53 -14.06 25.22
N GLU D 644 -17.46 -14.35 24.29
CA GLU D 644 -17.55 -15.69 23.74
C GLU D 644 -16.28 -16.09 23.01
N THR D 645 -15.73 -15.18 22.20
CA THR D 645 -14.52 -15.49 21.46
C THR D 645 -13.36 -15.79 22.40
N LEU D 646 -13.21 -14.99 23.45
CA LEU D 646 -12.14 -15.23 24.41
C LEU D 646 -12.32 -16.57 25.11
N CYS D 647 -13.55 -16.87 25.54
CA CYS D 647 -13.81 -18.15 26.21
C CYS D 647 -13.57 -19.32 25.25
N GLN D 648 -14.00 -19.18 23.99
CA GLN D 648 -13.80 -20.25 23.03
C GLN D 648 -12.31 -20.50 22.80
N GLU D 649 -11.53 -19.43 22.66
CA GLU D 649 -10.09 -19.59 22.46
C GLU D 649 -9.44 -20.26 23.67
N LEU D 650 -9.82 -19.82 24.89
CA LEU D 650 -9.30 -20.46 26.09
C LEU D 650 -9.75 -21.92 26.17
N ALA D 651 -10.99 -22.19 25.79
CA ALA D 651 -11.47 -23.57 25.78
C ALA D 651 -10.66 -24.43 24.82
N LEU D 652 -10.34 -23.90 23.64
CA LEU D 652 -9.54 -24.64 22.68
C LEU D 652 -8.19 -25.02 23.27
N ILE D 653 -7.52 -24.08 23.93
CA ILE D 653 -6.22 -24.35 24.53
C ILE D 653 -6.38 -25.28 25.73
N THR D 654 -7.37 -25.03 26.57
CA THR D 654 -7.53 -25.82 27.78
C THR D 654 -7.83 -27.28 27.45
N GLN D 655 -8.71 -27.52 26.47
CA GLN D 655 -9.05 -28.90 26.11
C GLN D 655 -7.84 -29.64 25.56
N ALA D 656 -7.00 -28.95 24.79
CA ALA D 656 -5.83 -29.61 24.23
C ALA D 656 -4.91 -30.13 25.33
N VAL D 657 -4.68 -29.31 26.37
CA VAL D 657 -3.84 -29.76 27.48
C VAL D 657 -4.50 -30.94 28.20
N GLN D 658 -5.80 -30.84 28.44
CA GLN D 658 -6.49 -31.93 29.13
C GLN D 658 -6.42 -33.22 28.33
N SER D 659 -6.52 -33.12 27.00
CA SER D 659 -6.53 -34.32 26.17
C SER D 659 -5.22 -35.10 26.31
N GLU D 660 -4.08 -34.41 26.27
CA GLU D 660 -2.81 -35.10 26.38
C GLU D 660 -2.66 -35.78 27.74
N MET D 661 -2.87 -35.02 28.82
CA MET D 661 -2.75 -35.61 30.15
C MET D 661 -3.67 -36.82 30.30
N LEU D 662 -4.82 -36.80 29.65
CA LEU D 662 -5.70 -37.97 29.64
C LEU D 662 -5.04 -39.14 28.93
N GLU D 663 -4.40 -38.89 27.79
CA GLU D 663 -3.79 -39.95 27.01
C GLU D 663 -2.43 -40.38 27.54
N THR D 664 -1.80 -39.57 28.40
CA THR D 664 -0.53 -39.97 29.01
C THR D 664 -0.74 -40.89 30.20
N ILE D 665 -1.95 -40.99 30.74
CA ILE D 665 -2.19 -41.89 31.86
C ILE D 665 -1.89 -43.34 31.49
N PRO D 666 -2.39 -43.88 30.38
CA PRO D 666 -1.97 -45.24 29.99
C PRO D 666 -0.48 -45.36 29.75
N GLU D 667 0.17 -44.30 29.25
CA GLU D 667 1.58 -44.38 28.91
C GLU D 667 2.46 -44.67 30.12
N GLU D 668 1.99 -44.34 31.32
CA GLU D 668 2.76 -44.60 32.53
C GLU D 668 1.86 -45.16 33.62
#